data_8P26
#
_entry.id   8P26
#
_cell.length_a   107.030
_cell.length_b   152.419
_cell.length_c   187.087
_cell.angle_alpha   90.000
_cell.angle_beta   90.000
_cell.angle_gamma   90.000
#
_symmetry.space_group_name_H-M   'P 21 2 21'
#
loop_
_entity.id
_entity.type
_entity.pdbx_description
1 polymer 'U2 small nuclear ribonucleoprotein auxiliary factor-like protein'
2 water water
#
_entity_poly.entity_id   1
_entity_poly.type   'polypeptide(L)'
_entity_poly.pdbx_seq_one_letter_code
;GSMASFEKFEPIFGEVVPERSDPGSGLLRRCLFHVYASDSYNLTVHVTDFISGVWTTILSVSQLDDMRDTVGIGGSWSEF
VDYTVASLKSDNVKLLLGETSVSNGVKTARLVSQKAKGMPRINVPLTKMVESSASEAMANLSLELFRAFKSKQHLQGEVS
FSAAATDEKDKRDATYNQLERYSRKLDVMAPSTNNRQDSPANQSAREANTKNPVKRVPAHRRTRKRGALLQDSEEEDG
;
_entity_poly.pdbx_strand_id   A,B,C,D,E,F,G,H,I,J
#
# COMPACT_ATOMS: atom_id res chain seq x y z
N MET A 3 -10.86 -5.08 3.23
CA MET A 3 -11.68 -5.38 2.04
C MET A 3 -10.77 -5.49 0.81
N ALA A 4 -9.47 -5.64 1.03
CA ALA A 4 -8.51 -5.79 -0.09
C ALA A 4 -7.62 -6.99 0.17
N SER A 5 -8.19 -8.09 0.68
CA SER A 5 -7.40 -9.29 1.00
C SER A 5 -8.12 -10.54 0.47
N PHE A 6 -7.36 -11.56 0.06
CA PHE A 6 -7.97 -12.80 -0.49
C PHE A 6 -8.34 -13.73 0.67
N GLU A 7 -8.58 -13.18 1.86
CA GLU A 7 -8.86 -14.04 3.01
C GLU A 7 -10.04 -14.97 2.75
N LYS A 8 -11.06 -14.49 2.05
CA LYS A 8 -12.26 -15.29 1.80
C LYS A 8 -12.43 -15.61 0.32
N PHE A 9 -11.39 -16.13 -0.30
CA PHE A 9 -11.40 -16.43 -1.73
C PHE A 9 -11.52 -17.93 -1.95
N GLU A 10 -12.60 -18.35 -2.61
CA GLU A 10 -12.81 -19.76 -2.93
C GLU A 10 -11.92 -20.17 -4.10
N PRO A 11 -11.45 -21.41 -4.12
CA PRO A 11 -10.54 -21.85 -5.19
C PRO A 11 -11.23 -21.87 -6.54
N ILE A 12 -10.41 -21.77 -7.59
CA ILE A 12 -10.87 -21.74 -8.97
C ILE A 12 -10.16 -22.84 -9.75
N PHE A 13 -10.93 -23.63 -10.49
CA PHE A 13 -10.41 -24.66 -11.38
C PHE A 13 -10.91 -24.41 -12.79
N GLY A 14 -10.10 -24.75 -13.78
CA GLY A 14 -10.53 -24.54 -15.15
C GLY A 14 -9.65 -25.27 -16.14
N GLU A 15 -10.10 -25.26 -17.39
CA GLU A 15 -9.42 -25.91 -18.51
C GLU A 15 -8.94 -24.86 -19.50
N VAL A 16 -7.76 -25.11 -20.08
CA VAL A 16 -7.19 -24.20 -21.07
C VAL A 16 -6.57 -25.02 -22.19
N VAL A 17 -6.60 -24.46 -23.40
CA VAL A 17 -5.99 -25.10 -24.57
C VAL A 17 -4.74 -24.30 -24.93
N PRO A 18 -3.56 -24.92 -24.99
CA PRO A 18 -2.36 -24.20 -25.38
C PRO A 18 -2.41 -23.79 -26.83
N GLU A 19 -1.97 -22.57 -27.11
CA GLU A 19 -2.03 -21.98 -28.45
C GLU A 19 -0.67 -21.37 -28.79
N ARG A 20 0.35 -22.21 -28.91
CA ARG A 20 1.67 -21.76 -29.30
C ARG A 20 1.74 -21.59 -30.82
N SER A 21 2.67 -20.75 -31.26
CA SER A 21 2.93 -20.52 -32.68
C SER A 21 4.43 -20.70 -32.90
N ASP A 22 4.83 -21.93 -33.20
CA ASP A 22 6.23 -22.27 -33.39
C ASP A 22 6.83 -21.53 -34.59
N LEU A 27 3.48 -31.29 -29.31
CA LEU A 27 2.22 -31.85 -28.82
C LEU A 27 1.59 -30.93 -27.79
N LEU A 28 0.45 -30.33 -28.15
CA LEU A 28 -0.29 -29.46 -27.25
C LEU A 28 -1.52 -30.23 -26.77
N ARG A 29 -1.45 -30.74 -25.55
CA ARG A 29 -2.52 -31.49 -24.95
C ARG A 29 -3.43 -30.55 -24.18
N ARG A 30 -4.38 -31.11 -23.44
CA ARG A 30 -5.35 -30.30 -22.70
C ARG A 30 -4.83 -30.05 -21.30
N CYS A 31 -5.05 -28.83 -20.80
CA CYS A 31 -4.46 -28.37 -19.56
C CYS A 31 -5.54 -27.96 -18.58
N LEU A 32 -5.25 -28.15 -17.30
CA LEU A 32 -6.08 -27.66 -16.21
C LEU A 32 -5.31 -26.61 -15.42
N PHE A 33 -6.02 -25.62 -14.89
CA PHE A 33 -5.37 -24.63 -14.04
C PHE A 33 -6.05 -24.58 -12.66
N HIS A 34 -5.34 -23.99 -11.71
CA HIS A 34 -5.80 -23.90 -10.32
C HIS A 34 -5.43 -22.54 -9.77
N VAL A 35 -6.43 -21.79 -9.32
CA VAL A 35 -6.23 -20.50 -8.68
C VAL A 35 -6.72 -20.61 -7.24
N TYR A 36 -5.89 -20.17 -6.30
CA TYR A 36 -6.21 -20.30 -4.88
C TYR A 36 -5.30 -19.38 -4.08
N ALA A 37 -5.72 -19.10 -2.85
CA ALA A 37 -4.99 -18.19 -1.98
C ALA A 37 -4.00 -18.99 -1.14
N SER A 38 -2.70 -18.72 -1.32
CA SER A 38 -1.69 -19.34 -0.48
C SER A 38 -1.66 -18.70 0.90
N ASP A 39 -1.58 -17.38 0.95
CA ASP A 39 -1.77 -16.62 2.19
C ASP A 39 -2.78 -15.52 1.90
N SER A 40 -3.18 -14.80 2.96
CA SER A 40 -4.23 -13.80 2.83
C SER A 40 -3.89 -12.66 1.88
N TYR A 41 -2.66 -12.59 1.36
CA TYR A 41 -2.27 -11.52 0.46
C TYR A 41 -1.75 -11.99 -0.90
N ASN A 42 -1.52 -13.28 -1.11
CA ASN A 42 -0.99 -13.76 -2.37
C ASN A 42 -1.94 -14.76 -3.01
N LEU A 43 -1.88 -14.82 -4.35
CA LEU A 43 -2.70 -15.73 -5.12
C LEU A 43 -1.77 -16.57 -6.00
N THR A 44 -1.80 -17.88 -5.82
CA THR A 44 -0.91 -18.80 -6.53
C THR A 44 -1.68 -19.45 -7.68
N VAL A 45 -1.07 -19.45 -8.85
CA VAL A 45 -1.67 -20.01 -10.06
C VAL A 45 -0.83 -21.19 -10.52
N HIS A 46 -1.49 -22.28 -10.90
CA HIS A 46 -0.84 -23.47 -11.45
C HIS A 46 -1.60 -23.91 -12.69
N VAL A 47 -0.90 -24.11 -13.79
CA VAL A 47 -1.48 -24.64 -15.03
C VAL A 47 -0.68 -25.86 -15.46
N THR A 48 -1.37 -26.95 -15.77
CA THR A 48 -0.66 -28.19 -16.12
C THR A 48 -1.54 -29.10 -16.95
N ASP A 49 -0.88 -29.86 -17.83
CA ASP A 49 -1.48 -31.00 -18.52
C ASP A 49 -1.13 -32.32 -17.85
N PHE A 50 -0.44 -32.27 -16.72
CA PHE A 50 -0.02 -33.40 -15.89
C PHE A 50 1.07 -34.23 -16.53
N ILE A 51 1.61 -33.83 -17.67
CA ILE A 51 2.73 -34.51 -18.31
C ILE A 51 3.90 -33.56 -18.55
N SER A 52 3.62 -32.39 -19.12
CA SER A 52 4.66 -31.43 -19.51
C SER A 52 4.97 -30.43 -18.40
N GLY A 53 5.16 -30.90 -17.17
CA GLY A 53 5.48 -29.98 -16.09
C GLY A 53 4.28 -29.17 -15.61
N VAL A 54 4.59 -28.14 -14.83
CA VAL A 54 3.61 -27.26 -14.23
C VAL A 54 4.06 -25.81 -14.39
N TRP A 55 3.15 -24.94 -14.83
CA TRP A 55 3.42 -23.51 -14.92
C TRP A 55 2.87 -22.82 -13.68
N THR A 56 3.70 -21.99 -13.03
CA THR A 56 3.30 -21.41 -11.75
C THR A 56 3.67 -19.94 -11.69
N THR A 57 2.93 -19.21 -10.86
CA THR A 57 3.29 -17.87 -10.42
C THR A 57 2.51 -17.56 -9.15
N ILE A 58 2.88 -16.47 -8.50
CA ILE A 58 2.18 -16.00 -7.31
C ILE A 58 1.83 -14.53 -7.53
N LEU A 59 0.55 -14.20 -7.36
CA LEU A 59 0.05 -12.84 -7.61
C LEU A 59 -0.44 -12.26 -6.28
N SER A 60 0.27 -11.27 -5.76
CA SER A 60 -0.14 -10.55 -4.56
C SER A 60 -1.07 -9.38 -4.91
N VAL A 61 -1.72 -8.85 -3.86
CA VAL A 61 -2.64 -7.73 -4.02
C VAL A 61 -1.97 -6.54 -4.70
N SER A 62 -0.68 -6.34 -4.49
CA SER A 62 0.00 -5.21 -5.12
C SER A 62 0.08 -5.38 -6.63
N GLN A 63 0.71 -6.48 -7.08
CA GLN A 63 0.83 -6.72 -8.52
C GLN A 63 -0.54 -6.90 -9.16
N LEU A 64 -1.52 -7.44 -8.43
CA LEU A 64 -2.88 -7.52 -8.94
C LEU A 64 -3.44 -6.13 -9.23
N ASP A 65 -3.11 -5.15 -8.39
CA ASP A 65 -3.58 -3.79 -8.59
C ASP A 65 -2.83 -3.10 -9.73
N ASP A 66 -1.53 -3.35 -9.85
CA ASP A 66 -0.76 -2.76 -10.94
C ASP A 66 -1.32 -3.18 -12.29
N MET A 67 -1.82 -4.41 -12.39
CA MET A 67 -2.47 -4.85 -13.62
C MET A 67 -3.78 -4.11 -13.87
N ARG A 68 -4.51 -3.81 -12.79
CA ARG A 68 -5.79 -3.11 -12.93
C ARG A 68 -5.62 -1.73 -13.58
N ASP A 69 -4.55 -1.01 -13.24
CA ASP A 69 -4.36 0.32 -13.81
C ASP A 69 -3.93 0.24 -15.28
N THR A 70 -3.05 -0.71 -15.62
CA THR A 70 -2.53 -0.82 -16.97
C THR A 70 -3.52 -1.41 -17.97
N VAL A 71 -4.52 -2.16 -17.51
CA VAL A 71 -5.48 -2.80 -18.41
C VAL A 71 -6.80 -2.01 -18.51
N GLY A 72 -6.82 -0.75 -18.08
CA GLY A 72 -7.99 0.06 -18.33
C GLY A 72 -9.17 -0.07 -17.39
N ILE A 73 -9.34 -1.20 -16.73
CA ILE A 73 -10.53 -1.41 -15.91
C ILE A 73 -10.36 -0.64 -14.61
N GLY A 74 -11.22 0.36 -14.39
CA GLY A 74 -11.15 1.22 -13.24
C GLY A 74 -12.29 0.95 -12.28
N GLY A 75 -12.07 1.27 -11.01
CA GLY A 75 -13.06 1.10 -9.98
C GLY A 75 -12.48 0.44 -8.75
N SER A 76 -13.34 0.29 -7.75
CA SER A 76 -13.03 -0.34 -6.48
C SER A 76 -12.38 -1.72 -6.65
N TRP A 77 -11.61 -2.13 -5.64
CA TRP A 77 -10.86 -3.38 -5.71
C TRP A 77 -11.76 -4.58 -5.97
N SER A 78 -12.88 -4.65 -5.27
CA SER A 78 -13.80 -5.78 -5.43
C SER A 78 -14.24 -5.93 -6.88
N GLU A 79 -14.46 -4.82 -7.59
CA GLU A 79 -14.91 -4.90 -8.97
C GLU A 79 -13.87 -5.56 -9.86
N PHE A 80 -12.59 -5.21 -9.67
CA PHE A 80 -11.53 -5.85 -10.46
C PHE A 80 -11.41 -7.33 -10.14
N VAL A 81 -11.45 -7.68 -8.85
CA VAL A 81 -11.28 -9.07 -8.47
C VAL A 81 -12.50 -9.90 -8.87
N ASP A 82 -13.70 -9.33 -8.73
CA ASP A 82 -14.91 -10.03 -9.17
C ASP A 82 -14.92 -10.23 -10.68
N TYR A 83 -14.39 -9.27 -11.45
CA TYR A 83 -14.26 -9.44 -12.89
C TYR A 83 -13.26 -10.54 -13.21
N THR A 84 -12.13 -10.54 -12.51
CA THR A 84 -11.09 -11.53 -12.73
C THR A 84 -11.59 -12.94 -12.43
N VAL A 85 -12.40 -13.08 -11.37
CA VAL A 85 -12.99 -14.38 -11.04
C VAL A 85 -13.90 -14.84 -12.18
N ALA A 86 -14.74 -13.93 -12.69
CA ALA A 86 -15.63 -14.28 -13.78
C ALA A 86 -14.85 -14.57 -15.06
N SER A 87 -13.82 -13.77 -15.34
CA SER A 87 -13.00 -14.00 -16.52
C SER A 87 -12.24 -15.31 -16.42
N LEU A 88 -11.65 -15.60 -15.26
CA LEU A 88 -10.86 -16.81 -15.09
C LEU A 88 -11.69 -18.07 -14.93
N LYS A 89 -13.00 -17.96 -14.74
CA LYS A 89 -13.87 -19.13 -14.61
C LYS A 89 -14.80 -19.31 -15.79
N SER A 90 -14.57 -18.56 -16.87
CA SER A 90 -15.33 -18.64 -18.10
C SER A 90 -14.55 -19.42 -19.16
N ASP A 91 -15.26 -19.87 -20.18
CA ASP A 91 -14.62 -20.66 -21.22
C ASP A 91 -13.76 -19.83 -22.17
N ASN A 92 -13.54 -18.55 -21.89
CA ASN A 92 -12.70 -17.70 -22.74
C ASN A 92 -11.26 -17.60 -22.23
N VAL A 93 -10.74 -18.62 -21.55
CA VAL A 93 -9.37 -18.57 -21.06
C VAL A 93 -8.48 -19.28 -22.07
N LYS A 94 -7.64 -18.51 -22.75
CA LYS A 94 -6.67 -19.02 -23.70
C LYS A 94 -5.29 -19.01 -23.07
N LEU A 95 -4.43 -19.89 -23.58
CA LEU A 95 -3.07 -20.02 -23.07
C LEU A 95 -2.10 -19.86 -24.24
N LEU A 96 -1.32 -18.77 -24.23
CA LEU A 96 -0.36 -18.48 -25.29
C LEU A 96 1.02 -18.93 -24.82
N LEU A 97 1.52 -20.01 -25.42
CA LEU A 97 2.82 -20.57 -25.09
C LEU A 97 3.91 -19.94 -25.95
N GLY A 98 5.08 -19.73 -25.37
CA GLY A 98 6.21 -19.16 -26.07
C GLY A 98 7.54 -19.87 -25.84
N LYS A 107 9.61 -21.67 -22.57
CA LYS A 107 10.20 -21.31 -21.29
C LYS A 107 9.19 -20.56 -20.42
N THR A 108 8.42 -19.67 -21.06
CA THR A 108 7.41 -18.87 -20.39
C THR A 108 6.09 -18.99 -21.14
N ALA A 109 5.04 -18.44 -20.53
CA ALA A 109 3.71 -18.45 -21.11
C ALA A 109 2.87 -17.40 -20.41
N ARG A 110 1.77 -17.02 -21.06
CA ARG A 110 0.88 -15.97 -20.56
C ARG A 110 -0.57 -16.44 -20.65
N LEU A 111 -1.14 -16.81 -19.51
CA LEU A 111 -2.54 -17.20 -19.40
C LEU A 111 -3.41 -15.97 -19.55
N VAL A 112 -3.96 -15.77 -20.75
CA VAL A 112 -4.82 -14.64 -21.05
C VAL A 112 -6.27 -15.04 -20.92
N SER A 113 -7.08 -14.20 -20.27
CA SER A 113 -8.50 -14.46 -20.11
C SER A 113 -9.28 -13.17 -20.25
N GLN A 114 -10.54 -13.31 -20.68
CA GLN A 114 -11.47 -12.20 -20.76
C GLN A 114 -12.87 -12.73 -20.52
N LYS A 115 -13.69 -11.94 -19.82
CA LYS A 115 -15.04 -12.38 -19.52
C LYS A 115 -15.85 -12.57 -20.79
N ALA A 116 -15.99 -11.52 -21.58
CA ALA A 116 -16.71 -11.48 -22.83
C ALA A 116 -15.79 -11.02 -23.95
N LYS A 117 -16.31 -11.00 -25.17
CA LYS A 117 -15.52 -10.59 -26.33
C LYS A 117 -15.33 -9.07 -26.33
N GLY A 118 -14.10 -8.64 -26.58
CA GLY A 118 -13.79 -7.21 -26.53
C GLY A 118 -13.98 -6.60 -25.16
N MET A 119 -13.75 -7.39 -24.12
CA MET A 119 -13.81 -7.01 -22.73
C MET A 119 -12.39 -6.80 -22.22
N PRO A 120 -12.21 -6.21 -21.04
CA PRO A 120 -10.84 -6.10 -20.51
C PRO A 120 -10.17 -7.46 -20.46
N ARG A 121 -8.91 -7.51 -20.90
CA ARG A 121 -8.18 -8.76 -21.06
C ARG A 121 -7.17 -8.93 -19.94
N ILE A 122 -7.27 -10.03 -19.22
CA ILE A 122 -6.39 -10.29 -18.08
C ILE A 122 -5.21 -11.11 -18.54
N ASN A 123 -3.99 -10.61 -18.31
CA ASN A 123 -2.76 -11.28 -18.72
C ASN A 123 -1.97 -11.64 -17.46
N VAL A 124 -1.89 -12.93 -17.15
CA VAL A 124 -1.11 -13.41 -16.03
C VAL A 124 0.15 -14.09 -16.59
N PRO A 125 1.32 -13.48 -16.48
CA PRO A 125 2.54 -14.14 -16.98
C PRO A 125 2.90 -15.35 -16.12
N LEU A 126 3.59 -16.30 -16.75
CA LEU A 126 3.84 -17.60 -16.14
C LEU A 126 5.28 -18.03 -16.39
N THR A 127 5.77 -18.89 -15.50
CA THR A 127 7.06 -19.54 -15.67
C THR A 127 6.93 -21.04 -15.38
N LYS A 128 7.86 -21.82 -15.94
CA LYS A 128 7.84 -23.27 -15.79
C LYS A 128 8.40 -23.68 -14.43
N MET A 129 7.74 -24.66 -13.79
CA MET A 129 8.14 -25.13 -12.47
C MET A 129 9.50 -25.82 -12.45
N VAL A 130 9.94 -26.19 -11.26
CA VAL A 130 11.11 -27.02 -11.05
C VAL A 130 10.62 -28.46 -10.87
N GLU A 131 11.49 -29.41 -11.18
CA GLU A 131 11.08 -30.81 -11.21
C GLU A 131 10.50 -31.24 -9.87
N SER A 132 11.04 -30.73 -8.76
CA SER A 132 10.59 -31.14 -7.44
C SER A 132 9.13 -30.77 -7.21
N SER A 133 8.76 -29.53 -7.55
CA SER A 133 7.42 -29.04 -7.29
C SER A 133 6.42 -29.34 -8.41
N ALA A 134 6.89 -29.73 -9.60
CA ALA A 134 5.96 -30.01 -10.69
C ALA A 134 5.02 -31.16 -10.32
N SER A 135 5.58 -32.24 -9.75
CA SER A 135 4.75 -33.37 -9.33
C SER A 135 3.84 -32.98 -8.17
N GLU A 136 4.38 -32.26 -7.19
CA GLU A 136 3.59 -31.85 -6.04
C GLU A 136 2.45 -30.91 -6.44
N ALA A 137 2.64 -30.13 -7.51
CA ALA A 137 1.59 -29.22 -7.98
C ALA A 137 0.39 -29.97 -8.52
N MET A 138 0.62 -30.97 -9.39
CA MET A 138 -0.47 -31.75 -9.96
C MET A 138 -1.24 -32.51 -8.89
N ALA A 139 -0.54 -33.09 -7.91
CA ALA A 139 -1.22 -33.80 -6.83
C ALA A 139 -2.19 -32.88 -6.10
N ASN A 140 -1.76 -31.66 -5.79
CA ASN A 140 -2.64 -30.70 -5.11
C ASN A 140 -3.82 -30.31 -6.01
N LEU A 141 -3.57 -30.03 -7.28
CA LEU A 141 -4.65 -29.67 -8.21
C LEU A 141 -5.76 -30.70 -8.20
N SER A 142 -5.41 -31.98 -8.39
CA SER A 142 -6.41 -33.03 -8.43
C SER A 142 -7.06 -33.23 -7.07
N LEU A 143 -6.25 -33.31 -6.02
CA LEU A 143 -6.78 -33.53 -4.68
C LEU A 143 -7.76 -32.44 -4.27
N GLU A 144 -7.43 -31.18 -4.57
CA GLU A 144 -8.35 -30.10 -4.26
C GLU A 144 -9.57 -30.10 -5.17
N LEU A 145 -9.38 -30.40 -6.46
CA LEU A 145 -10.50 -30.48 -7.37
C LEU A 145 -11.50 -31.56 -6.93
N PHE A 146 -10.98 -32.71 -6.47
CA PHE A 146 -11.86 -33.76 -5.97
C PHE A 146 -12.61 -33.29 -4.73
N ARG A 147 -11.89 -32.70 -3.78
CA ARG A 147 -12.53 -32.18 -2.57
C ARG A 147 -13.61 -31.17 -2.91
N ALA A 148 -13.35 -30.31 -3.91
CA ALA A 148 -14.38 -29.39 -4.37
C ALA A 148 -15.49 -30.12 -5.10
N PHE A 149 -15.19 -31.24 -5.76
CA PHE A 149 -16.23 -31.99 -6.45
C PHE A 149 -17.10 -32.75 -5.46
N LYS A 150 -16.48 -33.43 -4.48
CA LYS A 150 -17.24 -34.18 -3.49
C LYS A 150 -18.06 -33.28 -2.58
N SER A 151 -17.67 -32.00 -2.42
CA SER A 151 -18.44 -31.09 -1.58
C SER A 151 -19.70 -30.59 -2.29
N LYS A 152 -19.65 -30.46 -3.61
CA LYS A 152 -20.82 -30.01 -4.36
C LYS A 152 -21.88 -31.10 -4.53
N GLN A 153 -21.65 -32.28 -3.97
CA GLN A 153 -22.63 -33.35 -4.03
C GLN A 153 -23.54 -33.39 -2.81
N HIS A 154 -22.97 -33.14 -1.63
CA HIS A 154 -23.75 -33.12 -0.39
C HIS A 154 -24.32 -31.73 -0.11
N MET B 3 -28.06 -57.44 -20.70
CA MET B 3 -28.26 -56.76 -19.39
C MET B 3 -27.04 -57.00 -18.49
N ALA B 4 -25.90 -57.35 -19.09
CA ALA B 4 -24.65 -57.58 -18.32
C ALA B 4 -23.51 -56.81 -18.97
N SER B 5 -23.76 -55.57 -19.40
CA SER B 5 -22.73 -54.78 -20.12
C SER B 5 -22.51 -53.43 -19.43
N PHE B 6 -21.29 -52.90 -19.50
CA PHE B 6 -20.98 -51.60 -18.90
C PHE B 6 -21.29 -50.44 -19.83
N GLU B 7 -22.29 -50.60 -20.70
CA GLU B 7 -22.61 -49.55 -21.67
C GLU B 7 -23.15 -48.30 -20.99
N LYS B 8 -23.93 -48.47 -19.92
CA LYS B 8 -24.50 -47.32 -19.22
C LYS B 8 -23.92 -47.20 -17.82
N PHE B 9 -22.59 -47.24 -17.72
CA PHE B 9 -21.88 -47.20 -16.44
C PHE B 9 -21.21 -45.84 -16.29
N GLU B 10 -21.62 -45.09 -15.27
CA GLU B 10 -21.01 -43.79 -15.00
C GLU B 10 -19.66 -43.98 -14.32
N PRO B 11 -18.70 -43.10 -14.61
CA PRO B 11 -17.37 -43.22 -13.98
C PRO B 11 -17.46 -42.92 -12.49
N ILE B 12 -16.47 -43.43 -11.76
CA ILE B 12 -16.40 -43.28 -10.31
C ILE B 12 -15.07 -42.65 -9.94
N PHE B 13 -15.11 -41.62 -9.11
CA PHE B 13 -13.94 -40.96 -8.56
C PHE B 13 -14.00 -41.04 -7.04
N GLY B 14 -12.83 -41.15 -6.42
CA GLY B 14 -12.81 -41.25 -4.96
C GLY B 14 -11.42 -41.02 -4.41
N GLU B 15 -11.38 -40.93 -3.09
CA GLU B 15 -10.14 -40.72 -2.34
C GLU B 15 -9.83 -41.95 -1.51
N VAL B 16 -8.54 -42.30 -1.43
CA VAL B 16 -8.10 -43.44 -0.66
C VAL B 16 -6.78 -43.08 0.03
N VAL B 17 -6.59 -43.59 1.23
CA VAL B 17 -5.37 -43.41 2.01
C VAL B 17 -4.62 -44.74 2.04
N PRO B 18 -3.38 -44.78 1.56
CA PRO B 18 -2.61 -46.03 1.60
C PRO B 18 -2.27 -46.45 3.02
N GLU B 19 -1.79 -47.69 3.14
CA GLU B 19 -1.43 -48.25 4.44
C GLU B 19 -0.50 -49.44 4.20
N ARG B 20 0.81 -49.17 4.27
CA ARG B 20 1.81 -50.22 4.09
C ARG B 20 1.84 -51.14 5.31
N SER B 21 2.57 -52.24 5.19
CA SER B 21 2.77 -53.17 6.29
C SER B 21 4.24 -53.49 6.53
N ASP B 22 5.15 -52.74 5.93
CA ASP B 22 6.59 -52.99 6.08
C ASP B 22 7.32 -51.74 6.55
N LEU B 27 7.78 -43.60 1.88
CA LEU B 27 6.81 -42.52 1.88
C LEU B 27 5.40 -43.04 1.61
N LEU B 28 4.41 -42.31 2.12
CA LEU B 28 3.01 -42.60 1.85
C LEU B 28 2.27 -41.27 1.74
N ARG B 29 1.63 -41.05 0.60
CA ARG B 29 0.87 -39.82 0.37
C ARG B 29 -0.57 -40.19 0.08
N ARG B 30 -1.38 -39.20 -0.26
CA ARG B 30 -2.80 -39.43 -0.49
C ARG B 30 -3.08 -39.68 -1.96
N CYS B 31 -4.01 -40.58 -2.24
CA CYS B 31 -4.27 -41.09 -3.58
C CYS B 31 -5.70 -40.83 -3.99
N LEU B 32 -5.89 -40.64 -5.29
CA LEU B 32 -7.20 -40.58 -5.92
C LEU B 32 -7.34 -41.79 -6.84
N PHE B 33 -8.55 -42.32 -6.95
CA PHE B 33 -8.79 -43.40 -7.90
C PHE B 33 -9.89 -43.03 -8.87
N HIS B 34 -9.90 -43.75 -9.99
CA HIS B 34 -10.84 -43.54 -11.08
C HIS B 34 -11.25 -44.89 -11.65
N VAL B 35 -12.55 -45.18 -11.64
CA VAL B 35 -13.08 -46.41 -12.20
C VAL B 35 -13.97 -46.02 -13.37
N TYR B 36 -13.81 -46.70 -14.50
CA TYR B 36 -14.54 -46.38 -15.71
C TYR B 36 -14.43 -47.55 -16.68
N ALA B 37 -15.35 -47.57 -17.64
CA ALA B 37 -15.43 -48.64 -18.62
C ALA B 37 -14.57 -48.30 -19.84
N SER B 38 -13.56 -49.12 -20.09
CA SER B 38 -12.75 -48.94 -21.28
C SER B 38 -13.51 -49.37 -22.54
N ASP B 39 -14.07 -50.57 -22.51
CA ASP B 39 -15.03 -51.02 -23.51
C ASP B 39 -16.26 -51.54 -22.79
N SER B 40 -17.30 -51.88 -23.55
CA SER B 40 -18.57 -52.29 -22.94
C SER B 40 -18.47 -53.54 -22.09
N TYR B 41 -17.30 -54.21 -22.07
CA TYR B 41 -17.13 -55.43 -21.28
C TYR B 41 -16.02 -55.37 -20.25
N ASN B 42 -15.17 -54.34 -20.25
CA ASN B 42 -14.07 -54.26 -19.31
C ASN B 42 -14.20 -53.01 -18.45
N LEU B 43 -13.61 -53.07 -17.26
CA LEU B 43 -13.62 -51.96 -16.32
C LEU B 43 -12.18 -51.63 -15.94
N THR B 44 -11.75 -50.42 -16.25
CA THR B 44 -10.38 -49.99 -15.98
C THR B 44 -10.37 -49.12 -14.73
N VAL B 45 -9.49 -49.45 -13.79
CA VAL B 45 -9.35 -48.71 -12.55
C VAL B 45 -7.95 -48.12 -12.51
N HIS B 46 -7.84 -46.88 -12.03
CA HIS B 46 -6.56 -46.21 -11.89
C HIS B 46 -6.50 -45.64 -10.49
N VAL B 47 -5.42 -45.94 -9.77
CA VAL B 47 -5.16 -45.37 -8.44
C VAL B 47 -3.80 -44.70 -8.47
N THR B 48 -3.75 -43.46 -8.00
CA THR B 48 -2.50 -42.70 -8.07
C THR B 48 -2.51 -41.59 -7.03
N ASP B 49 -1.32 -41.28 -6.52
CA ASP B 49 -1.08 -40.10 -5.72
C ASP B 49 -0.51 -38.96 -6.53
N PHE B 50 -0.36 -39.14 -7.84
CA PHE B 50 0.14 -38.15 -8.79
C PHE B 50 1.62 -37.84 -8.58
N ILE B 51 2.30 -38.54 -7.67
CA ILE B 51 3.72 -38.30 -7.39
C ILE B 51 4.54 -39.58 -7.54
N SER B 52 4.07 -40.68 -6.95
CA SER B 52 4.87 -41.90 -6.93
C SER B 52 4.61 -42.80 -8.14
N GLY B 53 3.37 -42.93 -8.56
CA GLY B 53 3.05 -43.77 -9.68
C GLY B 53 1.55 -43.95 -9.81
N VAL B 54 1.17 -44.95 -10.60
CA VAL B 54 -0.23 -45.27 -10.86
C VAL B 54 -0.43 -46.76 -10.71
N TRP B 55 -1.38 -47.16 -9.86
CA TRP B 55 -1.75 -48.56 -9.73
C TRP B 55 -2.99 -48.82 -10.58
N THR B 56 -2.92 -49.82 -11.45
CA THR B 56 -3.96 -50.02 -12.44
C THR B 56 -4.25 -51.50 -12.64
N THR B 57 -5.48 -51.80 -13.07
CA THR B 57 -5.86 -53.09 -13.62
C THR B 57 -7.12 -52.88 -14.45
N ILE B 58 -7.48 -53.90 -15.21
CA ILE B 58 -8.69 -53.87 -16.04
C ILE B 58 -9.54 -55.09 -15.70
N LEU B 59 -10.82 -54.85 -15.39
CA LEU B 59 -11.75 -55.89 -14.96
C LEU B 59 -12.84 -56.10 -16.00
N SER B 60 -12.84 -57.26 -16.62
CA SER B 60 -13.92 -57.67 -17.52
C SER B 60 -15.05 -58.28 -16.70
N VAL B 61 -16.21 -58.43 -17.34
CA VAL B 61 -17.39 -59.00 -16.69
C VAL B 61 -17.10 -60.38 -16.10
N SER B 62 -16.18 -61.13 -16.70
CA SER B 62 -15.89 -62.48 -16.21
C SER B 62 -15.30 -62.45 -14.79
N GLN B 63 -14.16 -61.76 -14.63
CA GLN B 63 -13.53 -61.71 -13.31
C GLN B 63 -14.43 -61.03 -12.28
N LEU B 64 -15.22 -60.06 -12.70
CA LEU B 64 -16.18 -59.42 -11.80
C LEU B 64 -17.21 -60.43 -11.29
N ASP B 65 -17.61 -61.38 -12.13
CA ASP B 65 -18.57 -62.39 -11.71
C ASP B 65 -17.92 -63.42 -10.79
N ASP B 66 -16.66 -63.79 -11.07
CA ASP B 66 -15.97 -64.73 -10.19
C ASP B 66 -15.85 -64.20 -8.77
N MET B 67 -15.70 -62.88 -8.62
CA MET B 67 -15.69 -62.29 -7.29
C MET B 67 -17.06 -62.39 -6.62
N ARG B 68 -18.14 -62.30 -7.40
CA ARG B 68 -19.48 -62.38 -6.82
C ARG B 68 -19.67 -63.67 -6.02
N ASP B 69 -19.12 -64.79 -6.50
CA ASP B 69 -19.24 -66.04 -5.76
C ASP B 69 -18.38 -66.03 -4.50
N THR B 70 -17.17 -65.48 -4.59
CA THR B 70 -16.26 -65.47 -3.45
C THR B 70 -16.64 -64.43 -2.41
N VAL B 71 -17.30 -63.36 -2.85
CA VAL B 71 -17.65 -62.25 -1.89
C VAL B 71 -18.82 -62.72 -1.04
N GLY B 72 -19.69 -63.56 -1.60
CA GLY B 72 -20.81 -64.14 -0.81
C GLY B 72 -22.11 -63.38 -1.01
N ILE B 73 -22.03 -62.09 -1.34
CA ILE B 73 -23.28 -61.32 -1.62
C ILE B 73 -23.99 -62.01 -2.79
N GLY B 74 -25.26 -62.40 -2.59
CA GLY B 74 -26.01 -63.11 -3.64
C GLY B 74 -27.12 -62.25 -4.21
N GLY B 75 -27.47 -62.44 -5.49
CA GLY B 75 -28.60 -61.69 -6.06
C GLY B 75 -28.49 -61.58 -7.58
N SER B 76 -29.22 -60.63 -8.17
CA SER B 76 -29.17 -60.42 -9.64
C SER B 76 -27.88 -59.69 -9.99
N TRP B 77 -27.40 -59.85 -11.24
CA TRP B 77 -26.20 -59.09 -11.66
C TRP B 77 -26.42 -57.62 -11.32
N SER B 78 -27.55 -57.04 -11.74
CA SER B 78 -27.76 -55.62 -11.49
C SER B 78 -27.63 -55.29 -10.01
N GLU B 79 -28.11 -56.17 -9.13
CA GLU B 79 -28.00 -55.92 -7.70
C GLU B 79 -26.56 -55.92 -7.22
N PHE B 80 -25.74 -56.86 -7.71
CA PHE B 80 -24.34 -56.90 -7.29
C PHE B 80 -23.59 -55.68 -7.79
N VAL B 81 -23.81 -55.29 -9.05
CA VAL B 81 -23.08 -54.17 -9.63
C VAL B 81 -23.50 -52.87 -8.96
N ASP B 82 -24.79 -52.74 -8.62
CA ASP B 82 -25.26 -51.58 -7.87
C ASP B 82 -24.63 -51.53 -6.49
N TYR B 83 -24.37 -52.71 -5.90
CA TYR B 83 -23.66 -52.78 -4.62
C TYR B 83 -22.21 -52.31 -4.78
N THR B 84 -21.55 -52.79 -5.82
CA THR B 84 -20.16 -52.40 -6.07
C THR B 84 -20.06 -50.91 -6.35
N VAL B 85 -21.04 -50.36 -7.06
CA VAL B 85 -21.08 -48.93 -7.32
C VAL B 85 -21.20 -48.16 -6.01
N ALA B 86 -22.10 -48.61 -5.13
CA ALA B 86 -22.26 -47.96 -3.84
C ALA B 86 -21.04 -48.19 -2.95
N SER B 87 -20.46 -49.40 -3.00
CA SER B 87 -19.29 -49.69 -2.18
C SER B 87 -18.10 -48.83 -2.56
N LEU B 88 -17.85 -48.66 -3.86
CA LEU B 88 -16.70 -47.89 -4.32
C LEU B 88 -16.88 -46.38 -4.17
N LYS B 89 -18.08 -45.92 -3.80
CA LYS B 89 -18.36 -44.50 -3.60
C LYS B 89 -18.54 -44.15 -2.13
N SER B 90 -18.20 -45.09 -1.25
CA SER B 90 -18.31 -44.86 0.21
C SER B 90 -16.98 -44.31 0.74
N ASP B 91 -16.89 -44.10 2.05
CA ASP B 91 -15.63 -43.60 2.66
C ASP B 91 -14.90 -44.77 3.32
N ASN B 92 -15.24 -45.99 2.91
CA ASN B 92 -14.61 -47.20 3.50
C ASN B 92 -13.58 -47.77 2.53
N VAL B 93 -13.05 -46.95 1.63
CA VAL B 93 -12.12 -47.47 0.62
C VAL B 93 -10.70 -47.41 1.16
N LYS B 94 -10.11 -48.58 1.39
CA LYS B 94 -8.74 -48.73 1.83
C LYS B 94 -7.85 -49.21 0.68
N LEU B 95 -6.56 -48.92 0.79
CA LEU B 95 -5.54 -49.36 -0.17
C LEU B 95 -4.48 -50.15 0.58
N LEU B 96 -4.42 -51.47 0.34
CA LEU B 96 -3.50 -52.35 1.04
C LEU B 96 -2.28 -52.60 0.15
N LEU B 97 -1.14 -52.04 0.53
CA LEU B 97 0.11 -52.23 -0.20
C LEU B 97 0.88 -53.42 0.36
N GLY B 98 1.54 -54.16 -0.53
CA GLY B 98 2.33 -55.29 -0.12
C GLY B 98 3.71 -55.29 -0.74
N LYS B 107 5.17 -53.84 -6.26
CA LYS B 107 4.43 -53.74 -7.51
C LYS B 107 3.06 -54.37 -7.40
N THR B 108 2.55 -54.46 -6.16
CA THR B 108 1.23 -55.01 -5.92
C THR B 108 0.43 -54.06 -5.05
N ALA B 109 -0.88 -54.24 -5.04
CA ALA B 109 -1.80 -53.48 -4.20
C ALA B 109 -3.16 -54.15 -4.23
N ARG B 110 -3.97 -53.90 -3.21
CA ARG B 110 -5.32 -54.45 -3.12
C ARG B 110 -6.26 -53.36 -2.65
N LEU B 111 -7.00 -52.76 -3.59
CA LEU B 111 -8.04 -51.79 -3.25
C LEU B 111 -9.24 -52.55 -2.72
N VAL B 112 -9.37 -52.61 -1.40
CA VAL B 112 -10.50 -53.30 -0.77
C VAL B 112 -11.56 -52.28 -0.41
N SER B 113 -12.82 -52.60 -0.70
CA SER B 113 -13.91 -51.69 -0.40
C SER B 113 -15.12 -52.48 0.09
N GLN B 114 -15.95 -51.79 0.88
CA GLN B 114 -17.22 -52.32 1.37
C GLN B 114 -18.18 -51.14 1.48
N LYS B 115 -19.45 -51.39 1.19
CA LYS B 115 -20.44 -50.30 1.21
C LYS B 115 -20.58 -49.72 2.61
N ALA B 116 -20.54 -50.56 3.63
CA ALA B 116 -20.67 -50.11 5.01
C ALA B 116 -19.94 -51.11 5.89
N LYS B 117 -19.91 -50.84 7.20
CA LYS B 117 -19.24 -51.74 8.12
C LYS B 117 -20.11 -52.97 8.37
N GLY B 118 -19.52 -54.14 8.16
CA GLY B 118 -20.22 -55.41 8.28
C GLY B 118 -20.91 -55.85 7.01
N MET B 119 -20.44 -55.39 5.86
CA MET B 119 -20.94 -55.80 4.55
C MET B 119 -19.88 -56.63 3.83
N PRO B 120 -20.25 -57.37 2.78
CA PRO B 120 -19.23 -58.09 2.00
C PRO B 120 -18.17 -57.13 1.47
N ARG B 121 -16.92 -57.60 1.47
CA ARG B 121 -15.78 -56.75 1.13
C ARG B 121 -15.28 -57.09 -0.27
N ILE B 122 -15.22 -56.07 -1.14
CA ILE B 122 -14.81 -56.22 -2.53
C ILE B 122 -13.32 -55.92 -2.64
N ASN B 123 -12.55 -56.86 -3.18
CA ASN B 123 -11.10 -56.73 -3.33
C ASN B 123 -10.76 -56.68 -4.81
N VAL B 124 -10.31 -55.52 -5.29
CA VAL B 124 -9.85 -55.34 -6.66
C VAL B 124 -8.32 -55.33 -6.63
N PRO B 125 -7.64 -56.40 -7.06
CA PRO B 125 -6.18 -56.38 -7.04
C PRO B 125 -5.62 -55.45 -8.11
N LEU B 126 -4.41 -54.97 -7.86
CA LEU B 126 -3.82 -53.91 -8.66
C LEU B 126 -2.36 -54.23 -8.96
N THR B 127 -1.86 -53.64 -10.04
CA THR B 127 -0.44 -53.70 -10.37
C THR B 127 0.06 -52.31 -10.72
N LYS B 128 1.36 -52.11 -10.54
CA LYS B 128 1.95 -50.81 -10.80
C LYS B 128 2.14 -50.60 -12.30
N MET B 129 1.74 -49.43 -12.80
CA MET B 129 1.87 -49.13 -14.22
C MET B 129 3.32 -49.01 -14.67
N VAL B 130 3.49 -48.81 -15.97
CA VAL B 130 4.76 -48.49 -16.58
C VAL B 130 4.80 -46.98 -16.76
N GLU B 131 6.01 -46.43 -16.77
CA GLU B 131 6.17 -44.98 -16.73
C GLU B 131 5.47 -44.28 -17.89
N SER B 132 5.46 -44.91 -19.06
CA SER B 132 4.93 -44.25 -20.25
C SER B 132 3.43 -43.95 -20.10
N SER B 133 2.66 -44.95 -19.69
CA SER B 133 1.22 -44.76 -19.55
C SER B 133 0.81 -44.23 -18.18
N ALA B 134 1.70 -44.28 -17.19
CA ALA B 134 1.36 -43.77 -15.86
C ALA B 134 1.03 -42.29 -15.90
N SER B 135 1.81 -41.51 -16.67
CA SER B 135 1.55 -40.08 -16.78
C SER B 135 0.21 -39.81 -17.44
N GLU B 136 -0.07 -40.53 -18.54
CA GLU B 136 -1.35 -40.36 -19.22
C GLU B 136 -2.51 -40.81 -18.32
N ALA B 137 -2.26 -41.75 -17.41
CA ALA B 137 -3.30 -42.21 -16.50
C ALA B 137 -3.76 -41.10 -15.57
N MET B 138 -2.81 -40.40 -14.96
CA MET B 138 -3.15 -39.29 -14.07
C MET B 138 -3.83 -38.15 -14.83
N ALA B 139 -3.31 -37.84 -16.02
CA ALA B 139 -3.94 -36.79 -16.83
C ALA B 139 -5.39 -37.11 -17.11
N ASN B 140 -5.70 -38.36 -17.46
CA ASN B 140 -7.07 -38.76 -17.73
C ASN B 140 -7.95 -38.65 -16.48
N LEU B 141 -7.45 -39.15 -15.35
CA LEU B 141 -8.23 -39.10 -14.11
C LEU B 141 -8.63 -37.67 -13.78
N SER B 142 -7.67 -36.75 -13.79
CA SER B 142 -7.94 -35.36 -13.44
C SER B 142 -8.81 -34.68 -14.50
N LEU B 143 -8.46 -34.85 -15.77
CA LEU B 143 -9.25 -34.23 -16.84
C LEU B 143 -10.69 -34.71 -16.80
N GLU B 144 -10.90 -36.01 -16.52
CA GLU B 144 -12.25 -36.52 -16.38
C GLU B 144 -12.90 -36.02 -15.10
N LEU B 145 -12.12 -35.92 -14.02
CA LEU B 145 -12.65 -35.40 -12.76
C LEU B 145 -13.18 -33.97 -12.94
N PHE B 146 -12.46 -33.15 -13.71
CA PHE B 146 -12.93 -31.79 -13.98
C PHE B 146 -14.21 -31.81 -14.80
N ARG B 147 -14.24 -32.60 -15.87
CA ARG B 147 -15.44 -32.69 -16.70
C ARG B 147 -16.65 -33.13 -15.88
N ALA B 148 -16.44 -34.06 -14.95
CA ALA B 148 -17.51 -34.46 -14.05
C ALA B 148 -17.83 -33.36 -13.04
N PHE B 149 -16.85 -32.53 -12.71
CA PHE B 149 -17.09 -31.42 -11.78
C PHE B 149 -17.90 -30.32 -12.43
N LYS B 150 -17.51 -29.90 -13.64
CA LYS B 150 -18.22 -28.84 -14.33
C LYS B 150 -19.65 -29.22 -14.71
N SER B 151 -19.92 -30.52 -14.86
CA SER B 151 -21.28 -30.96 -15.18
C SER B 151 -22.18 -30.97 -13.95
N LYS B 152 -21.62 -31.25 -12.77
CA LYS B 152 -22.42 -31.27 -11.55
C LYS B 152 -22.74 -29.88 -11.05
N GLN B 153 -21.89 -28.90 -11.34
CA GLN B 153 -22.15 -27.51 -11.00
C GLN B 153 -23.10 -26.82 -11.96
N HIS B 154 -23.54 -27.51 -13.01
CA HIS B 154 -24.42 -26.94 -14.02
C HIS B 154 -25.80 -26.62 -13.43
N MET C 3 30.87 30.72 62.21
CA MET C 3 30.68 29.27 62.20
C MET C 3 29.24 28.90 61.87
N ALA C 4 28.30 29.51 62.59
CA ALA C 4 26.87 29.22 62.43
C ALA C 4 26.29 29.92 61.20
N SER C 5 26.89 29.70 60.03
CA SER C 5 26.42 30.29 58.78
C SER C 5 26.44 29.23 57.67
N PHE C 6 25.94 29.61 56.50
CA PHE C 6 25.87 28.74 55.34
C PHE C 6 26.98 29.03 54.33
N GLU C 7 28.14 29.49 54.81
CA GLU C 7 29.19 29.93 53.90
C GLU C 7 29.76 28.77 53.09
N LYS C 8 29.88 27.59 53.69
CA LYS C 8 30.43 26.45 52.97
C LYS C 8 29.40 25.34 52.79
N PHE C 9 28.22 25.69 52.28
CA PHE C 9 27.13 24.73 52.13
C PHE C 9 26.95 24.39 50.65
N GLU C 10 27.19 23.12 50.31
CA GLU C 10 27.02 22.62 48.95
C GLU C 10 25.55 22.37 48.66
N PRO C 11 25.12 22.58 47.41
CA PRO C 11 23.70 22.40 47.07
C PRO C 11 23.28 20.94 47.19
N ILE C 12 21.97 20.76 47.39
CA ILE C 12 21.36 19.45 47.56
C ILE C 12 20.22 19.31 46.55
N PHE C 13 20.18 18.17 45.86
CA PHE C 13 19.11 17.86 44.92
C PHE C 13 18.41 16.57 45.35
N GLY C 14 17.11 16.49 45.07
CA GLY C 14 16.36 15.31 45.45
C GLY C 14 15.02 15.25 44.77
N GLU C 15 14.36 14.11 44.94
CA GLU C 15 13.06 13.81 44.36
C GLU C 15 12.01 13.67 45.46
N VAL C 16 10.78 14.10 45.15
CA VAL C 16 9.67 14.02 46.09
C VAL C 16 8.42 13.56 45.34
N VAL C 17 7.59 12.81 46.04
CA VAL C 17 6.28 12.38 45.53
C VAL C 17 5.23 13.16 46.30
N PRO C 18 4.39 13.95 45.64
CA PRO C 18 3.37 14.74 46.35
C PRO C 18 2.32 13.85 47.00
N GLU C 19 1.47 14.50 47.80
CA GLU C 19 0.40 13.80 48.50
C GLU C 19 -0.66 14.84 48.86
N ARG C 20 -1.77 14.84 48.13
CA ARG C 20 -2.86 15.79 48.38
C ARG C 20 -3.87 15.20 49.35
N SER C 21 -4.59 16.08 50.03
CA SER C 21 -5.63 15.70 50.98
C SER C 21 -7.03 15.87 50.41
N ASP C 22 -7.36 17.06 49.92
CA ASP C 22 -8.67 17.33 49.34
C ASP C 22 -8.68 17.01 47.84
N LEU C 27 -3.89 16.26 38.74
CA LEU C 27 -3.05 15.08 38.95
C LEU C 27 -1.81 15.45 39.74
N LEU C 28 -1.24 14.49 40.44
CA LEU C 28 0.01 14.69 41.16
C LEU C 28 1.10 13.99 40.37
N ARG C 29 2.14 14.73 40.03
CA ARG C 29 3.24 14.21 39.25
C ARG C 29 4.47 14.19 40.13
N ARG C 30 5.60 13.83 39.55
CA ARG C 30 6.80 13.69 40.36
C ARG C 30 7.59 14.99 40.37
N CYS C 31 8.16 15.31 41.52
CA CYS C 31 8.78 16.60 41.76
C CYS C 31 10.24 16.41 42.12
N LEU C 32 11.05 17.40 41.73
CA LEU C 32 12.45 17.51 42.13
C LEU C 32 12.60 18.72 43.02
N PHE C 33 13.52 18.65 43.98
CA PHE C 33 13.80 19.83 44.78
C PHE C 33 15.27 20.20 44.71
N HIS C 34 15.55 21.45 45.07
CA HIS C 34 16.90 21.99 45.12
C HIS C 34 17.00 22.93 46.30
N VAL C 35 17.87 22.61 47.25
CA VAL C 35 18.15 23.47 48.39
C VAL C 35 19.61 23.88 48.33
N TYR C 36 19.87 25.16 48.53
CA TYR C 36 21.21 25.71 48.41
C TYR C 36 21.23 27.07 49.07
N ALA C 37 22.43 27.55 49.35
CA ALA C 37 22.61 28.82 50.05
C ALA C 37 22.65 29.95 49.03
N SER C 38 21.67 30.85 49.12
CA SER C 38 21.67 32.03 48.27
C SER C 38 22.71 33.04 48.76
N ASP C 39 22.69 33.36 50.05
CA ASP C 39 23.75 34.10 50.70
C ASP C 39 24.15 33.33 51.96
N SER C 40 25.22 33.79 52.60
CA SER C 40 25.74 33.07 53.77
C SER C 40 24.75 33.02 54.93
N TYR C 41 23.60 33.70 54.85
CA TYR C 41 22.61 33.72 55.92
C TYR C 41 21.23 33.21 55.52
N ASN C 42 20.96 32.97 54.24
CA ASN C 42 19.66 32.48 53.81
C ASN C 42 19.83 31.17 53.07
N LEU C 43 18.78 30.35 53.11
CA LEU C 43 18.75 29.07 52.41
C LEU C 43 17.52 29.06 51.51
N THR C 44 17.74 28.91 50.21
CA THR C 44 16.66 28.96 49.23
C THR C 44 16.30 27.54 48.81
N VAL C 45 15.02 27.22 48.84
CA VAL C 45 14.53 25.91 48.46
C VAL C 45 13.62 26.07 47.26
N HIS C 46 13.74 25.15 46.31
CA HIS C 46 12.88 25.10 45.14
C HIS C 46 12.41 23.66 44.98
N VAL C 47 11.09 23.47 44.88
CA VAL C 47 10.55 22.11 44.59
C VAL C 47 9.60 22.25 43.40
N THR C 48 9.78 21.46 42.34
CA THR C 48 8.95 21.67 41.12
C THR C 48 8.76 20.37 40.35
N ASP C 49 7.68 20.28 39.56
CA ASP C 49 7.45 19.11 38.68
C ASP C 49 7.65 19.59 37.25
N PHE C 50 8.24 20.77 37.10
CA PHE C 50 8.59 21.32 35.77
C PHE C 50 7.34 21.52 34.90
N ILE C 51 6.15 21.19 35.39
CA ILE C 51 4.98 21.35 34.53
C ILE C 51 3.89 22.08 35.28
N SER C 52 3.65 21.69 36.54
CA SER C 52 2.51 22.22 37.28
C SER C 52 2.84 23.55 37.93
N GLY C 53 4.05 23.69 38.48
CA GLY C 53 4.45 24.94 39.08
C GLY C 53 5.73 24.75 39.86
N VAL C 54 6.07 25.78 40.64
CA VAL C 54 7.25 25.73 41.49
C VAL C 54 6.92 26.30 42.86
N TRP C 55 7.14 25.50 43.91
CA TRP C 55 7.01 25.94 45.29
C TRP C 55 8.38 26.27 45.86
N THR C 56 8.51 27.46 46.42
CA THR C 56 9.79 27.94 46.90
C THR C 56 9.59 28.67 48.22
N THR C 57 10.67 28.73 49.00
CA THR C 57 10.75 29.58 50.18
C THR C 57 12.22 29.83 50.46
N ILE C 58 12.48 30.74 51.40
CA ILE C 58 13.83 31.11 51.80
C ILE C 58 13.95 30.90 53.30
N LEU C 59 15.00 30.19 53.71
CA LEU C 59 15.24 29.82 55.10
C LEU C 59 16.46 30.57 55.60
N SER C 60 16.25 31.52 56.51
CA SER C 60 17.35 32.23 57.15
C SER C 60 17.85 31.47 58.37
N VAL C 61 19.05 31.84 58.83
CA VAL C 61 19.63 31.18 59.99
C VAL C 61 18.70 31.30 61.21
N SER C 62 18.05 32.45 61.37
CA SER C 62 17.13 32.65 62.49
C SER C 62 15.87 31.82 62.31
N GLN C 63 15.18 31.99 61.19
CA GLN C 63 13.93 31.28 60.94
C GLN C 63 14.14 29.78 60.95
N LEU C 64 15.30 29.32 60.50
CA LEU C 64 15.63 27.90 60.64
C LEU C 64 15.84 27.51 62.11
N ASP C 65 16.43 28.41 62.91
CA ASP C 65 16.79 28.03 64.28
C ASP C 65 15.60 27.92 65.21
N ASP C 66 14.66 28.87 65.16
CA ASP C 66 13.48 28.73 66.01
C ASP C 66 12.68 27.50 65.60
N MET C 67 12.65 27.20 64.30
CA MET C 67 12.04 25.95 63.84
C MET C 67 12.88 24.76 64.27
N ARG C 68 14.20 24.93 64.29
CA ARG C 68 15.09 23.84 64.78
C ARG C 68 14.79 23.59 66.25
N ASP C 69 14.46 24.64 67.01
CA ASP C 69 14.21 24.49 68.47
C ASP C 69 12.87 23.78 68.68
N THR C 70 11.99 23.80 67.67
CA THR C 70 10.63 23.19 67.86
C THR C 70 10.75 21.70 68.17
N VAL C 71 11.86 21.07 67.77
CA VAL C 71 12.09 19.64 68.12
C VAL C 71 12.06 19.51 69.65
N GLY C 72 12.54 20.53 70.36
CA GLY C 72 12.49 20.50 71.84
C GLY C 72 13.77 19.97 72.45
N ILE C 73 14.70 19.51 71.60
CA ILE C 73 16.01 18.99 72.10
C ILE C 73 17.13 19.94 71.65
N SER C 76 22.00 22.28 69.91
CA SER C 76 23.20 22.53 69.12
C SER C 76 22.85 22.83 67.67
N TRP C 77 23.67 23.66 67.02
CA TRP C 77 23.38 24.11 65.66
C TRP C 77 24.05 23.25 64.60
N SER C 78 25.37 23.07 64.69
CA SER C 78 26.09 22.27 63.71
C SER C 78 25.60 20.82 63.70
N GLU C 79 25.34 20.26 64.88
CA GLU C 79 24.86 18.89 64.94
C GLU C 79 23.47 18.77 64.32
N PHE C 80 22.60 19.75 64.58
CA PHE C 80 21.26 19.73 63.98
C PHE C 80 21.33 19.93 62.46
N VAL C 81 22.15 20.87 62.00
CA VAL C 81 22.18 21.18 60.57
C VAL C 81 22.78 20.03 59.77
N ASP C 82 23.79 19.36 60.33
CA ASP C 82 24.33 18.17 59.68
C ASP C 82 23.28 17.07 59.61
N TYR C 83 22.38 17.02 60.60
CA TYR C 83 21.26 16.09 60.57
C TYR C 83 20.28 16.44 59.45
N THR C 84 19.96 17.73 59.30
CA THR C 84 19.03 18.17 58.27
C THR C 84 19.53 17.82 56.87
N VAL C 85 20.84 17.95 56.65
CA VAL C 85 21.38 17.56 55.35
C VAL C 85 21.19 16.07 55.12
N ALA C 86 21.46 15.25 56.15
CA ALA C 86 21.28 13.81 56.02
C ALA C 86 19.80 13.45 55.86
N SER C 87 18.92 14.13 56.60
CA SER C 87 17.49 13.88 56.45
C SER C 87 17.01 14.24 55.05
N LEU C 88 17.50 15.35 54.51
CA LEU C 88 17.12 15.85 53.19
C LEU C 88 17.73 15.04 52.05
N LYS C 89 18.66 14.13 52.34
CA LYS C 89 19.28 13.30 51.31
C LYS C 89 18.79 11.86 51.38
N SER C 90 17.73 11.62 52.15
CA SER C 90 17.13 10.27 52.23
C SER C 90 15.95 10.20 51.25
N ASP C 91 15.29 9.05 51.16
CA ASP C 91 14.13 8.89 50.25
C ASP C 91 12.84 9.24 51.01
N ASN C 92 12.98 9.60 52.30
CA ASN C 92 11.78 9.89 53.12
C ASN C 92 11.36 11.35 52.94
N VAL C 93 11.31 11.84 51.70
CA VAL C 93 10.84 13.20 51.48
C VAL C 93 9.43 13.18 50.89
N LYS C 94 8.45 13.65 51.67
CA LYS C 94 7.07 13.81 51.26
C LYS C 94 6.75 15.29 51.04
N LEU C 95 5.73 15.55 50.21
CA LEU C 95 5.27 16.90 49.92
C LEU C 95 3.78 16.98 50.26
N LEU C 96 3.44 17.70 51.33
CA LEU C 96 2.06 17.80 51.81
C LEU C 96 1.44 19.12 51.38
N LEU C 97 0.52 19.08 50.41
CA LEU C 97 -0.18 20.27 49.95
C LEU C 97 -1.60 20.32 50.53
N GLY C 98 -2.43 21.20 49.99
CA GLY C 98 -3.80 21.32 50.43
C GLY C 98 -4.51 22.50 49.82
N GLU C 99 -5.80 22.60 50.15
CA GLU C 99 -6.68 23.68 49.70
C GLU C 99 -6.80 23.74 48.19
N LYS C 107 -2.55 26.23 46.98
CA LYS C 107 -1.96 27.55 47.23
C LYS C 107 -0.65 27.44 47.99
N THR C 108 -0.61 26.54 48.97
CA THR C 108 0.62 26.36 49.79
C THR C 108 0.97 24.87 49.89
N ALA C 109 2.19 24.56 50.32
CA ALA C 109 2.63 23.15 50.47
C ALA C 109 3.61 23.05 51.64
N ARG C 110 4.02 21.82 51.99
CA ARG C 110 5.02 21.65 53.08
C ARG C 110 5.98 20.51 52.70
N LEU C 111 7.28 20.81 52.65
CA LEU C 111 8.29 19.75 52.35
C LEU C 111 8.66 19.05 53.66
N VAL C 112 8.02 17.91 53.94
CA VAL C 112 8.30 17.16 55.20
C VAL C 112 9.50 16.24 54.97
N SER C 113 10.48 16.29 55.86
CA SER C 113 11.69 15.43 55.73
C SER C 113 12.00 14.76 57.07
N GLN C 114 12.12 13.43 57.09
CA GLN C 114 12.43 12.71 58.31
C GLN C 114 13.54 11.70 58.03
N LYS C 115 14.51 11.59 58.94
CA LYS C 115 15.62 10.66 58.73
C LYS C 115 15.16 9.21 58.90
N ALA C 116 14.79 8.81 60.12
CA ALA C 116 14.22 7.49 60.39
C ALA C 116 12.90 7.63 61.13
N LYS C 117 12.29 6.49 61.45
CA LYS C 117 11.02 6.45 62.16
C LYS C 117 11.22 6.82 63.62
N GLY C 118 10.42 7.76 64.10
CA GLY C 118 10.59 8.27 65.45
C GLY C 118 11.63 9.36 65.57
N MET C 119 12.58 9.42 64.64
CA MET C 119 13.61 10.46 64.68
C MET C 119 12.94 11.82 64.50
N PRO C 120 13.65 12.91 64.81
CA PRO C 120 13.06 14.24 64.59
C PRO C 120 12.62 14.45 63.16
N ARG C 121 11.44 15.04 62.99
CA ARG C 121 10.86 15.29 61.69
C ARG C 121 10.93 16.78 61.41
N ILE C 122 11.63 17.17 60.35
CA ILE C 122 11.79 18.56 59.97
C ILE C 122 10.77 18.89 58.89
N ASN C 123 9.94 19.90 59.15
CA ASN C 123 8.88 20.33 58.25
C ASN C 123 9.21 21.75 57.80
N VAL C 124 9.43 21.91 56.50
CA VAL C 124 9.72 23.20 55.90
C VAL C 124 8.45 23.69 55.18
N PRO C 125 7.75 24.69 55.71
CA PRO C 125 6.55 25.17 55.01
C PRO C 125 6.94 25.88 53.72
N LEU C 126 6.02 25.85 52.76
CA LEU C 126 6.28 26.32 51.40
C LEU C 126 5.11 27.11 50.85
N THR C 127 5.42 27.97 49.88
CA THR C 127 4.42 28.67 49.11
C THR C 127 4.77 28.60 47.62
N LYS C 128 3.73 28.73 46.80
CA LYS C 128 3.87 28.62 45.35
C LYS C 128 4.38 29.92 44.73
N MET C 129 5.36 29.82 43.85
CA MET C 129 5.93 30.99 43.16
C MET C 129 4.97 31.55 42.12
N VAL C 130 5.39 32.68 41.54
CA VAL C 130 4.70 33.30 40.41
C VAL C 130 5.45 32.97 39.12
N GLU C 131 4.70 33.00 38.01
CA GLU C 131 5.20 32.50 36.73
C GLU C 131 6.46 33.21 36.24
N SER C 132 6.62 34.52 36.52
CA SER C 132 7.70 35.28 35.92
C SER C 132 9.07 34.70 36.27
N SER C 133 9.32 34.45 37.55
CA SER C 133 10.58 33.85 37.99
C SER C 133 10.51 32.33 38.02
N ALA C 134 9.30 31.76 37.89
CA ALA C 134 9.12 30.31 37.92
C ALA C 134 9.95 29.61 36.87
N SER C 135 10.02 30.17 35.66
CA SER C 135 10.81 29.51 34.60
C SER C 135 12.28 29.45 34.95
N GLU C 136 12.84 30.55 35.44
CA GLU C 136 14.24 30.57 35.82
C GLU C 136 14.54 29.63 36.98
N ALA C 137 13.55 29.39 37.84
CA ALA C 137 13.75 28.49 38.98
C ALA C 137 14.04 27.07 38.53
N MET C 138 13.21 26.54 37.61
CA MET C 138 13.45 25.19 37.09
C MET C 138 14.73 25.14 36.27
N ALA C 139 14.99 26.17 35.45
CA ALA C 139 16.23 26.20 34.67
C ALA C 139 17.44 26.13 35.58
N ASN C 140 17.45 26.90 36.67
CA ASN C 140 18.58 26.88 37.59
C ASN C 140 18.71 25.54 38.28
N LEU C 141 17.59 24.98 38.74
CA LEU C 141 17.60 23.67 39.40
C LEU C 141 18.23 22.62 38.50
N SER C 142 17.79 22.54 37.26
CA SER C 142 18.30 21.52 36.35
C SER C 142 19.76 21.76 35.98
N LEU C 143 20.09 23.00 35.59
CA LEU C 143 21.46 23.32 35.20
C LEU C 143 22.43 23.07 36.35
N GLU C 144 22.04 23.40 37.57
CA GLU C 144 22.89 23.12 38.72
C GLU C 144 22.97 21.62 38.99
N LEU C 145 21.86 20.91 38.80
CA LEU C 145 21.88 19.45 38.97
C LEU C 145 22.86 18.81 38.00
N PHE C 146 22.90 19.30 36.76
CA PHE C 146 23.87 18.78 35.79
C PHE C 146 25.30 19.11 36.20
N ARG C 147 25.54 20.37 36.59
CA ARG C 147 26.88 20.77 37.02
C ARG C 147 27.36 19.93 38.20
N ALA C 148 26.47 19.62 39.14
CA ALA C 148 26.82 18.70 40.22
C ALA C 148 26.94 17.27 39.70
N PHE C 149 26.20 16.94 38.65
CA PHE C 149 26.26 15.62 38.05
C PHE C 149 27.55 15.41 37.28
N LYS C 150 27.94 16.39 36.47
CA LYS C 150 29.14 16.24 35.64
C LYS C 150 30.41 16.09 36.45
N SER C 151 30.42 16.56 37.70
CA SER C 151 31.60 16.40 38.54
C SER C 151 31.74 15.00 39.11
N LYS C 152 30.62 14.34 39.39
CA LYS C 152 30.64 12.99 39.94
C LYS C 152 30.94 11.94 38.87
N MET D 3 25.08 -5.50 17.03
CA MET D 3 23.87 -5.98 16.36
C MET D 3 23.13 -4.82 15.69
N ALA D 4 23.80 -3.68 15.62
CA ALA D 4 23.26 -2.44 15.03
C ALA D 4 21.85 -2.12 15.54
N SER D 5 21.70 -2.07 16.87
CA SER D 5 20.44 -1.70 17.49
C SER D 5 20.72 -0.77 18.66
N PHE D 6 19.64 -0.18 19.20
CA PHE D 6 19.72 0.70 20.34
C PHE D 6 19.18 0.04 21.61
N GLU D 7 19.26 -1.29 21.69
CA GLU D 7 18.69 -1.99 22.83
C GLU D 7 19.48 -1.72 24.11
N LYS D 8 20.79 -1.59 24.00
CA LYS D 8 21.63 -1.33 25.17
C LYS D 8 22.27 0.04 25.10
N PHE D 9 21.48 1.07 24.83
CA PHE D 9 21.97 2.44 24.72
C PHE D 9 21.53 3.22 25.94
N GLU D 10 22.49 3.63 26.76
CA GLU D 10 22.25 4.45 27.93
C GLU D 10 22.03 5.90 27.53
N PRO D 11 21.19 6.63 28.27
CA PRO D 11 20.92 8.03 27.91
C PRO D 11 22.15 8.92 28.01
N ILE D 12 22.09 10.03 27.28
CA ILE D 12 23.19 11.00 27.22
C ILE D 12 22.64 12.36 27.63
N PHE D 13 23.36 13.02 28.55
CA PHE D 13 23.04 14.38 28.97
C PHE D 13 24.27 15.26 28.72
N GLY D 14 24.01 16.51 28.36
CA GLY D 14 25.11 17.42 28.09
C GLY D 14 24.63 18.85 28.03
N GLU D 15 25.59 19.76 27.95
CA GLU D 15 25.35 21.20 27.90
C GLU D 15 25.78 21.72 26.54
N VAL D 16 25.02 22.69 26.02
CA VAL D 16 25.31 23.32 24.74
C VAL D 16 25.08 24.81 24.87
N VAL D 17 25.90 25.57 24.15
CA VAL D 17 25.81 27.04 24.12
C VAL D 17 25.28 27.45 22.76
N PRO D 18 24.18 28.20 22.69
CA PRO D 18 23.66 28.66 21.40
C PRO D 18 24.60 29.65 20.74
N GLU D 19 24.42 29.84 19.43
CA GLU D 19 25.27 30.79 18.67
C GLU D 19 24.45 31.33 17.49
N ARG D 20 23.27 31.89 17.77
CA ARG D 20 22.38 32.37 16.69
C ARG D 20 23.18 33.27 15.74
N SER D 21 23.29 32.87 14.47
CA SER D 21 24.02 33.69 13.46
C SER D 21 23.28 35.02 13.26
N ASP D 22 21.96 34.96 13.12
CA ASP D 22 21.15 36.20 12.94
C ASP D 22 20.94 36.85 14.31
N PRO D 23 21.23 38.16 14.47
CA PRO D 23 21.01 38.85 15.74
C PRO D 23 19.57 39.37 15.85
N LEU D 27 17.42 36.87 23.09
CA LEU D 27 18.51 36.59 24.02
C LEU D 27 18.92 35.12 23.95
N LEU D 28 20.18 34.86 24.30
CA LEU D 28 20.72 33.51 24.32
C LEU D 28 20.92 33.04 25.76
N ARG D 29 20.39 31.86 26.07
CA ARG D 29 20.54 31.27 27.40
C ARG D 29 21.35 29.99 27.31
N ARG D 30 21.52 29.33 28.45
CA ARG D 30 22.28 28.10 28.48
C ARG D 30 21.33 26.91 28.38
N CYS D 31 21.75 25.89 27.64
CA CYS D 31 20.84 24.81 27.29
C CYS D 31 21.38 23.47 27.76
N LEU D 32 20.46 22.57 28.08
CA LEU D 32 20.74 21.17 28.33
C LEU D 32 20.11 20.35 27.22
N PHE D 33 20.76 19.25 26.86
CA PHE D 33 20.16 18.34 25.91
C PHE D 33 20.05 16.94 26.52
N HIS D 34 19.19 16.14 25.91
CA HIS D 34 18.88 14.79 26.37
C HIS D 34 18.75 13.89 25.17
N VAL D 35 19.61 12.88 25.09
CA VAL D 35 19.55 11.89 24.02
C VAL D 35 19.25 10.55 24.66
N TYR D 36 18.29 9.82 24.10
CA TYR D 36 17.87 8.55 24.65
C TYR D 36 17.05 7.82 23.61
N ALA D 37 16.89 6.52 23.81
CA ALA D 37 16.16 5.69 22.87
C ALA D 37 14.68 5.70 23.22
N SER D 38 13.86 6.20 22.30
CA SER D 38 12.42 6.17 22.50
C SER D 38 11.90 4.74 22.32
N ASP D 39 12.26 4.11 21.21
CA ASP D 39 12.10 2.69 21.01
C ASP D 39 13.45 2.14 20.54
N SER D 40 13.55 0.82 20.44
CA SER D 40 14.81 0.17 20.10
C SER D 40 15.32 0.55 18.71
N TYR D 41 14.52 1.30 17.94
CA TYR D 41 14.90 1.68 16.60
C TYR D 41 14.98 3.18 16.36
N ASN D 42 14.51 4.02 17.28
CA ASN D 42 14.54 5.46 17.11
C ASN D 42 15.34 6.10 18.24
N LEU D 43 15.90 7.28 17.96
CA LEU D 43 16.66 8.04 18.93
C LEU D 43 16.04 9.43 19.04
N THR D 44 15.58 9.78 20.23
CA THR D 44 14.89 11.03 20.47
C THR D 44 15.84 12.05 21.08
N VAL D 45 15.86 13.25 20.53
CA VAL D 45 16.74 14.32 20.98
C VAL D 45 15.88 15.47 21.51
N HIS D 46 16.27 16.02 22.66
CA HIS D 46 15.65 17.20 23.22
C HIS D 46 16.74 18.14 23.69
N VAL D 47 16.68 19.40 23.25
CA VAL D 47 17.57 20.45 23.74
C VAL D 47 16.72 21.62 24.17
N THR D 48 16.97 22.15 25.37
CA THR D 48 16.15 23.22 25.90
C THR D 48 16.92 24.01 26.96
N ASP D 49 16.55 25.29 27.08
CA ASP D 49 17.13 26.14 28.15
C ASP D 49 16.15 26.14 29.31
N PHE D 50 15.05 25.39 29.17
CA PHE D 50 14.02 25.27 30.23
C PHE D 50 13.25 26.58 30.39
N ILE D 51 13.36 27.49 29.42
CA ILE D 51 12.59 28.77 29.48
C ILE D 51 12.01 29.10 28.10
N SER D 52 12.86 29.37 27.11
CA SER D 52 12.38 29.79 25.76
C SER D 52 11.44 28.74 25.16
N GLY D 53 11.90 27.50 25.04
CA GLY D 53 11.09 26.44 24.41
C GLY D 53 11.87 25.13 24.35
N VAL D 54 11.53 24.22 23.44
CA VAL D 54 12.22 22.94 23.44
C VAL D 54 12.41 22.57 21.99
N TRP D 55 13.66 22.39 21.57
CA TRP D 55 13.97 21.97 20.21
C TRP D 55 14.24 20.48 20.22
N THR D 56 13.53 19.74 19.36
CA THR D 56 13.56 18.29 19.40
C THR D 56 13.61 17.72 17.99
N THR D 57 14.05 16.48 17.91
CA THR D 57 13.90 15.66 16.72
C THR D 57 13.97 14.21 17.14
N ILE D 58 13.61 13.32 16.21
CA ILE D 58 13.67 11.89 16.42
C ILE D 58 14.49 11.29 15.28
N LEU D 59 15.49 10.48 15.63
CA LEU D 59 16.40 9.91 14.65
C LEU D 59 16.19 8.40 14.57
N SER D 60 15.65 7.94 13.45
CA SER D 60 15.60 6.52 13.16
C SER D 60 16.91 6.09 12.51
N VAL D 61 17.17 4.78 12.54
CA VAL D 61 18.38 4.22 11.96
C VAL D 61 18.56 4.55 10.49
N SER D 62 17.48 4.70 9.73
CA SER D 62 17.62 4.92 8.29
C SER D 62 18.29 6.25 7.95
N GLN D 63 17.62 7.35 8.31
CA GLN D 63 18.19 8.70 8.04
C GLN D 63 19.52 8.84 8.76
N LEU D 64 19.61 8.31 9.98
CA LEU D 64 20.85 8.37 10.76
C LEU D 64 22.00 7.73 10.00
N ASP D 65 21.71 6.69 9.21
CA ASP D 65 22.75 6.05 8.42
C ASP D 65 23.14 6.94 7.24
N ASP D 66 22.20 7.69 6.68
CA ASP D 66 22.52 8.61 5.58
C ASP D 66 23.57 9.62 6.01
N MET D 67 23.59 9.98 7.29
CA MET D 67 24.63 10.86 7.81
C MET D 67 26.01 10.21 7.77
N ARG D 68 26.06 8.91 8.03
CA ARG D 68 27.40 8.31 8.10
C ARG D 68 28.17 8.78 6.88
N ASP D 69 27.50 8.71 5.73
CA ASP D 69 28.22 9.08 4.50
C ASP D 69 28.40 10.59 4.52
N THR D 70 27.36 11.30 4.93
CA THR D 70 27.50 12.77 4.89
C THR D 70 28.76 13.14 5.66
N VAL D 71 29.32 12.19 6.42
CA VAL D 71 30.52 12.49 7.27
C VAL D 71 31.75 11.85 6.64
N GLY D 72 31.95 10.55 6.80
CA GLY D 72 33.07 9.90 6.11
C GLY D 72 33.85 8.93 6.98
N ILE D 73 33.39 8.68 8.20
CA ILE D 73 34.17 7.81 9.11
C ILE D 73 33.73 6.36 8.96
N GLY D 74 33.85 5.81 7.76
CA GLY D 74 33.35 4.45 7.53
C GLY D 74 33.68 3.52 8.70
N GLY D 75 32.71 2.73 9.14
CA GLY D 75 33.00 1.75 10.21
C GLY D 75 31.77 0.95 10.57
N SER D 76 31.93 -0.04 11.43
CA SER D 76 30.75 -0.79 11.90
C SER D 76 29.73 0.22 12.42
N TRP D 77 28.44 -0.05 12.28
CA TRP D 77 27.48 0.88 12.92
C TRP D 77 28.08 1.19 14.27
N SER D 78 28.72 0.20 14.89
CA SER D 78 29.22 0.45 16.24
C SER D 78 30.10 1.69 16.17
N GLU D 79 30.94 1.78 15.16
CA GLU D 79 31.89 2.91 15.09
C GLU D 79 31.11 4.21 14.89
N PHE D 80 30.29 4.27 13.86
CA PHE D 80 29.61 5.55 13.57
C PHE D 80 28.79 5.96 14.78
N VAL D 81 28.51 5.03 15.68
CA VAL D 81 27.76 5.54 16.85
C VAL D 81 28.76 5.99 17.92
N ASP D 82 29.59 5.07 18.41
CA ASP D 82 30.59 5.41 19.43
C ASP D 82 31.22 6.75 19.09
N TYR D 83 31.50 7.01 17.81
CA TYR D 83 32.03 8.34 17.43
C TYR D 83 30.99 9.42 17.79
N THR D 84 29.75 9.23 17.34
CA THR D 84 28.68 10.25 17.58
C THR D 84 28.50 10.50 19.08
N VAL D 85 28.36 9.44 19.89
CA VAL D 85 28.08 9.66 21.33
C VAL D 85 29.23 10.48 21.93
N ALA D 86 30.48 10.12 21.62
CA ALA D 86 31.65 10.83 22.18
C ALA D 86 31.59 12.29 21.73
N SER D 87 31.26 12.54 20.46
CA SER D 87 31.18 13.92 19.94
C SER D 87 30.21 14.73 20.81
N LEU D 88 29.04 14.16 21.09
CA LEU D 88 28.04 14.85 21.94
C LEU D 88 28.59 15.00 23.37
N LYS D 89 29.19 13.92 23.90
CA LYS D 89 29.70 13.94 25.28
C LYS D 89 30.84 14.97 25.40
N SER D 90 31.61 15.15 24.34
CA SER D 90 32.73 16.13 24.35
C SER D 90 32.18 17.55 24.48
N ASP D 91 32.93 18.44 25.15
CA ASP D 91 32.45 19.82 25.39
C ASP D 91 32.77 20.69 24.17
N ASN D 92 32.13 20.41 23.02
CA ASN D 92 32.37 21.22 21.80
C ASN D 92 31.04 21.35 21.04
N VAL D 93 29.98 20.68 21.53
CA VAL D 93 28.66 20.71 20.84
C VAL D 93 28.15 22.15 20.82
N LYS D 94 27.62 22.59 19.68
CA LYS D 94 27.10 23.98 19.55
C LYS D 94 25.75 23.97 18.84
N LEU D 95 24.73 24.61 19.42
CA LEU D 95 23.41 24.71 18.77
C LEU D 95 23.37 25.96 17.89
N LEU D 96 23.02 25.80 16.61
CA LEU D 96 22.94 26.96 15.70
C LEU D 96 21.47 27.20 15.36
N LEU D 97 20.97 28.42 15.61
CA LEU D 97 19.52 28.72 15.38
C LEU D 97 19.37 29.48 14.07
N GLY D 98 18.16 29.44 13.48
CA GLY D 98 17.91 30.15 12.20
C GLY D 98 18.05 31.64 12.36
N LYS D 107 11.08 27.43 13.01
CA LYS D 107 11.67 26.55 14.06
C LYS D 107 12.94 25.90 13.51
N THR D 108 13.95 26.71 13.18
CA THR D 108 15.22 26.18 12.61
C THR D 108 16.29 26.10 13.71
N ALA D 109 16.77 24.88 14.01
CA ALA D 109 17.85 24.72 15.01
C ALA D 109 18.63 23.44 14.69
N ARG D 110 19.96 23.51 14.80
CA ARG D 110 20.80 22.32 14.46
C ARG D 110 21.84 22.11 15.56
N LEU D 111 21.81 20.95 16.21
CA LEU D 111 22.80 20.64 17.28
C LEU D 111 24.05 20.04 16.63
N VAL D 112 24.95 20.89 16.14
CA VAL D 112 26.20 20.40 15.50
C VAL D 112 27.21 20.03 16.60
N SER D 113 28.03 19.01 16.35
CA SER D 113 29.06 18.59 17.34
C SER D 113 30.17 17.81 16.63
N GLN D 114 31.42 18.00 17.05
CA GLN D 114 32.55 17.22 16.47
C GLN D 114 33.48 16.79 17.61
N LYS D 115 33.72 15.48 17.75
CA LYS D 115 34.56 14.99 18.87
C LYS D 115 35.79 15.89 18.98
N ALA D 116 36.45 16.12 17.85
CA ALA D 116 37.61 17.04 17.82
C ALA D 116 37.49 17.94 16.58
N LYS D 117 38.28 19.01 16.51
CA LYS D 117 38.18 19.95 15.36
C LYS D 117 38.43 19.18 14.06
N GLY D 118 39.47 18.35 14.02
CA GLY D 118 39.79 17.57 12.82
C GLY D 118 38.69 16.58 12.47
N MET D 119 38.08 15.98 13.48
CA MET D 119 36.98 15.01 13.26
C MET D 119 35.79 15.73 12.63
N PRO D 120 35.07 15.13 11.65
CA PRO D 120 33.97 15.82 10.96
C PRO D 120 32.81 16.17 11.91
N ARG D 121 31.93 17.08 11.48
CA ARG D 121 30.83 17.55 12.38
C ARG D 121 29.53 16.78 12.10
N ILE D 122 28.79 16.44 13.16
CA ILE D 122 27.50 15.77 13.00
C ILE D 122 26.42 16.82 13.14
N ASN D 123 25.54 16.90 12.15
CA ASN D 123 24.52 17.93 12.07
C ASN D 123 23.16 17.28 12.28
N VAL D 124 22.56 17.54 13.43
CA VAL D 124 21.23 17.04 13.77
C VAL D 124 20.26 18.22 13.70
N PRO D 125 19.42 18.31 12.67
CA PRO D 125 18.44 19.39 12.62
C PRO D 125 17.32 19.15 13.62
N LEU D 126 16.72 20.23 14.08
CA LEU D 126 15.75 20.18 15.17
C LEU D 126 14.59 21.10 14.87
N THR D 127 13.45 20.82 15.49
CA THR D 127 12.29 21.70 15.44
C THR D 127 11.75 21.89 16.86
N LYS D 128 11.04 23.00 17.04
CA LYS D 128 10.50 23.36 18.34
C LYS D 128 9.27 22.52 18.64
N MET D 129 9.18 22.02 19.86
CA MET D 129 8.07 21.19 20.28
C MET D 129 6.76 21.98 20.30
N VAL D 130 5.67 21.34 20.67
CA VAL D 130 4.42 22.03 20.89
C VAL D 130 4.37 22.43 22.36
N GLU D 131 3.72 23.56 22.64
CA GLU D 131 3.76 24.13 23.98
C GLU D 131 3.22 23.15 25.02
N SER D 132 2.18 22.40 24.65
CA SER D 132 1.55 21.47 25.59
C SER D 132 2.51 20.38 26.01
N SER D 133 3.18 19.76 25.05
CA SER D 133 4.09 18.66 25.30
C SER D 133 5.51 19.11 25.61
N ALA D 134 5.84 20.37 25.33
CA ALA D 134 7.18 20.88 25.66
C ALA D 134 7.47 20.77 27.15
N SER D 135 6.45 20.97 27.99
CA SER D 135 6.65 20.92 29.44
C SER D 135 7.13 19.55 29.89
N GLU D 136 6.49 18.48 29.42
CA GLU D 136 6.93 17.14 29.79
C GLU D 136 8.33 16.84 29.27
N ALA D 137 8.76 17.48 28.18
CA ALA D 137 10.10 17.23 27.66
C ALA D 137 11.17 17.65 28.65
N MET D 138 11.05 18.85 29.19
CA MET D 138 11.97 19.33 30.22
C MET D 138 11.84 18.50 31.49
N ALA D 139 10.60 18.19 31.90
CA ALA D 139 10.39 17.38 33.09
C ALA D 139 11.07 16.02 32.96
N ASN D 140 10.93 15.37 31.80
CA ASN D 140 11.59 14.08 31.59
C ASN D 140 13.10 14.23 31.58
N LEU D 141 13.61 15.26 30.88
CA LEU D 141 15.04 15.51 30.85
C LEU D 141 15.58 15.66 32.27
N SER D 142 14.94 16.50 33.07
CA SER D 142 15.40 16.76 34.43
C SER D 142 15.24 15.54 35.32
N LEU D 143 14.05 14.92 35.31
CA LEU D 143 13.82 13.74 36.13
C LEU D 143 14.77 12.62 35.78
N GLU D 144 15.04 12.43 34.48
CA GLU D 144 15.99 11.41 34.05
C GLU D 144 17.42 11.81 34.40
N LEU D 145 17.75 13.11 34.28
CA LEU D 145 19.08 13.58 34.63
C LEU D 145 19.39 13.32 36.11
N PHE D 146 18.40 13.51 36.97
CA PHE D 146 18.59 13.19 38.39
C PHE D 146 18.83 11.71 38.59
N ARG D 147 18.01 10.87 37.94
CA ARG D 147 18.18 9.42 38.06
C ARG D 147 19.59 9.00 37.63
N ALA D 148 20.13 9.63 36.58
CA ALA D 148 21.50 9.34 36.20
C ALA D 148 22.51 9.90 37.20
N PHE D 149 22.17 10.99 37.88
CA PHE D 149 23.07 11.53 38.90
C PHE D 149 23.05 10.67 40.16
N LYS D 150 21.85 10.31 40.62
CA LYS D 150 21.72 9.47 41.81
C LYS D 150 22.31 8.08 41.61
N SER D 151 22.41 7.66 40.34
CA SER D 151 23.01 6.33 40.04
C SER D 151 24.51 6.38 40.27
N LYS D 152 25.11 7.55 40.10
CA LYS D 152 26.58 7.71 40.29
C LYS D 152 26.86 7.82 41.79
N GLN D 153 26.77 6.71 42.53
CA GLN D 153 27.03 6.72 43.99
C GLN D 153 26.51 8.04 44.59
N MET E 3 -53.10 -4.90 -10.28
CA MET E 3 -51.96 -5.68 -9.82
C MET E 3 -51.02 -6.03 -10.98
N ALA E 4 -51.09 -5.18 -12.03
CA ALA E 4 -50.26 -5.39 -13.23
C ALA E 4 -50.02 -4.05 -13.94
N SER E 5 -49.28 -3.14 -13.30
CA SER E 5 -49.02 -1.80 -13.88
C SER E 5 -47.55 -1.44 -13.70
N PHE E 6 -47.10 -0.36 -14.35
CA PHE E 6 -45.68 0.09 -14.21
C PHE E 6 -45.57 1.03 -13.01
N GLU E 7 -46.58 1.03 -12.14
CA GLU E 7 -46.51 1.87 -10.91
C GLU E 7 -45.39 1.32 -10.01
N LYS E 8 -44.82 2.19 -9.17
CA LYS E 8 -43.73 1.75 -8.26
C LYS E 8 -42.66 1.00 -9.06
N PHE E 9 -42.45 1.38 -10.32
CA PHE E 9 -41.37 0.76 -11.13
C PHE E 9 -40.15 1.68 -11.10
N GLU E 10 -39.02 1.18 -10.60
CA GLU E 10 -37.82 2.01 -10.51
C GLU E 10 -37.13 2.11 -11.87
N PRO E 11 -36.52 3.24 -12.17
CA PRO E 11 -35.85 3.41 -13.47
C PRO E 11 -34.66 2.47 -13.61
N ILE E 12 -34.31 2.19 -14.87
CA ILE E 12 -33.22 1.29 -15.21
C ILE E 12 -32.23 2.02 -16.11
N PHE E 13 -30.95 1.93 -15.75
CA PHE E 13 -29.87 2.47 -16.55
C PHE E 13 -28.88 1.36 -16.89
N GLY E 14 -28.28 1.45 -18.07
CA GLY E 14 -27.31 0.44 -18.47
C GLY E 14 -26.53 0.88 -19.68
N GLU E 15 -25.51 0.07 -19.99
CA GLU E 15 -24.63 0.31 -21.14
C GLU E 15 -24.83 -0.78 -22.18
N VAL E 16 -24.75 -0.38 -23.44
CA VAL E 16 -24.90 -1.30 -24.57
C VAL E 16 -23.87 -0.89 -25.63
N VAL E 17 -23.36 -1.89 -26.35
CA VAL E 17 -22.39 -1.66 -27.42
C VAL E 17 -23.12 -1.90 -28.74
N PRO E 18 -23.18 -0.90 -29.63
CA PRO E 18 -23.88 -1.08 -30.90
C PRO E 18 -23.19 -2.08 -31.81
N GLU E 19 -23.94 -2.52 -32.82
CA GLU E 19 -23.43 -3.44 -33.83
C GLU E 19 -24.07 -3.10 -35.17
N ARG E 20 -23.30 -3.28 -36.24
CA ARG E 20 -23.78 -2.97 -37.58
C ARG E 20 -23.66 -4.18 -38.50
N LEU E 27 -20.00 6.16 -37.25
CA LEU E 27 -19.14 5.55 -36.23
C LEU E 27 -19.97 4.91 -35.14
N LEU E 28 -19.42 3.90 -34.49
CA LEU E 28 -20.07 3.26 -33.37
C LEU E 28 -19.37 3.70 -32.09
N ARG E 29 -20.15 4.26 -31.16
CA ARG E 29 -19.64 4.71 -29.88
C ARG E 29 -20.35 3.94 -28.77
N ARG E 30 -20.10 4.33 -27.53
CA ARG E 30 -20.70 3.63 -26.41
C ARG E 30 -22.00 4.32 -26.02
N CYS E 31 -23.01 3.52 -25.70
CA CYS E 31 -24.36 4.01 -25.52
C CYS E 31 -24.85 3.71 -24.11
N LEU E 32 -25.71 4.60 -23.62
CA LEU E 32 -26.44 4.40 -22.38
C LEU E 32 -27.91 4.26 -22.71
N PHE E 33 -28.61 3.45 -21.93
CA PHE E 33 -30.06 3.37 -22.08
C PHE E 33 -30.75 3.72 -20.78
N HIS E 34 -32.02 4.08 -20.90
CA HIS E 34 -32.84 4.51 -19.79
C HIS E 34 -34.24 3.96 -19.97
N VAL E 35 -34.69 3.15 -19.03
CA VAL E 35 -36.04 2.61 -19.03
C VAL E 35 -36.71 3.15 -17.78
N TYR E 36 -37.93 3.68 -17.93
CA TYR E 36 -38.62 4.30 -16.82
C TYR E 36 -40.08 4.44 -17.20
N ALA E 37 -40.92 4.62 -16.17
CA ALA E 37 -42.36 4.72 -16.37
C ALA E 37 -42.73 6.17 -16.63
N SER E 38 -43.21 6.46 -17.85
CA SER E 38 -43.73 7.78 -18.17
C SER E 38 -45.10 7.97 -17.55
N ASP E 39 -46.00 7.01 -17.76
CA ASP E 39 -47.26 6.92 -17.04
C ASP E 39 -47.41 5.52 -16.47
N SER E 40 -48.42 5.33 -15.64
CA SER E 40 -48.60 4.05 -14.95
C SER E 40 -48.88 2.89 -15.90
N TYR E 41 -49.06 3.14 -17.19
CA TYR E 41 -49.36 2.09 -18.15
C TYR E 41 -48.35 1.96 -19.28
N ASN E 42 -47.41 2.89 -19.43
CA ASN E 42 -46.42 2.83 -20.49
C ASN E 42 -45.01 2.85 -19.92
N LEU E 43 -44.08 2.28 -20.68
CA LEU E 43 -42.67 2.24 -20.33
C LEU E 43 -41.88 2.86 -21.48
N THR E 44 -41.14 3.93 -21.18
CA THR E 44 -40.43 4.70 -22.18
C THR E 44 -38.96 4.29 -22.19
N VAL E 45 -38.43 4.05 -23.40
CA VAL E 45 -37.06 3.59 -23.58
C VAL E 45 -36.29 4.68 -24.33
N HIS E 46 -35.06 4.94 -23.88
CA HIS E 46 -34.15 5.86 -24.56
C HIS E 46 -32.77 5.23 -24.63
N VAL E 47 -32.19 5.22 -25.83
CA VAL E 47 -30.81 4.77 -26.04
C VAL E 47 -30.06 5.87 -26.78
N THR E 48 -28.87 6.21 -26.28
CA THR E 48 -28.11 7.27 -26.91
C THR E 48 -26.65 7.13 -26.56
N ASP E 49 -25.79 7.52 -27.50
CA ASP E 49 -24.38 7.71 -27.27
C ASP E 49 -24.03 9.17 -27.05
N PHE E 50 -25.04 10.05 -27.02
CA PHE E 50 -24.89 11.48 -26.75
C PHE E 50 -24.18 12.21 -27.88
N ILE E 51 -23.91 11.53 -29.01
CA ILE E 51 -23.19 12.12 -30.13
C ILE E 51 -24.04 12.09 -31.40
N SER E 52 -24.60 10.93 -31.73
CA SER E 52 -25.30 10.78 -33.01
C SER E 52 -26.79 11.11 -32.92
N GLY E 53 -27.45 10.70 -31.84
CA GLY E 53 -28.87 10.98 -31.68
C GLY E 53 -29.43 10.23 -30.49
N VAL E 54 -30.76 10.16 -30.42
CA VAL E 54 -31.43 9.48 -29.32
C VAL E 54 -32.52 8.59 -29.92
N TRP E 55 -32.49 7.31 -29.58
CA TRP E 55 -33.48 6.33 -30.01
C TRP E 55 -34.50 6.09 -28.91
N THR E 56 -35.80 6.11 -29.25
CA THR E 56 -36.83 6.00 -28.24
C THR E 56 -37.91 5.03 -28.68
N THR E 57 -38.62 4.51 -27.70
CA THR E 57 -39.89 3.80 -27.92
C THR E 57 -40.67 3.84 -26.62
N ILE E 58 -41.94 3.47 -26.70
CA ILE E 58 -42.83 3.39 -25.55
C ILE E 58 -43.47 2.02 -25.51
N LEU E 59 -43.35 1.34 -24.36
CA LEU E 59 -43.88 -0.01 -24.17
C LEU E 59 -45.01 0.05 -23.15
N SER E 60 -46.23 -0.18 -23.62
CA SER E 60 -47.39 -0.29 -22.74
C SER E 60 -47.56 -1.74 -22.25
N VAL E 61 -48.42 -1.90 -21.25
CA VAL E 61 -48.68 -3.22 -20.67
C VAL E 61 -49.12 -4.22 -21.75
N SER E 62 -49.84 -3.74 -22.76
CA SER E 62 -50.26 -4.63 -23.85
C SER E 62 -49.07 -5.07 -24.67
N GLN E 63 -48.31 -4.12 -25.21
CA GLN E 63 -47.15 -4.45 -26.02
C GLN E 63 -46.11 -5.23 -25.23
N LEU E 64 -45.99 -4.94 -23.93
CA LEU E 64 -45.12 -5.74 -23.08
C LEU E 64 -45.61 -7.18 -22.98
N ASP E 65 -46.94 -7.36 -22.94
CA ASP E 65 -47.52 -8.70 -22.86
C ASP E 65 -47.53 -9.40 -24.21
N ASP E 66 -47.76 -8.66 -25.29
CA ASP E 66 -47.74 -9.28 -26.62
C ASP E 66 -46.39 -9.90 -26.92
N MET E 67 -45.32 -9.32 -26.40
CA MET E 67 -44.00 -9.92 -26.53
C MET E 67 -43.90 -11.24 -25.77
N ARG E 68 -44.58 -11.33 -24.62
CA ARG E 68 -44.57 -12.57 -23.84
C ARG E 68 -45.12 -13.73 -24.65
N ASP E 69 -46.15 -13.49 -25.46
CA ASP E 69 -46.70 -14.56 -26.29
C ASP E 69 -45.74 -14.92 -27.42
N THR E 70 -45.08 -13.92 -28.01
CA THR E 70 -44.14 -14.18 -29.09
C THR E 70 -42.84 -14.77 -28.56
N VAL E 71 -42.54 -14.59 -27.26
CA VAL E 71 -41.33 -15.15 -26.67
C VAL E 71 -41.60 -16.44 -25.88
N GLY E 72 -42.86 -16.85 -25.76
CA GLY E 72 -43.15 -18.17 -25.21
C GLY E 72 -43.10 -18.41 -23.72
N ILE E 73 -42.27 -17.68 -22.98
CA ILE E 73 -42.07 -18.01 -21.57
C ILE E 73 -43.31 -17.64 -20.78
N GLY E 74 -43.92 -18.63 -20.12
CA GLY E 74 -45.15 -18.41 -19.40
C GLY E 74 -44.95 -18.11 -17.93
N GLY E 75 -45.96 -17.50 -17.34
CA GLY E 75 -45.93 -17.18 -15.93
C GLY E 75 -46.73 -15.92 -15.64
N SER E 76 -46.79 -15.60 -14.35
CA SER E 76 -47.43 -14.40 -13.86
C SER E 76 -46.74 -13.14 -14.37
N TRP E 77 -47.50 -12.05 -14.40
CA TRP E 77 -46.99 -10.79 -14.97
C TRP E 77 -45.72 -10.34 -14.25
N SER E 78 -45.74 -10.36 -12.93
CA SER E 78 -44.55 -9.96 -12.16
C SER E 78 -43.35 -10.83 -12.52
N GLU E 79 -43.57 -12.13 -12.73
CA GLU E 79 -42.46 -13.02 -13.06
C GLU E 79 -41.84 -12.69 -14.41
N PHE E 80 -42.66 -12.39 -15.42
CA PHE E 80 -42.11 -12.02 -16.72
C PHE E 80 -41.40 -10.66 -16.63
N VAL E 81 -42.00 -9.70 -15.94
CA VAL E 81 -41.40 -8.37 -15.85
C VAL E 81 -40.14 -8.40 -14.98
N ASP E 82 -40.13 -9.22 -13.92
CA ASP E 82 -38.91 -9.37 -13.13
C ASP E 82 -37.80 -9.98 -13.96
N TYR E 83 -38.16 -10.86 -14.88
CA TYR E 83 -37.20 -11.41 -15.83
C TYR E 83 -36.69 -10.32 -16.78
N THR E 84 -37.62 -9.50 -17.28
CA THR E 84 -37.24 -8.40 -18.17
C THR E 84 -36.35 -7.39 -17.45
N VAL E 85 -36.65 -7.13 -16.18
CA VAL E 85 -35.79 -6.26 -15.38
C VAL E 85 -34.40 -6.87 -15.24
N ALA E 86 -34.34 -8.17 -14.96
CA ALA E 86 -33.04 -8.84 -14.86
C ALA E 86 -32.35 -8.86 -16.22
N SER E 87 -33.12 -9.06 -17.30
CA SER E 87 -32.53 -9.09 -18.63
C SER E 87 -31.90 -7.74 -18.99
N LEU E 88 -32.62 -6.68 -18.70
CA LEU E 88 -32.04 -5.42 -19.15
C LEU E 88 -30.90 -5.08 -18.19
N LYS E 89 -30.93 -5.58 -16.97
CA LYS E 89 -29.87 -5.16 -16.02
C LYS E 89 -28.74 -6.17 -16.09
N SER E 90 -28.84 -7.10 -17.03
CA SER E 90 -27.74 -8.08 -17.21
C SER E 90 -26.61 -7.42 -18.00
N ASP E 91 -25.54 -8.16 -18.21
CA ASP E 91 -24.40 -7.63 -18.99
C ASP E 91 -24.62 -8.02 -20.44
N ASN E 92 -25.31 -9.14 -20.64
CA ASN E 92 -25.63 -9.55 -22.03
C ASN E 92 -26.70 -8.59 -22.53
N VAL E 93 -26.37 -7.72 -23.47
CA VAL E 93 -27.37 -6.78 -24.05
C VAL E 93 -26.76 -6.20 -25.31
N LYS E 94 -27.59 -5.76 -26.26
CA LYS E 94 -26.98 -5.32 -27.52
C LYS E 94 -27.92 -4.42 -28.30
N LEU E 95 -27.42 -3.77 -29.34
CA LEU E 95 -28.22 -2.81 -30.11
C LEU E 95 -27.96 -3.06 -31.59
N LEU E 96 -28.81 -3.81 -32.26
CA LEU E 96 -28.68 -4.18 -33.66
C LEU E 96 -29.31 -3.10 -34.55
N LEU E 97 -28.46 -2.42 -35.30
CA LEU E 97 -28.81 -1.34 -36.21
C LEU E 97 -29.16 -1.88 -37.60
N GLY E 98 -30.10 -1.20 -38.27
CA GLY E 98 -30.49 -1.58 -39.61
C GLY E 98 -30.57 -0.41 -40.58
N LYS E 107 -32.97 4.08 -39.97
CA LYS E 107 -33.69 4.78 -38.91
C LYS E 107 -34.39 3.80 -37.98
N THR E 108 -33.89 2.57 -37.93
CA THR E 108 -34.46 1.55 -37.06
C THR E 108 -33.35 0.90 -36.25
N ALA E 109 -33.76 0.21 -35.19
CA ALA E 109 -32.86 -0.52 -34.31
C ALA E 109 -33.69 -1.43 -33.42
N ARG E 110 -33.06 -2.48 -32.89
CA ARG E 110 -33.73 -3.44 -32.03
C ARG E 110 -32.82 -3.72 -30.83
N LEU E 111 -33.15 -3.13 -29.68
CA LEU E 111 -32.43 -3.41 -28.45
C LEU E 111 -32.81 -4.80 -27.98
N VAL E 112 -31.95 -5.78 -28.25
CA VAL E 112 -32.19 -7.15 -27.83
C VAL E 112 -31.49 -7.34 -26.50
N SER E 113 -32.19 -7.99 -25.57
CA SER E 113 -31.65 -8.21 -24.22
C SER E 113 -31.99 -9.61 -23.76
N GLN E 114 -30.99 -10.47 -23.68
CA GLN E 114 -31.14 -11.80 -23.13
C GLN E 114 -30.66 -11.78 -21.68
N LYS E 115 -31.41 -12.44 -20.80
CA LYS E 115 -31.04 -12.42 -19.39
C LYS E 115 -29.74 -13.18 -19.16
N ALA E 116 -29.76 -14.50 -19.36
CA ALA E 116 -28.56 -15.31 -19.37
C ALA E 116 -28.59 -16.20 -20.59
N LYS E 117 -27.54 -17.00 -20.76
CA LYS E 117 -27.48 -17.92 -21.88
C LYS E 117 -28.42 -19.09 -21.60
N GLY E 118 -29.36 -19.32 -22.53
CA GLY E 118 -30.37 -20.34 -22.40
C GLY E 118 -31.78 -19.82 -22.25
N MET E 119 -31.95 -18.51 -22.06
CA MET E 119 -33.27 -17.93 -21.92
C MET E 119 -33.68 -17.14 -23.16
N PRO E 120 -34.98 -16.87 -23.31
CA PRO E 120 -35.46 -16.02 -24.40
C PRO E 120 -34.87 -14.62 -24.38
N ARG E 121 -34.67 -14.06 -25.57
CA ARG E 121 -34.07 -12.74 -25.75
C ARG E 121 -35.18 -11.74 -26.03
N ILE E 122 -35.20 -10.65 -25.28
CA ILE E 122 -36.26 -9.66 -25.39
C ILE E 122 -35.86 -8.65 -26.45
N ASN E 123 -36.75 -8.45 -27.43
CA ASN E 123 -36.48 -7.58 -28.56
C ASN E 123 -37.41 -6.37 -28.45
N VAL E 124 -36.81 -5.22 -28.15
CA VAL E 124 -37.53 -3.95 -28.05
C VAL E 124 -37.19 -3.13 -29.30
N PRO E 125 -38.09 -3.00 -30.26
CA PRO E 125 -37.79 -2.20 -31.45
C PRO E 125 -37.75 -0.72 -31.11
N LEU E 126 -36.97 0.02 -31.90
CA LEU E 126 -36.63 1.40 -31.59
C LEU E 126 -36.67 2.26 -32.86
N THR E 127 -36.92 3.55 -32.67
CA THR E 127 -36.82 4.54 -33.75
C THR E 127 -36.09 5.78 -33.25
N LYS E 128 -35.53 6.53 -34.18
CA LYS E 128 -34.76 7.73 -33.87
C LYS E 128 -35.67 8.90 -33.55
N MET E 129 -35.35 9.63 -32.48
CA MET E 129 -36.14 10.79 -32.08
C MET E 129 -36.01 11.92 -33.11
N VAL E 130 -36.70 13.02 -32.82
CA VAL E 130 -36.57 14.26 -33.56
C VAL E 130 -35.54 15.12 -32.85
N GLU E 131 -34.84 15.95 -33.63
CA GLU E 131 -33.68 16.69 -33.11
C GLU E 131 -34.06 17.55 -31.92
N SER E 132 -35.23 18.16 -31.96
CA SER E 132 -35.63 19.11 -30.91
C SER E 132 -35.77 18.40 -29.58
N SER E 133 -36.46 17.25 -29.56
CA SER E 133 -36.68 16.53 -28.32
C SER E 133 -35.55 15.57 -27.97
N ALA E 134 -34.67 15.25 -28.94
CA ALA E 134 -33.54 14.38 -28.67
C ALA E 134 -32.63 14.96 -27.59
N SER E 135 -32.43 16.29 -27.61
CA SER E 135 -31.56 16.92 -26.61
C SER E 135 -32.11 16.74 -25.20
N GLU E 136 -33.41 17.00 -25.02
CA GLU E 136 -34.00 16.82 -23.70
C GLU E 136 -33.99 15.36 -23.26
N ALA E 137 -34.06 14.43 -24.21
CA ALA E 137 -34.05 13.02 -23.85
C ALA E 137 -32.74 12.59 -23.20
N MET E 138 -31.61 12.92 -23.82
CA MET E 138 -30.31 12.60 -23.22
C MET E 138 -30.10 13.40 -21.94
N ALA E 139 -30.49 14.69 -21.94
CA ALA E 139 -30.38 15.49 -20.73
C ALA E 139 -31.15 14.84 -19.58
N ASN E 140 -32.35 14.32 -19.87
CA ASN E 140 -33.12 13.62 -18.83
C ASN E 140 -32.38 12.38 -18.37
N LEU E 141 -31.82 11.62 -19.32
CA LEU E 141 -31.03 10.43 -18.97
C LEU E 141 -29.91 10.75 -17.98
N SER E 142 -29.12 11.77 -18.28
CA SER E 142 -27.96 12.07 -17.43
C SER E 142 -28.39 12.59 -16.06
N LEU E 143 -29.32 13.56 -16.04
CA LEU E 143 -29.77 14.12 -14.77
C LEU E 143 -30.40 13.07 -13.88
N GLU E 144 -31.17 12.15 -14.46
CA GLU E 144 -31.76 11.08 -13.66
C GLU E 144 -30.71 10.08 -13.19
N LEU E 145 -29.73 9.77 -14.04
CA LEU E 145 -28.67 8.85 -13.63
C LEU E 145 -27.91 9.40 -12.44
N PHE E 146 -27.62 10.71 -12.45
CA PHE E 146 -26.93 11.32 -11.32
C PHE E 146 -27.82 11.31 -10.08
N ARG E 147 -29.10 11.66 -10.23
CA ARG E 147 -30.03 11.64 -9.10
C ARG E 147 -30.09 10.26 -8.46
N ALA E 148 -30.07 9.20 -9.28
CA ALA E 148 -29.99 7.85 -8.73
C ALA E 148 -28.61 7.58 -8.13
N PHE E 149 -27.59 8.22 -8.68
CA PHE E 149 -26.23 8.08 -8.14
C PHE E 149 -26.08 8.87 -6.84
N LYS E 150 -26.54 10.12 -6.82
CA LYS E 150 -26.41 10.96 -5.62
C LYS E 150 -27.24 10.43 -4.45
N SER E 151 -28.09 9.45 -4.71
CA SER E 151 -28.98 8.98 -3.63
C SER E 151 -28.41 7.77 -2.90
N LYS E 152 -27.22 7.30 -3.30
CA LYS E 152 -26.70 6.06 -2.69
C LYS E 152 -25.25 6.25 -2.23
N GLN E 153 -24.85 5.57 -1.15
CA GLN E 153 -23.47 5.69 -0.59
C GLN E 153 -23.22 4.56 0.41
N MET F 3 4.72 13.51 -5.18
CA MET F 3 3.79 14.27 -4.37
C MET F 3 3.27 15.49 -5.13
N ALA F 4 2.17 16.06 -4.65
CA ALA F 4 1.53 17.23 -5.26
C ALA F 4 1.24 17.01 -6.75
N SER F 5 0.53 15.93 -7.04
CA SER F 5 0.13 15.62 -8.41
C SER F 5 -1.32 15.14 -8.41
N PHE F 6 -1.86 14.97 -9.62
CA PHE F 6 -3.23 14.49 -9.79
C PHE F 6 -3.26 13.04 -10.27
N GLU F 7 -2.23 12.26 -9.90
CA GLU F 7 -2.14 10.89 -10.39
C GLU F 7 -3.21 9.98 -9.77
N LYS F 8 -3.53 10.19 -8.49
CA LYS F 8 -4.53 9.37 -7.82
C LYS F 8 -5.73 10.20 -7.43
N PHE F 9 -6.27 10.98 -8.36
CA PHE F 9 -7.40 11.86 -8.10
C PHE F 9 -8.63 11.26 -8.77
N GLU F 10 -9.62 10.86 -7.97
CA GLU F 10 -10.84 10.31 -8.50
C GLU F 10 -11.75 11.41 -9.04
N PRO F 11 -12.52 11.13 -10.09
CA PRO F 11 -13.38 12.16 -10.70
C PRO F 11 -14.47 12.63 -9.75
N ILE F 12 -14.97 13.82 -10.04
CA ILE F 12 -16.02 14.47 -9.25
C ILE F 12 -17.19 14.78 -10.16
N PHE F 13 -18.39 14.39 -9.73
CA PHE F 13 -19.62 14.72 -10.43
C PHE F 13 -20.54 15.49 -9.48
N GLY F 14 -21.29 16.43 -10.04
CA GLY F 14 -22.20 17.21 -9.22
C GLY F 14 -23.16 18.00 -10.08
N GLU F 15 -24.14 18.60 -9.41
CA GLU F 15 -25.15 19.41 -10.06
C GLU F 15 -25.01 20.86 -9.60
N VAL F 16 -25.27 21.79 -10.50
CA VAL F 16 -25.21 23.21 -10.21
C VAL F 16 -26.37 23.90 -10.91
N VAL F 17 -26.89 24.95 -10.29
CA VAL F 17 -27.99 25.74 -10.83
C VAL F 17 -27.43 27.07 -11.30
N PRO F 18 -27.56 27.41 -12.58
CA PRO F 18 -27.04 28.69 -13.08
C PRO F 18 -27.82 29.88 -12.55
N GLU F 19 -27.18 31.04 -12.67
CA GLU F 19 -27.80 32.33 -12.39
C GLU F 19 -27.29 33.33 -13.41
N ARG F 20 -28.15 34.27 -13.76
CA ARG F 20 -27.87 35.26 -14.79
C ARG F 20 -28.14 36.66 -14.26
N SER F 21 -27.62 37.64 -14.99
CA SER F 21 -27.79 39.05 -14.63
C SER F 21 -28.68 39.75 -15.66
N LEU F 27 -34.72 28.78 -20.77
CA LEU F 27 -33.58 29.69 -20.65
C LEU F 27 -32.51 29.11 -19.75
N LEU F 28 -32.77 29.11 -18.45
CA LEU F 28 -31.84 28.53 -17.48
C LEU F 28 -32.41 27.20 -17.00
N ARG F 29 -31.62 26.14 -17.15
CA ARG F 29 -31.96 24.78 -16.77
C ARG F 29 -30.96 24.28 -15.75
N ARG F 30 -31.04 22.99 -15.42
CA ARG F 30 -30.15 22.40 -14.44
C ARG F 30 -28.93 21.82 -15.14
N CYS F 31 -27.77 21.97 -14.50
CA CYS F 31 -26.49 21.66 -15.13
C CYS F 31 -25.77 20.58 -14.33
N LEU F 32 -24.98 19.78 -15.04
CA LEU F 32 -24.07 18.81 -14.45
C LEU F 32 -22.64 19.23 -14.73
N PHE F 33 -21.75 18.95 -13.79
CA PHE F 33 -20.33 19.18 -14.03
C PHE F 33 -19.53 17.90 -13.83
N HIS F 34 -18.31 17.91 -14.39
CA HIS F 34 -17.42 16.76 -14.37
C HIS F 34 -16.00 17.28 -14.17
N VAL F 35 -15.35 16.84 -13.10
CA VAL F 35 -13.97 17.23 -12.81
C VAL F 35 -13.14 15.95 -12.85
N TYR F 36 -12.02 16.01 -13.57
CA TYR F 36 -11.16 14.84 -13.73
C TYR F 36 -9.81 15.29 -14.27
N ALA F 37 -8.82 14.42 -14.11
CA ALA F 37 -7.45 14.71 -14.52
C ALA F 37 -7.22 14.24 -15.94
N SER F 38 -6.89 15.17 -16.82
CA SER F 38 -6.54 14.80 -18.18
C SER F 38 -5.13 14.22 -18.23
N ASP F 39 -4.17 14.92 -17.63
CA ASP F 39 -2.84 14.39 -17.38
C ASP F 39 -2.51 14.59 -15.92
N SER F 40 -1.37 14.02 -15.49
CA SER F 40 -1.00 14.04 -14.08
C SER F 40 -0.76 15.46 -13.54
N TYR F 41 -0.79 16.50 -14.38
CA TYR F 41 -0.54 17.86 -13.91
C TYR F 41 -1.68 18.83 -14.18
N ASN F 42 -2.69 18.46 -14.96
CA ASN F 42 -3.80 19.36 -15.28
C ASN F 42 -5.11 18.73 -14.82
N LEU F 43 -6.09 19.59 -14.56
CA LEU F 43 -7.42 19.18 -14.13
C LEU F 43 -8.44 19.76 -15.10
N THR F 44 -9.21 18.89 -15.75
CA THR F 44 -10.15 19.30 -16.77
C THR F 44 -11.56 19.38 -16.18
N VAL F 45 -12.25 20.50 -16.44
CA VAL F 45 -13.58 20.75 -15.91
C VAL F 45 -14.55 20.84 -17.08
N HIS F 46 -15.72 20.22 -16.91
CA HIS F 46 -16.81 20.29 -17.88
C HIS F 46 -18.09 20.60 -17.14
N VAL F 47 -18.82 21.62 -17.57
CA VAL F 47 -20.14 21.94 -17.04
C VAL F 47 -21.10 22.05 -18.21
N THR F 48 -22.27 21.40 -18.10
CA THR F 48 -23.21 21.39 -19.20
C THR F 48 -24.61 21.09 -18.67
N ASP F 49 -25.60 21.67 -19.35
CA ASP F 49 -27.00 21.30 -19.17
C ASP F 49 -27.47 20.35 -20.25
N PHE F 50 -26.58 19.91 -21.13
CA PHE F 50 -26.79 18.95 -22.20
C PHE F 50 -27.67 19.49 -23.31
N ILE F 51 -28.08 20.76 -23.26
CA ILE F 51 -28.92 21.37 -24.28
C ILE F 51 -28.28 22.63 -24.84
N SER F 52 -27.77 23.50 -23.96
CA SER F 52 -27.26 24.79 -24.41
C SER F 52 -25.80 24.75 -24.82
N GLY F 53 -24.97 24.04 -24.08
CA GLY F 53 -23.57 23.94 -24.43
C GLY F 53 -22.78 23.34 -23.29
N VAL F 54 -21.46 23.47 -23.38
CA VAL F 54 -20.54 22.98 -22.36
C VAL F 54 -19.53 24.08 -22.05
N TRP F 55 -19.47 24.48 -20.78
CA TRP F 55 -18.48 25.45 -20.31
C TRP F 55 -17.34 24.69 -19.65
N THR F 56 -16.11 24.95 -20.09
CA THR F 56 -14.96 24.15 -19.68
C THR F 56 -13.75 25.04 -19.39
N THR F 57 -12.83 24.48 -18.61
CA THR F 57 -11.50 25.02 -18.45
C THR F 57 -10.60 23.88 -18.00
N ILE F 58 -9.30 24.14 -18.03
CA ILE F 58 -8.30 23.17 -17.59
C ILE F 58 -7.43 23.87 -16.55
N LEU F 59 -7.28 23.26 -15.39
CA LEU F 59 -6.54 23.84 -14.27
C LEU F 59 -5.30 22.98 -14.03
N SER F 60 -4.13 23.54 -14.33
CA SER F 60 -2.90 22.87 -13.97
C SER F 60 -2.54 23.22 -12.53
N VAL F 61 -1.61 22.44 -11.96
CA VAL F 61 -1.19 22.66 -10.59
C VAL F 61 -0.70 24.08 -10.36
N SER F 62 -0.12 24.71 -11.39
CA SER F 62 0.36 26.08 -11.24
C SER F 62 -0.78 27.06 -11.02
N GLN F 63 -1.72 27.13 -11.98
CA GLN F 63 -2.84 28.06 -11.87
C GLN F 63 -3.72 27.73 -10.67
N LEU F 64 -3.84 26.45 -10.32
CA LEU F 64 -4.56 26.08 -9.10
C LEU F 64 -3.86 26.64 -7.88
N ASP F 65 -2.53 26.70 -7.91
CA ASP F 65 -1.77 27.25 -6.79
C ASP F 65 -1.86 28.77 -6.77
N ASP F 66 -1.87 29.40 -7.95
CA ASP F 66 -2.01 30.85 -8.02
C ASP F 66 -3.33 31.31 -7.39
N MET F 67 -4.36 30.48 -7.47
CA MET F 67 -5.62 30.81 -6.82
C MET F 67 -5.49 30.83 -5.30
N ARG F 68 -4.64 29.96 -4.74
CA ARG F 68 -4.48 29.90 -3.29
C ARG F 68 -4.07 31.25 -2.72
N ASP F 69 -3.23 32.01 -3.43
CA ASP F 69 -2.83 33.31 -2.93
C ASP F 69 -3.97 34.32 -3.01
N THR F 70 -4.73 34.26 -4.11
CA THR F 70 -5.88 35.18 -4.28
C THR F 70 -6.94 34.84 -3.25
N VAL F 71 -7.25 33.55 -3.09
CA VAL F 71 -8.24 33.11 -2.06
C VAL F 71 -7.72 33.60 -0.70
N GLY F 72 -6.41 33.53 -0.48
CA GLY F 72 -5.83 34.04 0.77
C GLY F 72 -5.53 32.93 1.76
N ILE F 73 -6.03 31.72 1.49
CA ILE F 73 -5.70 30.57 2.38
C ILE F 73 -4.18 30.40 2.41
N GLY F 74 -3.56 30.59 3.57
CA GLY F 74 -2.11 30.35 3.68
C GLY F 74 -1.85 28.90 4.02
N GLY F 75 -2.16 27.98 3.09
CA GLY F 75 -2.03 26.55 3.40
C GLY F 75 -1.19 25.80 2.39
N SER F 76 -0.69 24.61 2.78
CA SER F 76 0.14 23.78 1.86
C SER F 76 -0.71 23.32 0.68
N TRP F 77 -0.06 22.90 -0.41
CA TRP F 77 -0.80 22.47 -1.59
C TRP F 77 -1.77 21.32 -1.27
N SER F 78 -1.27 20.27 -0.60
CA SER F 78 -2.12 19.12 -0.31
C SER F 78 -3.35 19.48 0.53
N GLU F 79 -3.17 20.30 1.56
CA GLU F 79 -4.31 20.67 2.40
C GLU F 79 -5.28 21.59 1.65
N PHE F 80 -4.76 22.50 0.82
CA PHE F 80 -5.63 23.40 0.07
C PHE F 80 -6.52 22.67 -0.92
N VAL F 81 -5.95 21.68 -1.63
CA VAL F 81 -6.72 20.99 -2.67
C VAL F 81 -7.84 20.15 -2.06
N ASP F 82 -7.63 19.58 -0.88
CA ASP F 82 -8.69 18.83 -0.21
C ASP F 82 -9.89 19.71 0.10
N TYR F 83 -9.65 21.00 0.38
CA TYR F 83 -10.74 21.94 0.58
C TYR F 83 -11.52 22.17 -0.72
N THR F 84 -10.78 22.40 -1.82
CA THR F 84 -11.43 22.62 -3.11
C THR F 84 -12.21 21.39 -3.57
N VAL F 85 -11.66 20.20 -3.32
CA VAL F 85 -12.38 18.96 -3.65
C VAL F 85 -13.65 18.86 -2.83
N ALA F 86 -13.55 19.16 -1.53
CA ALA F 86 -14.73 19.14 -0.67
C ALA F 86 -15.71 20.24 -1.05
N SER F 87 -15.19 21.41 -1.43
CA SER F 87 -16.06 22.50 -1.87
C SER F 87 -16.84 22.11 -3.11
N LEU F 88 -16.18 21.43 -4.06
CA LEU F 88 -16.85 21.02 -5.29
C LEU F 88 -17.79 19.84 -5.08
N LYS F 89 -17.77 19.21 -3.91
CA LYS F 89 -18.66 18.10 -3.59
C LYS F 89 -19.70 18.51 -2.54
N SER F 90 -19.80 19.81 -2.29
CA SER F 90 -20.82 20.32 -1.34
C SER F 90 -22.09 20.65 -2.12
N ASP F 91 -22.98 21.45 -1.53
CA ASP F 91 -24.23 21.86 -2.23
C ASP F 91 -24.22 23.38 -2.42
N ASN F 92 -23.06 24.01 -2.25
CA ASN F 92 -22.97 25.49 -2.35
C ASN F 92 -22.40 25.89 -3.71
N VAL F 93 -22.47 25.00 -4.69
CA VAL F 93 -21.89 25.30 -6.01
C VAL F 93 -22.89 26.11 -6.84
N LYS F 94 -22.54 27.36 -7.10
CA LYS F 94 -23.30 28.26 -7.98
C LYS F 94 -22.60 28.43 -9.32
N LEU F 95 -23.38 28.78 -10.34
CA LEU F 95 -22.87 29.04 -11.69
C LEU F 95 -23.26 30.45 -12.10
N LEU F 96 -22.28 31.33 -12.21
CA LEU F 96 -22.50 32.73 -12.52
C LEU F 96 -22.22 32.95 -14.01
N LEU F 97 -23.28 33.17 -14.79
CA LEU F 97 -23.15 33.38 -16.23
C LEU F 97 -23.00 34.87 -16.57
N GLY F 98 -22.24 35.13 -17.65
CA GLY F 98 -22.02 36.48 -18.11
C GLY F 98 -22.25 36.60 -19.60
N GLU F 99 -22.35 37.86 -20.05
CA GLU F 99 -22.72 38.16 -21.43
C GLU F 99 -21.74 37.56 -22.44
N LYS F 107 -21.02 34.21 -22.81
CA LYS F 107 -19.74 33.91 -23.44
C LYS F 107 -18.81 33.18 -22.46
N THR F 108 -18.83 33.63 -21.21
CA THR F 108 -18.02 33.04 -20.16
C THR F 108 -18.90 32.76 -18.95
N ALA F 109 -18.32 32.05 -17.97
CA ALA F 109 -19.03 31.72 -16.75
C ALA F 109 -18.01 31.35 -15.68
N ARG F 110 -18.44 31.42 -14.43
CA ARG F 110 -17.58 31.18 -13.28
C ARG F 110 -18.27 30.23 -12.32
N LEU F 111 -17.83 28.98 -12.31
CA LEU F 111 -18.35 27.97 -11.39
C LEU F 111 -17.82 28.28 -10.00
N VAL F 112 -18.65 28.94 -9.18
CA VAL F 112 -18.29 29.33 -7.81
C VAL F 112 -18.81 28.30 -6.82
N SER F 113 -17.96 27.90 -5.88
CA SER F 113 -18.33 26.96 -4.84
C SER F 113 -17.62 27.35 -3.55
N GLN F 114 -18.19 26.92 -2.42
CA GLN F 114 -17.57 27.10 -1.11
C GLN F 114 -17.92 25.89 -0.26
N LYS F 115 -16.96 25.45 0.55
CA LYS F 115 -17.14 24.24 1.34
C LYS F 115 -18.28 24.39 2.35
N ALA F 116 -18.45 25.59 2.90
CA ALA F 116 -19.53 25.86 3.85
C ALA F 116 -19.87 27.34 3.77
N LYS F 117 -20.87 27.75 4.55
CA LYS F 117 -21.29 29.16 4.55
C LYS F 117 -20.27 30.00 5.32
N GLY F 118 -19.81 31.07 4.69
CA GLY F 118 -18.77 31.91 5.26
C GLY F 118 -17.38 31.34 5.14
N MET F 119 -17.14 30.52 4.12
CA MET F 119 -15.84 29.92 3.84
C MET F 119 -15.22 30.59 2.61
N PRO F 120 -13.93 30.35 2.36
CA PRO F 120 -13.31 30.89 1.14
C PRO F 120 -14.07 30.44 -0.10
N ARG F 121 -14.17 31.34 -1.08
CA ARG F 121 -14.94 31.09 -2.29
C ARG F 121 -13.99 30.75 -3.42
N ILE F 122 -14.20 29.59 -4.03
CA ILE F 122 -13.34 29.09 -5.09
C ILE F 122 -13.92 29.51 -6.43
N ASN F 123 -13.10 30.15 -7.26
CA ASN F 123 -13.53 30.68 -8.55
C ASN F 123 -12.83 29.93 -9.67
N VAL F 124 -13.59 29.12 -10.41
CA VAL F 124 -13.07 28.44 -11.59
C VAL F 124 -13.66 29.12 -12.81
N PRO F 125 -12.90 29.96 -13.51
CA PRO F 125 -13.45 30.61 -14.71
C PRO F 125 -13.59 29.62 -15.86
N LEU F 126 -14.54 29.90 -16.75
CA LEU F 126 -14.92 28.94 -17.78
C LEU F 126 -15.16 29.68 -19.09
N THR F 127 -15.03 28.94 -20.20
CA THR F 127 -15.40 29.43 -21.53
C THR F 127 -16.22 28.35 -22.23
N LYS F 128 -17.04 28.78 -23.19
CA LYS F 128 -17.90 27.86 -23.92
C LYS F 128 -17.11 27.12 -24.99
N MET F 129 -17.33 25.81 -25.07
CA MET F 129 -16.61 24.97 -26.03
C MET F 129 -17.00 25.31 -27.45
N VAL F 130 -16.36 24.62 -28.39
CA VAL F 130 -16.71 24.61 -29.80
C VAL F 130 -17.60 23.40 -30.04
N GLU F 131 -18.49 23.50 -31.02
CA GLU F 131 -19.55 22.52 -31.23
C GLU F 131 -19.01 21.11 -31.47
N SER F 132 -17.89 21.00 -32.19
CA SER F 132 -17.40 19.68 -32.61
C SER F 132 -17.06 18.81 -31.40
N SER F 133 -16.26 19.33 -30.48
CA SER F 133 -15.84 18.57 -29.30
C SER F 133 -16.79 18.72 -28.11
N ALA F 134 -17.70 19.69 -28.14
CA ALA F 134 -18.66 19.85 -27.05
C ALA F 134 -19.51 18.61 -26.86
N SER F 135 -19.88 17.95 -27.97
CA SER F 135 -20.72 16.75 -27.87
C SER F 135 -20.05 15.64 -27.08
N GLU F 136 -18.78 15.38 -27.37
CA GLU F 136 -18.06 14.37 -26.63
C GLU F 136 -17.92 14.72 -25.16
N ALA F 137 -17.96 16.01 -24.83
CA ALA F 137 -17.87 16.39 -23.42
C ALA F 137 -19.02 15.83 -22.61
N MET F 138 -20.25 15.98 -23.13
CA MET F 138 -21.41 15.40 -22.45
C MET F 138 -21.34 13.88 -22.48
N ALA F 139 -20.97 13.31 -23.63
CA ALA F 139 -20.83 11.86 -23.74
C ALA F 139 -19.85 11.32 -22.72
N ASN F 140 -18.69 11.97 -22.56
CA ASN F 140 -17.72 11.52 -21.58
C ASN F 140 -18.26 11.65 -20.16
N LEU F 141 -18.89 12.77 -19.84
CA LEU F 141 -19.45 12.97 -18.51
C LEU F 141 -20.41 11.84 -18.15
N SER F 142 -21.34 11.54 -19.04
CA SER F 142 -22.35 10.52 -18.77
C SER F 142 -21.73 9.13 -18.69
N LEU F 143 -20.90 8.77 -19.68
CA LEU F 143 -20.27 7.44 -19.68
C LEU F 143 -19.43 7.22 -18.44
N GLU F 144 -18.69 8.26 -18.01
CA GLU F 144 -17.92 8.13 -16.78
C GLU F 144 -18.83 8.11 -15.56
N LEU F 145 -19.90 8.91 -15.58
CA LEU F 145 -20.86 8.91 -14.48
C LEU F 145 -21.51 7.55 -14.29
N PHE F 146 -21.85 6.87 -15.39
CA PHE F 146 -22.45 5.55 -15.29
C PHE F 146 -21.49 4.55 -14.66
N ARG F 147 -20.24 4.53 -15.13
CA ARG F 147 -19.24 3.64 -14.54
C ARG F 147 -19.09 3.92 -13.05
N ALA F 148 -19.18 5.19 -12.66
CA ALA F 148 -19.17 5.52 -11.24
C ALA F 148 -20.45 5.08 -10.56
N PHE F 149 -21.58 5.01 -11.29
CA PHE F 149 -22.82 4.57 -10.69
C PHE F 149 -22.81 3.05 -10.48
N LYS F 150 -22.37 2.30 -11.50
CA LYS F 150 -22.33 0.84 -11.38
C LYS F 150 -21.35 0.40 -10.31
N SER F 151 -20.37 1.23 -9.98
CA SER F 151 -19.44 0.94 -8.89
C SER F 151 -20.08 1.21 -7.54
N LYS F 152 -21.02 2.15 -7.48
CA LYS F 152 -21.66 2.50 -6.21
C LYS F 152 -22.66 1.46 -5.76
N GLN F 153 -23.47 0.92 -6.68
CA GLN F 153 -24.36 -0.18 -6.32
C GLN F 153 -23.62 -1.50 -6.16
N HIS F 154 -22.31 -1.53 -6.47
CA HIS F 154 -21.50 -2.72 -6.23
C HIS F 154 -21.27 -2.96 -4.75
N LEU F 155 -21.45 -1.93 -3.91
CA LEU F 155 -21.23 -2.06 -2.47
C LEU F 155 -22.52 -2.46 -1.77
N GLN F 156 -22.41 -3.35 -0.79
CA GLN F 156 -23.54 -3.83 -0.02
C GLN F 156 -23.03 -4.34 1.32
N GLY F 157 -23.95 -4.88 2.12
CA GLY F 157 -23.61 -5.42 3.42
C GLY F 157 -24.29 -6.74 3.73
N MET G 3 41.50 0.74 -17.84
CA MET G 3 41.94 2.14 -17.57
C MET G 3 40.94 2.82 -16.64
N ALA G 4 41.00 4.15 -16.54
CA ALA G 4 40.06 4.90 -15.67
C ALA G 4 39.53 6.13 -16.41
N SER G 5 38.66 5.92 -17.40
CA SER G 5 38.13 7.04 -18.21
C SER G 5 36.64 6.81 -18.51
N PHE G 6 35.95 7.85 -18.98
CA PHE G 6 34.53 7.71 -19.31
C PHE G 6 34.28 7.69 -20.81
N GLU G 7 35.23 7.21 -21.61
CA GLU G 7 35.02 7.21 -23.06
C GLU G 7 33.93 6.23 -23.47
N LYS G 8 33.81 5.12 -22.74
CA LYS G 8 32.79 4.11 -23.04
C LYS G 8 31.74 4.09 -21.94
N PHE G 9 31.23 5.26 -21.57
CA PHE G 9 30.23 5.41 -20.52
C PHE G 9 28.90 5.71 -21.18
N GLU G 10 27.95 4.77 -21.05
CA GLU G 10 26.63 4.99 -21.62
C GLU G 10 25.80 5.92 -20.74
N PRO G 11 24.96 6.75 -21.33
CA PRO G 11 24.14 7.66 -20.52
C PRO G 11 23.15 6.90 -19.67
N ILE G 12 22.75 7.52 -18.57
CA ILE G 12 21.82 6.93 -17.61
C ILE G 12 20.66 7.89 -17.37
N PHE G 13 19.44 7.36 -17.43
CA PHE G 13 18.22 8.09 -17.13
C PHE G 13 17.50 7.38 -15.99
N GLY G 14 16.82 8.15 -15.16
CA GLY G 14 16.13 7.54 -14.03
C GLY G 14 15.13 8.48 -13.40
N GLU G 15 14.37 7.91 -12.47
CA GLU G 15 13.31 8.61 -11.76
C GLU G 15 13.67 8.74 -10.28
N VAL G 16 13.34 9.89 -9.69
CA VAL G 16 13.58 10.15 -8.27
C VAL G 16 12.40 10.91 -7.70
N VAL G 17 12.12 10.64 -6.42
CA VAL G 17 11.08 11.34 -5.67
C VAL G 17 11.78 12.23 -4.65
N PRO G 18 11.55 13.55 -4.66
CA PRO G 18 12.22 14.43 -3.69
C PRO G 18 11.78 14.14 -2.26
N GLU G 19 12.50 14.77 -1.33
CA GLU G 19 12.27 14.55 0.09
C GLU G 19 12.84 15.73 0.86
N ARG G 20 11.98 16.47 1.56
CA ARG G 20 12.40 17.68 2.24
C ARG G 20 12.97 17.36 3.60
N SER G 21 14.12 17.97 3.92
CA SER G 21 14.72 17.80 5.26
C SER G 21 14.68 19.15 5.97
N ASP G 22 14.11 19.20 7.18
CA ASP G 22 13.95 20.50 7.88
C ASP G 22 13.25 21.50 6.94
N PRO G 23 12.01 21.23 6.49
CA PRO G 23 11.33 22.12 5.53
C PRO G 23 10.94 23.45 6.17
N LEU G 27 6.28 22.62 -4.05
CA LEU G 27 5.63 21.37 -4.53
C LEU G 27 6.71 20.31 -4.80
N LEU G 28 6.52 19.10 -4.28
CA LEU G 28 7.49 18.00 -4.50
C LEU G 28 7.24 17.39 -5.88
N ARG G 29 7.41 18.17 -6.94
CA ARG G 29 7.16 17.68 -8.32
C ARG G 29 8.13 16.55 -8.64
N ARG G 30 7.66 15.50 -9.32
CA ARG G 30 8.51 14.33 -9.62
C ARG G 30 9.70 14.75 -10.49
N CYS G 31 10.92 14.47 -10.03
CA CYS G 31 12.15 14.86 -10.78
C CYS G 31 12.72 13.66 -11.55
N LEU G 32 13.31 13.93 -12.72
CA LEU G 32 13.97 12.85 -13.50
C LEU G 32 15.45 13.22 -13.58
N PHE G 33 16.35 12.25 -13.76
CA PHE G 33 17.79 12.60 -13.72
C PHE G 33 18.50 12.15 -15.00
N HIS G 34 19.65 12.78 -15.29
CA HIS G 34 20.44 12.43 -16.47
C HIS G 34 21.91 12.42 -16.09
N VAL G 35 22.57 11.28 -16.29
CA VAL G 35 24.00 11.13 -16.07
C VAL G 35 24.65 10.81 -17.40
N TYR G 36 25.73 11.53 -17.73
CA TYR G 36 26.39 11.36 -19.01
C TYR G 36 27.78 11.97 -18.92
N ALA G 37 28.65 11.51 -19.82
CA ALA G 37 30.05 11.95 -19.84
C ALA G 37 30.21 13.15 -20.75
N SER G 38 30.62 14.28 -20.19
CA SER G 38 30.95 15.43 -21.01
C SER G 38 32.31 15.25 -21.67
N ASP G 39 33.33 14.92 -20.88
CA ASP G 39 34.64 14.51 -21.36
C ASP G 39 35.05 13.23 -20.65
N SER G 40 36.16 12.64 -21.13
CA SER G 40 36.64 11.37 -20.60
C SER G 40 37.05 11.43 -19.15
N TYR G 41 37.04 12.61 -18.54
CA TYR G 41 37.41 12.77 -17.13
C TYR G 41 36.31 13.33 -16.25
N ASN G 42 35.20 13.81 -16.83
CA ASN G 42 34.13 14.39 -16.04
C ASN G 42 32.82 13.66 -16.30
N LEU G 43 31.95 13.67 -15.29
CA LEU G 43 30.62 13.10 -15.36
C LEU G 43 29.62 14.16 -14.91
N THR G 44 28.69 14.51 -15.78
CA THR G 44 27.74 15.58 -15.51
C THR G 44 26.40 14.99 -15.07
N VAL G 45 25.85 15.51 -13.97
CA VAL G 45 24.59 15.03 -13.42
C VAL G 45 23.59 16.17 -13.46
N HIS G 46 22.35 15.86 -13.84
CA HIS G 46 21.26 16.82 -13.89
C HIS G 46 20.02 16.22 -13.23
N VAL G 47 19.40 16.96 -12.31
CA VAL G 47 18.14 16.55 -11.70
C VAL G 47 17.14 17.68 -11.89
N THR G 48 15.93 17.34 -12.36
CA THR G 48 14.93 18.36 -12.62
C THR G 48 13.53 17.76 -12.62
N ASP G 49 12.56 18.56 -12.17
CA ASP G 49 11.15 18.28 -12.32
C ASP G 49 10.53 19.04 -13.48
N PHE G 50 11.33 19.78 -14.24
CA PHE G 50 10.98 20.54 -15.43
C PHE G 50 10.11 21.76 -15.14
N ILE G 51 9.80 22.07 -13.88
CA ILE G 51 9.01 23.25 -13.52
C ILE G 51 9.74 24.13 -12.51
N SER G 52 10.31 23.53 -11.47
CA SER G 52 10.87 24.30 -10.36
C SER G 52 12.31 24.72 -10.59
N GLY G 53 13.12 23.84 -11.17
CA GLY G 53 14.50 24.18 -11.42
C GLY G 53 15.28 22.95 -11.83
N VAL G 54 16.61 23.09 -11.80
CA VAL G 54 17.52 22.01 -12.15
C VAL G 54 18.61 21.93 -11.09
N TRP G 55 18.75 20.76 -10.47
CA TRP G 55 19.85 20.50 -9.53
C TRP G 55 20.93 19.73 -10.28
N THR G 56 22.15 20.26 -10.25
CA THR G 56 23.23 19.73 -11.09
C THR G 56 24.54 19.68 -10.34
N THR G 57 25.43 18.83 -10.84
CA THR G 57 26.83 18.83 -10.45
C THR G 57 27.63 18.12 -11.53
N ILE G 58 28.95 18.21 -11.41
CA ILE G 58 29.87 17.53 -12.31
C ILE G 58 30.85 16.72 -11.46
N LEU G 59 30.99 15.44 -11.79
CA LEU G 59 31.84 14.51 -11.06
C LEU G 59 33.02 14.14 -11.95
N SER G 60 34.21 14.56 -11.55
CA SER G 60 35.40 14.12 -12.26
C SER G 60 35.83 12.76 -11.73
N VAL G 61 36.72 12.11 -12.49
CA VAL G 61 37.25 10.81 -12.07
C VAL G 61 37.83 10.90 -10.67
N SER G 62 38.34 12.07 -10.31
CA SER G 62 38.89 12.26 -8.97
C SER G 62 37.80 12.15 -7.91
N GLN G 63 36.71 12.92 -8.07
CA GLN G 63 35.63 12.89 -7.09
C GLN G 63 35.00 11.51 -6.98
N LEU G 64 34.94 10.76 -8.09
CA LEU G 64 34.48 9.38 -8.00
C LEU G 64 35.43 8.52 -7.18
N ASP G 65 36.73 8.77 -7.29
CA ASP G 65 37.70 7.98 -6.55
C ASP G 65 37.73 8.35 -5.07
N ASP G 66 37.60 9.63 -4.75
CA ASP G 66 37.55 10.03 -3.34
C ASP G 66 36.36 9.41 -2.64
N MET G 67 35.24 9.27 -3.35
CA MET G 67 34.07 8.62 -2.77
C MET G 67 34.28 7.12 -2.57
N ARG G 68 35.02 6.47 -3.48
CA ARG G 68 35.25 5.03 -3.35
C ARG G 68 35.94 4.69 -2.03
N ASP G 69 36.86 5.55 -1.57
CA ASP G 69 37.53 5.29 -0.31
C ASP G 69 36.58 5.52 0.87
N THR G 70 35.74 6.55 0.79
CA THR G 70 34.84 6.91 1.88
C THR G 70 33.65 5.99 2.03
N VAL G 71 33.29 5.21 0.99
CA VAL G 71 32.13 4.33 1.07
C VAL G 71 32.50 2.89 1.40
N GLY G 72 33.73 2.64 1.83
CA GLY G 72 34.06 1.33 2.35
C GLY G 72 34.24 0.22 1.32
N ILE G 73 33.56 0.32 0.19
CA ILE G 73 33.55 -0.76 -0.80
C ILE G 73 34.81 -0.65 -1.64
N GLY G 74 35.69 -1.65 -1.51
CA GLY G 74 36.96 -1.65 -2.20
C GLY G 74 36.94 -2.53 -3.44
N GLY G 75 37.86 -2.23 -4.35
CA GLY G 75 37.97 -2.98 -5.59
C GLY G 75 38.54 -2.11 -6.68
N SER G 76 38.83 -2.76 -7.81
CA SER G 76 39.35 -2.10 -9.00
C SER G 76 38.36 -1.05 -9.50
N TRP G 77 38.88 -0.11 -10.29
CA TRP G 77 38.08 1.02 -10.74
C TRP G 77 36.84 0.58 -11.50
N SER G 78 37.00 -0.37 -12.43
CA SER G 78 35.85 -0.88 -13.18
C SER G 78 34.80 -1.46 -12.24
N GLU G 79 35.24 -2.14 -11.17
CA GLU G 79 34.28 -2.71 -10.21
C GLU G 79 33.51 -1.62 -9.49
N PHE G 80 34.18 -0.54 -9.08
CA PHE G 80 33.47 0.56 -8.43
C PHE G 80 32.52 1.26 -9.40
N VAL G 81 32.98 1.48 -10.63
CA VAL G 81 32.15 2.17 -11.61
C VAL G 81 30.96 1.31 -12.01
N ASP G 82 31.16 0.00 -12.10
CA ASP G 82 30.05 -0.90 -12.37
C ASP G 82 29.03 -0.88 -11.25
N TYR G 83 29.48 -0.72 -10.00
CA TYR G 83 28.55 -0.59 -8.89
C TYR G 83 27.80 0.73 -8.97
N THR G 84 28.50 1.82 -9.28
CA THR G 84 27.84 3.13 -9.38
C THR G 84 26.81 3.13 -10.50
N VAL G 85 27.12 2.50 -11.63
CA VAL G 85 26.15 2.39 -12.72
C VAL G 85 24.94 1.58 -12.28
N ALA G 86 25.18 0.45 -11.62
CA ALA G 86 24.06 -0.37 -11.15
C ALA G 86 23.30 0.31 -10.02
N SER G 87 24.01 0.95 -9.09
CA SER G 87 23.33 1.57 -7.96
C SER G 87 22.46 2.74 -8.37
N LEU G 88 22.97 3.63 -9.21
CA LEU G 88 22.25 4.82 -9.62
C LEU G 88 21.18 4.55 -10.67
N LYS G 89 21.18 3.35 -11.24
CA LYS G 89 20.15 2.96 -12.25
C LYS G 89 19.16 2.02 -11.58
N SER G 90 19.32 1.79 -10.28
CA SER G 90 18.36 0.93 -9.53
C SER G 90 17.08 1.71 -9.25
N ASP G 91 16.13 1.09 -8.55
CA ASP G 91 14.88 1.80 -8.17
C ASP G 91 15.05 2.34 -6.74
N ASN G 92 16.28 2.28 -6.22
CA ASN G 92 16.53 2.72 -4.82
C ASN G 92 17.15 4.12 -4.81
N VAL G 93 16.80 4.98 -5.76
CA VAL G 93 17.46 6.28 -5.82
C VAL G 93 16.53 7.34 -5.23
N LYS G 94 16.93 7.90 -4.08
CA LYS G 94 16.22 8.97 -3.39
C LYS G 94 16.93 10.31 -3.61
N LEU G 95 16.18 11.39 -3.45
CA LEU G 95 16.69 12.75 -3.62
C LEU G 95 16.44 13.53 -2.32
N LEU G 96 17.53 13.86 -1.61
CA LEU G 96 17.47 14.55 -0.33
C LEU G 96 17.79 16.04 -0.49
N LEU G 97 16.79 16.88 -0.23
CA LEU G 97 16.92 18.34 -0.27
C LEU G 97 17.37 18.85 1.10
N GLY G 98 18.12 19.95 1.09
CA GLY G 98 18.61 20.55 2.31
C GLY G 98 18.34 22.06 2.35
N GLU G 99 18.79 22.66 3.44
CA GLU G 99 18.54 24.08 3.74
C GLU G 99 17.04 24.38 3.77
N LYS G 107 19.31 25.49 -2.93
CA LYS G 107 20.73 25.79 -3.04
C LYS G 107 21.56 24.52 -3.11
N THR G 108 21.19 23.51 -2.32
CA THR G 108 21.89 22.23 -2.30
C THR G 108 20.90 21.09 -2.45
N ALA G 109 21.45 19.91 -2.73
CA ALA G 109 20.71 18.65 -2.82
C ALA G 109 21.74 17.53 -2.83
N ARG G 110 21.30 16.34 -2.43
CA ARG G 110 22.19 15.18 -2.39
C ARG G 110 21.46 13.97 -2.98
N LEU G 111 21.77 13.65 -4.23
CA LEU G 111 21.23 12.47 -4.89
C LEU G 111 21.91 11.23 -4.32
N VAL G 112 21.23 10.55 -3.41
CA VAL G 112 21.72 9.32 -2.81
C VAL G 112 21.13 8.15 -3.59
N SER G 113 21.96 7.15 -3.86
CA SER G 113 21.52 5.98 -4.60
C SER G 113 22.08 4.74 -3.91
N GLN G 114 21.42 3.62 -4.13
CA GLN G 114 21.85 2.37 -3.52
C GLN G 114 21.63 1.21 -4.49
N LYS G 115 22.58 0.28 -4.53
CA LYS G 115 22.45 -0.83 -5.50
C LYS G 115 21.36 -1.75 -4.99
N ALA G 116 21.53 -2.20 -3.77
CA ALA G 116 20.51 -3.07 -3.14
C ALA G 116 20.37 -2.63 -1.68
N LYS G 117 19.15 -2.55 -1.18
CA LYS G 117 18.97 -2.01 0.18
C LYS G 117 20.08 -2.56 1.06
N GLY G 118 20.64 -1.70 1.90
CA GLY G 118 21.75 -2.13 2.75
C GLY G 118 23.08 -1.93 2.05
N MET G 119 23.26 -2.49 0.85
CA MET G 119 24.56 -2.39 0.15
C MET G 119 25.00 -0.92 0.13
N PRO G 120 26.31 -0.59 0.01
CA PRO G 120 26.79 0.79 0.11
C PRO G 120 25.95 1.90 -0.54
N ARG G 121 25.91 3.07 0.08
CA ARG G 121 25.11 4.19 -0.47
C ARG G 121 26.03 5.18 -1.18
N ILE G 122 25.69 5.54 -2.42
CA ILE G 122 26.52 6.49 -3.21
C ILE G 122 25.89 7.88 -3.14
N ASN G 123 26.69 8.90 -2.85
CA ASN G 123 26.19 10.26 -2.70
C ASN G 123 26.70 11.15 -3.83
N VAL G 124 25.81 11.98 -4.34
CA VAL G 124 26.16 12.98 -5.35
C VAL G 124 25.61 14.32 -4.88
N PRO G 125 26.43 15.24 -4.38
CA PRO G 125 25.91 16.55 -3.98
C PRO G 125 25.51 17.37 -5.18
N LEU G 126 24.55 18.26 -4.99
CA LEU G 126 23.96 19.00 -6.09
C LEU G 126 23.78 20.45 -5.68
N THR G 127 23.73 21.33 -6.68
CA THR G 127 23.39 22.73 -6.49
C THR G 127 22.37 23.14 -7.53
N LYS G 128 21.61 24.18 -7.21
CA LYS G 128 20.57 24.65 -8.11
C LYS G 128 21.22 25.43 -9.24
N MET G 129 20.84 25.11 -10.47
CA MET G 129 21.42 25.78 -11.61
C MET G 129 20.95 27.24 -11.68
N VAL G 130 21.46 27.98 -12.65
CA VAL G 130 21.02 29.35 -12.92
C VAL G 130 19.96 29.30 -14.00
N GLU G 131 19.04 30.27 -13.97
CA GLU G 131 17.85 30.22 -14.82
C GLU G 131 18.22 30.11 -16.30
N SER G 132 19.32 30.75 -16.70
CA SER G 132 19.68 30.79 -18.12
C SER G 132 19.95 29.40 -18.67
N SER G 133 20.79 28.62 -17.98
CA SER G 133 21.16 27.29 -18.42
C SER G 133 20.21 26.20 -17.94
N ALA G 134 19.38 26.50 -16.94
CA ALA G 134 18.44 25.50 -16.42
C ALA G 134 17.51 25.00 -17.52
N SER G 135 17.09 25.89 -18.42
CA SER G 135 16.17 25.47 -19.49
C SER G 135 16.77 24.42 -20.41
N GLU G 136 18.00 24.64 -20.87
CA GLU G 136 18.65 23.66 -21.75
C GLU G 136 18.92 22.33 -21.05
N ALA G 137 19.05 22.33 -19.72
CA ALA G 137 19.27 21.07 -19.02
C ALA G 137 18.10 20.12 -19.24
N MET G 138 16.88 20.64 -19.09
CA MET G 138 15.70 19.83 -19.34
C MET G 138 15.58 19.49 -20.82
N ALA G 139 15.83 20.47 -21.69
CA ALA G 139 15.76 20.22 -23.13
C ALA G 139 16.72 19.12 -23.56
N ASN G 140 17.96 19.15 -23.07
CA ASN G 140 18.93 18.12 -23.41
C ASN G 140 18.50 16.77 -22.87
N LEU G 141 18.02 16.73 -21.62
CA LEU G 141 17.54 15.49 -21.01
C LEU G 141 16.49 14.79 -21.87
N SER G 142 15.47 15.52 -22.30
CA SER G 142 14.38 14.90 -23.04
C SER G 142 14.85 14.41 -24.40
N LEU G 143 15.55 15.26 -25.15
CA LEU G 143 16.04 14.86 -26.47
C LEU G 143 16.97 13.66 -26.38
N GLU G 144 17.84 13.64 -25.36
CA GLU G 144 18.71 12.49 -25.19
C GLU G 144 17.93 11.26 -24.73
N LEU G 145 16.94 11.46 -23.86
CA LEU G 145 16.10 10.35 -23.43
C LEU G 145 15.32 9.76 -24.61
N PHE G 146 14.81 10.62 -25.49
CA PHE G 146 14.07 10.15 -26.65
C PHE G 146 14.97 9.36 -27.59
N ARG G 147 16.17 9.89 -27.87
CA ARG G 147 17.10 9.18 -28.75
C ARG G 147 17.41 7.80 -28.20
N ALA G 148 17.53 7.67 -26.87
CA ALA G 148 17.70 6.35 -26.27
C ALA G 148 16.42 5.53 -26.34
N PHE G 149 15.25 6.20 -26.33
CA PHE G 149 13.99 5.47 -26.42
C PHE G 149 13.76 4.94 -27.83
N LYS G 150 13.98 5.79 -28.84
CA LYS G 150 13.80 5.36 -30.23
C LYS G 150 14.78 4.26 -30.62
N SER G 151 15.91 4.15 -29.94
CA SER G 151 16.87 3.08 -30.23
C SER G 151 16.44 1.75 -29.63
N LYS G 152 15.72 1.77 -28.50
CA LYS G 152 15.27 0.55 -27.85
C LYS G 152 14.11 -0.12 -28.58
N GLN G 153 13.47 0.59 -29.51
CA GLN G 153 12.47 -0.04 -30.37
C GLN G 153 13.15 -0.79 -31.53
N HIS G 154 14.25 -0.23 -32.03
CA HIS G 154 14.98 -0.81 -33.17
C HIS G 154 16.01 -1.85 -32.74
N LEU G 155 15.86 -2.41 -31.55
CA LEU G 155 16.80 -3.43 -31.08
C LEU G 155 16.08 -4.47 -30.22
N MET H 3 -14.95 -0.23 -31.84
CA MET H 3 -15.32 0.93 -31.03
C MET H 3 -14.51 2.16 -31.43
N ALA H 4 -15.22 3.20 -31.86
CA ALA H 4 -14.62 4.45 -32.32
C ALA H 4 -14.31 5.38 -31.14
N SER H 5 -13.51 4.85 -30.21
CA SER H 5 -13.10 5.60 -29.04
C SER H 5 -11.59 5.43 -28.83
N PHE H 6 -11.07 6.20 -27.86
CA PHE H 6 -9.65 6.22 -27.53
C PHE H 6 -9.36 5.47 -26.23
N GLU H 7 -10.15 4.45 -25.90
CA GLU H 7 -9.96 3.75 -24.63
C GLU H 7 -8.67 2.97 -24.60
N LYS H 8 -8.28 2.37 -25.73
CA LYS H 8 -7.06 1.57 -25.78
C LYS H 8 -6.02 2.20 -26.70
N PHE H 9 -5.77 3.50 -26.53
CA PHE H 9 -4.82 4.23 -27.36
C PHE H 9 -3.58 4.52 -26.52
N GLU H 10 -2.45 3.91 -26.88
CA GLU H 10 -1.22 4.19 -26.15
C GLU H 10 -0.62 5.50 -26.63
N PRO H 11 0.01 6.27 -25.74
CA PRO H 11 0.59 7.55 -26.17
C PRO H 11 1.76 7.35 -27.11
N ILE H 12 1.99 8.35 -27.96
CA ILE H 12 3.06 8.33 -28.94
C ILE H 12 3.86 9.62 -28.83
N PHE H 13 5.18 9.49 -28.85
CA PHE H 13 6.11 10.62 -28.82
C PHE H 13 6.98 10.59 -30.07
N GLY H 14 7.41 11.77 -30.51
CA GLY H 14 8.23 11.88 -31.71
C GLY H 14 8.94 13.21 -31.77
N GLU H 15 9.84 13.32 -32.76
CA GLU H 15 10.66 14.50 -32.93
C GLU H 15 10.28 15.27 -34.19
N VAL H 16 10.35 16.60 -34.10
CA VAL H 16 10.03 17.48 -35.22
C VAL H 16 11.04 18.61 -35.29
N VAL H 17 11.35 19.03 -36.52
CA VAL H 17 12.18 20.19 -36.80
C VAL H 17 11.29 21.25 -37.46
N PRO H 18 11.15 22.45 -36.88
CA PRO H 18 10.33 23.49 -37.50
C PRO H 18 10.92 24.00 -38.81
N LEU H 27 16.11 31.37 -34.66
CA LEU H 27 15.67 30.90 -33.35
C LEU H 27 14.80 29.65 -33.47
N LEU H 28 15.36 28.60 -34.07
CA LEU H 28 14.70 27.33 -34.22
C LEU H 28 15.31 26.33 -33.24
N ARG H 29 14.77 25.12 -33.20
CA ARG H 29 15.28 24.10 -32.30
C ARG H 29 14.74 22.75 -32.74
N ARG H 30 15.08 21.71 -31.98
CA ARG H 30 14.53 20.39 -32.18
C ARG H 30 13.39 20.22 -31.19
N CYS H 31 12.30 19.62 -31.63
CA CYS H 31 11.09 19.58 -30.84
C CYS H 31 10.64 18.15 -30.62
N LEU H 32 10.01 17.92 -29.46
CA LEU H 32 9.34 16.68 -29.17
C LEU H 32 7.83 16.93 -29.05
N PHE H 33 7.05 15.94 -29.46
CA PHE H 33 5.62 16.01 -29.26
C PHE H 33 5.15 14.78 -28.49
N HIS H 34 3.95 14.90 -27.93
CA HIS H 34 3.32 13.85 -27.14
C HIS H 34 1.85 13.86 -27.45
N VAL H 35 1.33 12.73 -27.95
CA VAL H 35 -0.09 12.61 -28.25
C VAL H 35 -0.63 11.51 -27.33
N TYR H 36 -1.77 11.78 -26.71
CA TYR H 36 -2.36 10.86 -25.76
C TYR H 36 -3.81 11.26 -25.53
N ALA H 37 -4.58 10.33 -24.99
CA ALA H 37 -6.01 10.51 -24.77
C ALA H 37 -6.26 11.14 -23.41
N SER H 38 -6.84 12.34 -23.41
CA SER H 38 -7.21 12.97 -22.16
C SER H 38 -8.45 12.31 -21.57
N ASP H 39 -9.50 12.14 -22.37
CA ASP H 39 -10.62 11.29 -22.04
C ASP H 39 -10.84 10.35 -23.22
N SER H 40 -11.74 9.38 -23.03
CA SER H 40 -11.98 8.36 -24.05
C SER H 40 -12.50 8.94 -25.37
N TYR H 41 -12.77 10.25 -25.40
CA TYR H 41 -13.27 10.90 -26.60
C TYR H 41 -12.40 12.03 -27.14
N ASN H 42 -11.37 12.46 -26.40
CA ASN H 42 -10.51 13.55 -26.86
C ASN H 42 -9.07 13.07 -26.97
N LEU H 43 -8.31 13.73 -27.84
CA LEU H 43 -6.90 13.43 -28.06
C LEU H 43 -6.11 14.71 -27.84
N THR H 44 -5.17 14.67 -26.90
CA THR H 44 -4.40 15.85 -26.52
C THR H 44 -3.05 15.81 -27.22
N VAL H 45 -2.68 16.93 -27.84
CA VAL H 45 -1.42 17.07 -28.56
C VAL H 45 -0.59 18.13 -27.86
N HIS H 46 0.69 17.84 -27.66
CA HIS H 46 1.64 18.80 -27.10
C HIS H 46 2.93 18.74 -27.92
N VAL H 47 3.39 19.90 -28.37
CA VAL H 47 4.68 20.01 -29.06
C VAL H 47 5.51 21.08 -28.36
N THR H 48 6.77 20.75 -28.05
CA THR H 48 7.60 21.68 -27.31
C THR H 48 9.07 21.40 -27.58
N ASP H 49 9.86 22.47 -27.55
CA ASP H 49 11.32 22.37 -27.53
C ASP H 49 11.87 22.53 -26.12
N PHE H 50 11.01 22.63 -25.11
CA PHE H 50 11.36 22.71 -23.70
C PHE H 50 12.04 24.02 -23.34
N ILE H 51 12.13 24.97 -24.28
CA ILE H 51 12.80 26.24 -24.05
C ILE H 51 11.85 27.42 -24.29
N SER H 52 11.18 27.42 -25.44
CA SER H 52 10.36 28.56 -25.85
C SER H 52 8.92 28.47 -25.39
N GLY H 53 8.32 27.28 -25.45
CA GLY H 53 6.93 27.14 -25.05
C GLY H 53 6.42 25.76 -25.44
N VAL H 54 5.09 25.64 -25.42
CA VAL H 54 4.42 24.38 -25.74
C VAL H 54 3.31 24.68 -26.75
N TRP H 55 3.33 23.98 -27.88
CA TRP H 55 2.27 24.08 -28.87
C TRP H 55 1.31 22.92 -28.64
N THR H 56 0.03 23.22 -28.47
CA THR H 56 -0.94 22.22 -28.05
C THR H 56 -2.26 22.37 -28.80
N THR H 57 -3.01 21.28 -28.80
CA THR H 57 -4.40 21.28 -29.25
C THR H 57 -5.11 20.08 -28.64
N ILE H 58 -6.43 20.05 -28.79
CA ILE H 58 -7.26 18.95 -28.32
C ILE H 58 -8.10 18.47 -29.50
N LEU H 59 -8.02 17.18 -29.81
CA LEU H 59 -8.74 16.56 -30.93
C LEU H 59 -9.74 15.53 -30.42
N SER H 60 -11.02 15.82 -30.61
CA SER H 60 -12.06 14.84 -30.33
C SER H 60 -12.26 13.91 -31.53
N VAL H 61 -12.98 12.82 -31.28
CA VAL H 61 -13.28 11.85 -32.34
C VAL H 61 -13.96 12.52 -33.52
N SER H 62 -14.70 13.60 -33.27
CA SER H 62 -15.38 14.31 -34.36
C SER H 62 -14.38 14.93 -35.33
N GLN H 63 -13.47 15.77 -34.82
CA GLN H 63 -12.49 16.42 -35.69
C GLN H 63 -11.62 15.41 -36.41
N LEU H 64 -11.32 14.28 -35.77
CA LEU H 64 -10.59 13.22 -36.45
C LEU H 64 -11.39 12.66 -37.62
N ASP H 65 -12.72 12.58 -37.48
CA ASP H 65 -13.54 12.05 -38.57
C ASP H 65 -13.68 13.07 -39.70
N ASP H 66 -13.86 14.34 -39.36
CA ASP H 66 -13.93 15.38 -40.39
C ASP H 66 -12.64 15.48 -41.17
N MET H 67 -11.50 15.25 -40.51
CA MET H 67 -10.21 15.30 -41.19
C MET H 67 -10.05 14.16 -42.19
N ARG H 68 -10.67 13.01 -41.88
CA ARG H 68 -10.59 11.83 -42.79
C ARG H 68 -11.18 12.20 -44.15
N ASP H 69 -12.34 12.89 -44.15
CA ASP H 69 -12.99 13.25 -45.41
C ASP H 69 -12.28 14.39 -46.11
N THR H 70 -11.75 15.35 -45.37
CA THR H 70 -11.13 16.51 -46.00
C THR H 70 -9.82 16.17 -46.68
N VAL H 71 -9.13 15.10 -46.23
CA VAL H 71 -7.91 14.65 -46.89
C VAL H 71 -8.16 13.39 -47.73
N GLY H 72 -9.43 13.00 -47.89
CA GLY H 72 -9.79 11.95 -48.83
C GLY H 72 -9.48 10.53 -48.44
N ILE H 73 -9.03 10.26 -47.20
CA ILE H 73 -8.61 8.91 -46.85
C ILE H 73 -9.82 8.09 -46.39
N GLY H 74 -10.56 7.54 -47.34
CA GLY H 74 -11.72 6.75 -46.99
C GLY H 74 -11.36 5.43 -46.35
N GLY H 75 -12.36 4.82 -45.71
CA GLY H 75 -12.22 3.51 -45.11
C GLY H 75 -12.81 3.47 -43.72
N SER H 76 -12.59 2.35 -43.04
CA SER H 76 -13.07 2.14 -41.69
C SER H 76 -12.26 2.97 -40.69
N TRP H 77 -12.90 3.28 -39.56
CA TRP H 77 -12.29 4.18 -38.57
C TRP H 77 -10.95 3.63 -38.07
N SER H 78 -10.92 2.35 -37.72
CA SER H 78 -9.67 1.75 -37.26
C SER H 78 -8.57 1.87 -38.30
N GLU H 79 -8.92 1.72 -39.58
CA GLU H 79 -7.92 1.84 -40.64
C GLU H 79 -7.39 3.27 -40.75
N PHE H 80 -8.26 4.26 -40.60
CA PHE H 80 -7.81 5.65 -40.64
C PHE H 80 -6.92 5.97 -39.46
N VAL H 81 -7.28 5.48 -38.27
CA VAL H 81 -6.49 5.78 -37.07
C VAL H 81 -5.14 5.08 -37.15
N ASP H 82 -5.09 3.87 -37.71
CA ASP H 82 -3.82 3.19 -37.92
C ASP H 82 -2.93 3.95 -38.89
N TYR H 83 -3.53 4.59 -39.89
CA TYR H 83 -2.76 5.45 -40.80
C TYR H 83 -2.24 6.67 -40.05
N THR H 84 -3.09 7.27 -39.23
CA THR H 84 -2.70 8.44 -38.44
C THR H 84 -1.58 8.12 -37.47
N VAL H 85 -1.62 6.93 -36.87
CA VAL H 85 -0.56 6.52 -35.95
C VAL H 85 0.77 6.39 -36.68
N ALA H 86 0.76 5.82 -37.89
CA ALA H 86 2.00 5.68 -38.65
C ALA H 86 2.54 7.03 -39.10
N SER H 87 1.65 7.93 -39.53
CA SER H 87 2.08 9.25 -39.97
C SER H 87 2.71 10.03 -38.84
N LEU H 88 2.14 9.92 -37.63
CA LEU H 88 2.65 10.69 -36.49
C LEU H 88 3.99 10.19 -35.98
N LYS H 89 4.49 9.07 -36.49
CA LYS H 89 5.79 8.55 -36.05
C LYS H 89 6.62 8.07 -37.23
N SER H 90 6.49 8.76 -38.38
CA SER H 90 7.17 8.27 -39.61
C SER H 90 8.46 9.03 -39.88
N ASP H 91 8.82 10.00 -39.02
CA ASP H 91 10.05 10.82 -39.22
C ASP H 91 9.82 11.79 -40.37
N ASN H 92 8.66 11.72 -41.03
CA ASN H 92 8.33 12.67 -42.12
C ASN H 92 7.47 13.78 -41.51
N VAL H 93 7.59 13.99 -40.20
CA VAL H 93 6.72 14.97 -39.50
C VAL H 93 7.36 16.36 -39.53
N LYS H 94 6.63 17.36 -40.02
CA LYS H 94 7.12 18.74 -39.98
C LYS H 94 6.28 19.55 -39.00
N LEU H 95 6.88 20.63 -38.49
CA LEU H 95 6.19 21.54 -37.59
C LEU H 95 6.27 22.91 -38.26
N LEU H 96 5.14 23.39 -38.77
CA LEU H 96 5.08 24.63 -39.52
C LEU H 96 4.57 25.76 -38.62
N LEU H 97 5.44 26.72 -38.35
CA LEU H 97 5.05 27.87 -37.54
C LEU H 97 4.39 28.90 -38.46
N GLY H 98 3.96 30.02 -37.88
CA GLY H 98 3.29 31.04 -38.66
C GLY H 98 3.83 32.43 -38.36
N GLU H 99 2.91 33.38 -38.29
CA GLU H 99 3.25 34.79 -38.17
C GLU H 99 3.57 35.19 -36.73
N LYS H 107 0.67 31.77 -31.48
CA LYS H 107 -0.40 30.75 -31.41
C LYS H 107 -0.64 30.17 -32.81
N THR H 108 0.35 30.26 -33.69
CA THR H 108 0.19 29.76 -35.07
C THR H 108 1.11 28.55 -35.29
N ALA H 109 0.51 27.37 -35.51
CA ALA H 109 1.30 26.14 -35.76
C ALA H 109 0.41 25.08 -36.40
N ARG H 110 0.99 24.20 -37.21
CA ARG H 110 0.21 23.14 -37.85
C ARG H 110 1.12 21.92 -37.94
N LEU H 111 0.90 20.95 -37.07
CA LEU H 111 1.70 19.73 -37.12
C LEU H 111 1.28 18.95 -38.35
N VAL H 112 2.05 19.08 -39.41
CA VAL H 112 1.79 18.40 -40.67
C VAL H 112 2.61 17.13 -40.68
N SER H 113 1.98 16.04 -41.12
CA SER H 113 2.68 14.72 -41.10
C SER H 113 2.22 13.88 -42.29
N GLN H 114 2.96 12.81 -42.61
CA GLN H 114 2.61 11.99 -43.79
C GLN H 114 3.29 10.62 -43.66
N LYS H 115 2.50 9.55 -43.59
CA LYS H 115 3.08 8.20 -43.38
C LYS H 115 4.22 7.99 -44.38
N ALA H 116 3.93 8.10 -45.68
CA ALA H 116 4.96 7.85 -46.71
C ALA H 116 4.97 9.00 -47.72
N LYS H 117 5.96 9.00 -48.64
CA LYS H 117 6.04 10.06 -49.67
C LYS H 117 4.80 10.00 -50.57
N GLY H 118 4.28 11.16 -50.99
CA GLY H 118 3.08 11.19 -51.84
C GLY H 118 1.91 10.48 -51.19
N MET H 119 1.66 10.78 -49.91
CA MET H 119 0.53 10.15 -49.18
C MET H 119 -0.37 11.27 -48.63
N PRO H 120 -1.64 11.00 -48.24
CA PRO H 120 -2.48 12.03 -47.64
C PRO H 120 -1.75 12.71 -46.47
N ARG H 121 -1.70 14.05 -46.49
CA ARG H 121 -1.00 14.81 -45.42
C ARG H 121 -2.00 15.21 -44.33
N ILE H 122 -1.75 14.79 -43.08
CA ILE H 122 -2.67 15.12 -41.95
C ILE H 122 -2.27 16.48 -41.38
N ASN H 123 -3.23 17.39 -41.22
CA ASN H 123 -2.92 18.76 -40.72
C ASN H 123 -3.62 18.99 -39.38
N VAL H 124 -2.93 18.73 -38.26
CA VAL H 124 -3.51 18.94 -36.94
C VAL H 124 -3.00 20.31 -36.50
N PRO H 125 -3.86 21.33 -36.50
CA PRO H 125 -3.43 22.67 -36.12
C PRO H 125 -3.13 22.76 -34.64
N LEU H 126 -2.25 23.72 -34.31
CA LEU H 126 -1.74 23.88 -32.96
C LEU H 126 -1.71 25.36 -32.62
N THR H 127 -1.81 25.66 -31.33
CA THR H 127 -1.65 27.01 -30.81
C THR H 127 -0.76 26.96 -29.58
N LYS H 128 -0.15 28.10 -29.27
CA LYS H 128 0.77 28.17 -28.14
C LYS H 128 -0.01 28.16 -26.83
N MET H 129 0.45 27.34 -25.89
CA MET H 129 -0.17 27.19 -24.58
C MET H 129 -0.07 28.49 -23.77
N VAL H 130 -0.61 28.48 -22.56
CA VAL H 130 -0.45 29.62 -21.67
C VAL H 130 0.79 29.38 -20.83
N GLU H 131 1.46 30.48 -20.45
CA GLU H 131 2.77 30.38 -19.81
C GLU H 131 2.72 29.56 -18.53
N SER H 132 1.64 29.70 -17.76
CA SER H 132 1.56 29.04 -16.46
C SER H 132 1.57 27.52 -16.61
N SER H 133 0.76 26.99 -17.53
CA SER H 133 0.62 25.55 -17.72
C SER H 133 1.63 24.96 -18.68
N ALA H 134 2.36 25.80 -19.44
CA ALA H 134 3.36 25.27 -20.38
C ALA H 134 4.40 24.42 -19.67
N SER H 135 4.82 24.82 -18.48
CA SER H 135 5.82 24.04 -17.74
C SER H 135 5.29 22.65 -17.40
N GLU H 136 4.05 22.58 -16.91
CA GLU H 136 3.48 21.28 -16.57
C GLU H 136 3.34 20.38 -17.79
N ALA H 137 3.17 20.96 -18.97
CA ALA H 137 3.06 20.16 -20.19
C ALA H 137 4.36 19.41 -20.47
N MET H 138 5.49 20.12 -20.38
CA MET H 138 6.78 19.48 -20.65
C MET H 138 7.09 18.41 -19.62
N ALA H 139 6.82 18.69 -18.34
CA ALA H 139 7.06 17.69 -17.31
C ALA H 139 6.27 16.42 -17.58
N ASN H 140 5.00 16.55 -17.97
CA ASN H 140 4.19 15.38 -18.28
C ASN H 140 4.74 14.65 -19.49
N LEU H 141 5.08 15.39 -20.55
CA LEU H 141 5.65 14.78 -21.74
C LEU H 141 6.89 13.96 -21.39
N SER H 142 7.82 14.56 -20.64
CA SER H 142 9.06 13.89 -20.30
C SER H 142 8.82 12.72 -19.34
N LEU H 143 8.08 12.96 -18.26
CA LEU H 143 7.82 11.91 -17.28
C LEU H 143 7.12 10.72 -17.90
N GLU H 144 6.15 10.98 -18.79
CA GLU H 144 5.47 9.88 -19.48
C GLU H 144 6.40 9.20 -20.47
N LEU H 145 7.25 9.97 -21.15
CA LEU H 145 8.21 9.39 -22.08
C LEU H 145 9.17 8.44 -21.35
N PHE H 146 9.61 8.81 -20.15
CA PHE H 146 10.49 7.93 -19.39
C PHE H 146 9.75 6.66 -18.96
N ARG H 147 8.53 6.81 -18.44
CA ARG H 147 7.75 5.64 -18.04
C ARG H 147 7.55 4.70 -19.24
N ALA H 148 7.35 5.26 -20.44
CA ALA H 148 7.29 4.44 -21.64
C ALA H 148 8.66 3.86 -21.99
N PHE H 149 9.74 4.54 -21.57
CA PHE H 149 11.08 4.04 -21.85
C PHE H 149 11.38 2.82 -20.98
N LYS H 150 11.06 2.89 -19.69
CA LYS H 150 11.32 1.79 -18.78
C LYS H 150 10.55 0.53 -19.14
N SER H 151 9.45 0.64 -19.88
CA SER H 151 8.69 -0.53 -20.28
C SER H 151 9.36 -1.29 -21.42
N LYS H 152 10.05 -0.58 -22.31
CA LYS H 152 10.73 -1.22 -23.43
C LYS H 152 12.03 -1.89 -22.99
N MET I 3 -0.21 -39.48 5.34
CA MET I 3 0.66 -39.10 6.49
C MET I 3 1.60 -37.98 6.06
N ALA I 4 2.18 -38.08 4.85
CA ALA I 4 3.15 -37.06 4.38
C ALA I 4 2.39 -35.85 3.83
N SER I 5 1.65 -35.14 4.70
CA SER I 5 0.95 -33.91 4.27
C SER I 5 1.18 -32.80 5.30
N PHE I 6 1.13 -31.55 4.87
CA PHE I 6 1.34 -30.40 5.80
C PHE I 6 -0.01 -29.90 6.30
N GLU I 7 -1.06 -30.71 6.14
CA GLU I 7 -2.42 -30.30 6.57
C GLU I 7 -2.41 -30.00 8.06
N LYS I 8 -1.76 -30.85 8.86
CA LYS I 8 -1.70 -30.65 10.33
C LYS I 8 -0.37 -29.98 10.68
N PHE I 9 -0.08 -28.83 10.07
CA PHE I 9 1.15 -28.11 10.35
C PHE I 9 0.78 -26.71 10.83
N GLU I 10 1.06 -26.43 12.09
CA GLU I 10 0.78 -25.09 12.61
C GLU I 10 1.87 -24.13 12.17
N PRO I 11 1.52 -22.87 11.93
CA PRO I 11 2.55 -21.90 11.51
C PRO I 11 3.55 -21.67 12.62
N ILE I 12 4.75 -21.28 12.23
CA ILE I 12 5.85 -21.07 13.18
C ILE I 12 6.43 -19.68 12.96
N PHE I 13 6.63 -18.96 14.05
CA PHE I 13 7.25 -17.65 14.03
C PHE I 13 8.50 -17.70 14.90
N GLY I 14 9.52 -16.94 14.51
CA GLY I 14 10.74 -16.94 15.28
C GLY I 14 11.66 -15.80 14.91
N GLU I 15 12.69 -15.65 15.73
CA GLU I 15 13.69 -14.60 15.56
C GLU I 15 15.05 -15.21 15.25
N VAL I 16 15.81 -14.54 14.39
CA VAL I 16 17.16 -14.95 14.01
C VAL I 16 18.05 -13.72 13.94
N VAL I 17 19.33 -13.92 14.24
CA VAL I 17 20.34 -12.89 14.15
C VAL I 17 21.22 -13.22 12.93
N PRO I 18 21.32 -12.31 11.91
CA PRO I 18 22.08 -12.62 10.70
C PRO I 18 23.59 -12.46 10.91
N GLU I 19 24.37 -13.48 10.53
CA GLU I 19 25.85 -13.35 10.61
C GLU I 19 26.43 -13.48 9.19
N ARG I 20 27.31 -12.55 8.80
CA ARG I 20 27.91 -12.58 7.44
C ARG I 20 29.37 -13.02 7.56
N SER I 21 29.79 -13.97 6.72
CA SER I 21 31.20 -14.44 6.73
C SER I 21 32.16 -13.24 6.74
N LEU I 27 23.86 -2.02 8.40
CA LEU I 27 24.51 -3.24 8.87
C LEU I 27 23.53 -4.40 8.95
N LEU I 28 23.60 -5.15 10.03
CA LEU I 28 22.71 -6.27 10.30
C LEU I 28 21.72 -5.87 11.38
N ARG I 29 20.44 -6.13 11.13
CA ARG I 29 19.38 -5.82 12.07
C ARG I 29 18.74 -7.12 12.52
N ARG I 30 17.68 -7.02 13.31
CA ARG I 30 17.04 -8.21 13.85
C ARG I 30 15.94 -8.67 12.92
N CYS I 31 15.84 -9.99 12.75
CA CYS I 31 14.98 -10.58 11.74
C CYS I 31 13.97 -11.52 12.38
N LEU I 32 12.80 -11.59 11.77
CA LEU I 32 11.77 -12.56 12.09
C LEU I 32 11.58 -13.48 10.90
N PHE I 33 11.25 -14.75 11.16
CA PHE I 33 10.90 -15.64 10.08
C PHE I 33 9.50 -16.19 10.31
N HIS I 34 8.92 -16.70 9.22
CA HIS I 34 7.57 -17.26 9.25
C HIS I 34 7.55 -18.45 8.30
N VAL I 35 7.27 -19.63 8.85
CA VAL I 35 7.12 -20.84 8.05
C VAL I 35 5.69 -21.34 8.22
N TYR I 36 5.07 -21.69 7.11
CA TYR I 36 3.67 -22.08 7.10
C TYR I 36 3.38 -22.79 5.79
N ALA I 37 2.26 -23.52 5.77
CA ALA I 37 1.89 -24.32 4.62
C ALA I 37 1.05 -23.50 3.66
N SER I 38 1.56 -23.32 2.44
CA SER I 38 0.78 -22.66 1.41
C SER I 38 -0.30 -23.60 0.87
N ASP I 39 0.10 -24.80 0.48
CA ASP I 39 -0.84 -25.88 0.19
C ASP I 39 -0.38 -27.12 0.94
N SER I 40 -1.21 -28.17 0.89
CA SER I 40 -0.91 -29.38 1.65
C SER I 40 0.37 -30.07 1.21
N TYR I 41 1.02 -29.57 0.17
CA TYR I 41 2.23 -30.18 -0.35
C TYR I 41 3.45 -29.27 -0.34
N ASN I 42 3.30 -27.99 -0.08
CA ASN I 42 4.42 -27.05 -0.04
C ASN I 42 4.47 -26.35 1.30
N LEU I 43 5.68 -25.93 1.68
CA LEU I 43 5.91 -25.16 2.89
C LEU I 43 6.63 -23.89 2.48
N THR I 44 6.00 -22.74 2.71
CA THR I 44 6.56 -21.46 2.30
C THR I 44 7.19 -20.77 3.50
N VAL I 45 8.42 -20.29 3.33
CA VAL I 45 9.17 -19.66 4.40
C VAL I 45 9.43 -18.21 4.02
N HIS I 46 9.30 -17.32 5.00
CA HIS I 46 9.64 -15.91 4.84
C HIS I 46 10.44 -15.48 6.07
N VAL I 47 11.61 -14.88 5.84
CA VAL I 47 12.42 -14.30 6.90
C VAL I 47 12.71 -12.85 6.52
N THR I 48 12.53 -11.93 7.47
CA THR I 48 12.66 -10.52 7.17
C THR I 48 12.98 -9.73 8.43
N ASP I 49 13.70 -8.63 8.24
CA ASP I 49 13.89 -7.62 9.28
C ASP I 49 12.92 -6.46 9.13
N PHE I 50 12.02 -6.53 8.16
CA PHE I 50 10.94 -5.57 7.89
C PHE I 50 11.44 -4.24 7.34
N ILE I 51 12.75 -4.07 7.10
CA ILE I 51 13.27 -2.82 6.55
C ILE I 51 14.04 -3.06 5.26
N SER I 52 14.92 -4.06 5.23
CA SER I 52 15.79 -4.25 4.08
C SER I 52 15.14 -5.10 2.99
N GLY I 53 14.43 -6.15 3.37
CA GLY I 53 13.79 -6.98 2.38
C GLY I 53 13.24 -8.24 3.03
N VAL I 54 12.90 -9.21 2.18
CA VAL I 54 12.35 -10.49 2.63
C VAL I 54 13.08 -11.60 1.89
N TRP I 55 13.68 -12.52 2.62
CA TRP I 55 14.32 -13.71 2.05
C TRP I 55 13.35 -14.88 2.19
N THR I 56 13.08 -15.57 1.09
CA THR I 56 12.03 -16.59 1.07
C THR I 56 12.48 -17.82 0.29
N THR I 57 11.79 -18.92 0.55
CA THR I 57 11.86 -20.11 -0.29
C THR I 57 10.60 -20.92 -0.05
N ILE I 58 10.41 -21.94 -0.90
CA ILE I 58 9.28 -22.86 -0.77
C ILE I 58 9.81 -24.28 -0.73
N LEU I 59 9.39 -25.03 0.29
CA LEU I 59 9.82 -26.41 0.52
C LEU I 59 8.63 -27.34 0.35
N SER I 60 8.66 -28.16 -0.70
CA SER I 60 7.65 -29.19 -0.88
C SER I 60 8.04 -30.45 -0.10
N VAL I 61 7.07 -31.36 0.04
CA VAL I 61 7.33 -32.65 0.69
C VAL I 61 8.50 -33.36 0.01
N SER I 62 8.67 -33.16 -1.30
CA SER I 62 9.76 -33.80 -2.01
C SER I 62 11.11 -33.25 -1.53
N GLN I 63 11.31 -31.94 -1.61
CA GLN I 63 12.57 -31.34 -1.20
C GLN I 63 12.83 -31.55 0.30
N LEU I 64 11.78 -31.56 1.11
CA LEU I 64 11.96 -31.85 2.53
C LEU I 64 12.47 -33.27 2.73
N ASP I 65 12.00 -34.21 1.91
CA ASP I 65 12.46 -35.59 2.01
C ASP I 65 13.86 -35.75 1.43
N ASP I 66 14.16 -35.05 0.34
CA ASP I 66 15.50 -35.11 -0.23
C ASP I 66 16.54 -34.63 0.78
N MET I 67 16.18 -33.67 1.62
CA MET I 67 17.06 -33.25 2.70
C MET I 67 17.26 -34.35 3.73
N ARG I 68 16.22 -35.16 3.96
CA ARG I 68 16.35 -36.28 4.89
C ARG I 68 17.46 -37.22 4.47
N ASP I 69 17.59 -37.46 3.17
CA ASP I 69 18.66 -38.32 2.68
C ASP I 69 20.02 -37.64 2.79
N THR I 70 20.07 -36.33 2.52
CA THR I 70 21.36 -35.64 2.51
C THR I 70 21.90 -35.40 3.92
N VAL I 71 21.06 -35.44 4.94
CA VAL I 71 21.49 -35.25 6.32
C VAL I 71 21.63 -36.57 7.06
N GLY I 72 20.71 -37.49 6.82
CA GLY I 72 20.82 -38.84 7.35
C GLY I 72 20.48 -38.90 8.82
N ILE I 73 19.29 -38.42 9.18
CA ILE I 73 18.87 -38.41 10.61
C ILE I 73 18.18 -39.75 10.90
N GLY I 74 17.66 -40.40 9.86
CA GLY I 74 16.93 -41.67 10.05
C GLY I 74 15.55 -41.43 10.64
N GLY I 75 14.94 -42.48 11.19
CA GLY I 75 13.60 -42.35 11.81
C GLY I 75 12.52 -42.19 10.76
N SER I 76 11.28 -41.98 11.20
CA SER I 76 10.15 -41.80 10.26
C SER I 76 10.15 -40.38 9.70
N TRP I 77 9.61 -40.19 8.50
CA TRP I 77 9.50 -38.83 7.97
C TRP I 77 8.78 -37.93 8.95
N SER I 78 7.67 -38.42 9.52
CA SER I 78 6.94 -37.67 10.54
C SER I 78 7.86 -37.35 11.71
N GLU I 79 8.73 -38.28 12.09
CA GLU I 79 9.68 -38.03 13.16
C GLU I 79 10.65 -36.92 12.76
N PHE I 80 11.05 -36.91 11.48
CA PHE I 80 11.90 -35.84 10.98
C PHE I 80 11.17 -34.49 11.02
N VAL I 81 9.89 -34.48 10.64
CA VAL I 81 9.15 -33.22 10.62
C VAL I 81 8.91 -32.71 12.03
N ASP I 82 8.62 -33.62 12.97
CA ASP I 82 8.51 -33.22 14.37
C ASP I 82 9.85 -32.73 14.90
N TYR I 83 10.94 -33.30 14.38
CA TYR I 83 12.28 -32.82 14.70
C TYR I 83 12.51 -31.41 14.18
N THR I 84 12.12 -31.17 12.93
CA THR I 84 12.30 -29.86 12.31
C THR I 84 11.51 -28.79 13.04
N VAL I 85 10.31 -29.14 13.52
CA VAL I 85 9.50 -28.18 14.27
C VAL I 85 10.24 -27.75 15.54
N ALA I 86 10.80 -28.71 16.27
CA ALA I 86 11.55 -28.37 17.47
C ALA I 86 12.85 -27.64 17.14
N SER I 87 13.53 -28.07 16.08
CA SER I 87 14.79 -27.43 15.68
C SER I 87 14.56 -25.97 15.27
N LEU I 88 13.49 -25.72 14.52
CA LEU I 88 13.22 -24.37 14.03
C LEU I 88 12.67 -23.43 15.10
N LYS I 89 12.32 -23.94 16.28
CA LYS I 89 11.79 -23.13 17.38
C LYS I 89 12.75 -23.03 18.56
N SER I 90 14.01 -23.41 18.34
CA SER I 90 15.03 -23.28 19.40
C SER I 90 15.73 -21.92 19.26
N ASP I 91 16.76 -21.66 20.07
CA ASP I 91 17.45 -20.35 20.04
C ASP I 91 18.80 -20.50 19.32
N ASN I 92 18.94 -21.53 18.49
CA ASN I 92 20.22 -21.78 17.79
C ASN I 92 20.08 -21.40 16.31
N VAL I 93 18.87 -21.01 15.89
CA VAL I 93 18.63 -20.69 14.49
C VAL I 93 19.48 -19.48 14.18
N LYS I 94 20.58 -19.71 13.47
CA LYS I 94 21.51 -18.69 13.03
C LYS I 94 21.34 -18.47 11.54
N LEU I 95 20.96 -17.26 11.14
CA LEU I 95 20.81 -16.95 9.70
C LEU I 95 22.20 -16.71 9.08
N LEU I 96 22.72 -17.70 8.35
CA LEU I 96 24.04 -17.55 7.69
C LEU I 96 23.86 -16.75 6.39
N LEU I 97 23.70 -15.43 6.50
CA LEU I 97 23.53 -14.58 5.30
C LEU I 97 24.80 -14.66 4.44
N GLY I 98 24.65 -14.64 3.11
CA GLY I 98 25.81 -14.69 2.21
C GLY I 98 25.53 -13.99 0.89
N LYS I 107 22.40 -11.69 -1.97
CA LYS I 107 21.94 -12.40 -3.15
C LYS I 107 21.22 -13.68 -2.77
N THR I 108 21.77 -14.38 -1.77
CA THR I 108 21.20 -15.62 -1.25
C THR I 108 21.15 -15.58 0.27
N ALA I 109 20.71 -16.69 0.87
CA ALA I 109 20.73 -16.84 2.31
C ALA I 109 20.56 -18.31 2.66
N ARG I 110 21.01 -18.67 3.85
CA ARG I 110 20.88 -20.05 4.34
C ARG I 110 20.44 -19.97 5.79
N LEU I 111 19.14 -20.10 6.02
CA LEU I 111 18.58 -20.13 7.37
C LEU I 111 18.86 -21.52 7.93
N VAL I 112 19.97 -21.66 8.66
CA VAL I 112 20.38 -22.94 9.21
C VAL I 112 20.01 -23.04 10.68
N SER I 113 19.48 -24.20 11.06
CA SER I 113 19.13 -24.49 12.45
C SER I 113 19.49 -25.94 12.76
N GLN I 114 19.68 -26.21 14.05
CA GLN I 114 19.92 -27.55 14.56
C GLN I 114 19.26 -27.65 15.92
N LYS I 115 18.64 -28.79 16.22
CA LYS I 115 17.89 -28.90 17.46
C LYS I 115 18.77 -28.77 18.69
N ALA I 116 20.08 -28.87 18.52
CA ALA I 116 21.04 -28.77 19.62
C ALA I 116 22.44 -28.65 19.01
N LYS I 117 23.44 -28.48 19.86
CA LYS I 117 24.81 -28.35 19.39
C LYS I 117 25.33 -29.71 18.95
N GLY I 118 26.01 -29.72 17.79
CA GLY I 118 26.47 -30.98 17.22
C GLY I 118 25.34 -31.92 16.83
N MET I 119 24.20 -31.36 16.46
CA MET I 119 23.03 -32.07 15.99
C MET I 119 22.92 -31.88 14.49
N PRO I 120 22.04 -32.64 13.81
CA PRO I 120 21.88 -32.43 12.37
C PRO I 120 21.54 -30.98 12.06
N ARG I 121 22.17 -30.43 11.03
CA ARG I 121 22.04 -29.03 10.66
C ARG I 121 21.17 -28.93 9.42
N ILE I 122 20.06 -28.21 9.53
CA ILE I 122 19.12 -28.04 8.43
C ILE I 122 19.48 -26.75 7.72
N ASN I 123 19.75 -26.83 6.43
CA ASN I 123 20.09 -25.66 5.62
C ASN I 123 18.98 -25.43 4.62
N VAL I 124 18.20 -24.37 4.84
CA VAL I 124 17.14 -23.98 3.92
C VAL I 124 17.65 -22.77 3.15
N PRO I 125 18.05 -22.93 1.89
CA PRO I 125 18.54 -21.78 1.12
C PRO I 125 17.43 -20.81 0.78
N LEU I 126 17.79 -19.54 0.62
CA LEU I 126 16.83 -18.47 0.45
C LEU I 126 17.29 -17.54 -0.66
N THR I 127 16.33 -16.83 -1.24
CA THR I 127 16.61 -15.74 -2.18
C THR I 127 15.78 -14.53 -1.76
N LYS I 128 16.25 -13.36 -2.15
CA LYS I 128 15.58 -12.13 -1.78
C LYS I 128 14.33 -11.95 -2.63
N MET I 129 13.22 -11.58 -2.00
CA MET I 129 11.97 -11.42 -2.71
C MET I 129 12.04 -10.27 -3.71
N VAL I 130 10.97 -10.08 -4.46
CA VAL I 130 10.81 -8.90 -5.30
C VAL I 130 10.01 -7.88 -4.50
N GLU I 131 10.28 -6.59 -4.75
CA GLU I 131 9.74 -5.53 -3.90
C GLU I 131 8.23 -5.56 -3.86
N SER I 132 7.58 -5.91 -4.98
CA SER I 132 6.12 -5.81 -5.06
C SER I 132 5.44 -6.72 -4.04
N SER I 133 5.83 -7.99 -3.98
CA SER I 133 5.20 -8.94 -3.07
C SER I 133 5.89 -9.00 -1.70
N ALA I 134 7.11 -8.46 -1.58
CA ALA I 134 7.82 -8.46 -0.32
C ALA I 134 7.04 -7.75 0.78
N SER I 135 6.36 -6.65 0.43
CA SER I 135 5.61 -5.89 1.44
C SER I 135 4.51 -6.72 2.08
N GLU I 136 3.73 -7.42 1.26
CA GLU I 136 2.68 -8.29 1.81
C GLU I 136 3.24 -9.43 2.63
N ALA I 137 4.47 -9.86 2.36
CA ALA I 137 5.09 -10.91 3.15
C ALA I 137 5.24 -10.46 4.61
N MET I 138 5.75 -9.24 4.82
CA MET I 138 5.84 -8.72 6.18
C MET I 138 4.46 -8.54 6.79
N ALA I 139 3.51 -7.99 6.02
CA ALA I 139 2.14 -7.83 6.52
C ALA I 139 1.54 -9.17 6.93
N ASN I 140 1.73 -10.20 6.11
CA ASN I 140 1.21 -11.52 6.44
C ASN I 140 1.84 -12.09 7.70
N LEU I 141 3.18 -11.99 7.79
CA LEU I 141 3.87 -12.48 8.97
C LEU I 141 3.34 -11.83 10.23
N SER I 142 3.25 -10.50 10.24
CA SER I 142 2.81 -9.79 11.44
C SER I 142 1.36 -10.06 11.78
N LEU I 143 0.47 -9.94 10.79
CA LEU I 143 -0.95 -10.16 11.03
C LEU I 143 -1.20 -11.57 11.55
N GLU I 144 -0.52 -12.56 10.99
CA GLU I 144 -0.64 -13.93 11.50
C GLU I 144 0.04 -14.06 12.87
N LEU I 145 1.16 -13.36 13.06
CA LEU I 145 1.83 -13.40 14.36
C LEU I 145 0.92 -12.88 15.46
N PHE I 146 0.16 -11.81 15.17
CA PHE I 146 -0.79 -11.31 16.15
C PHE I 146 -1.89 -12.33 16.40
N ARG I 147 -2.44 -12.91 15.33
CA ARG I 147 -3.47 -13.93 15.47
C ARG I 147 -2.97 -15.10 16.30
N ALA I 148 -1.71 -15.48 16.13
CA ALA I 148 -1.13 -16.51 16.98
C ALA I 148 -0.91 -16.00 18.40
N PHE I 149 -0.67 -14.69 18.55
CA PHE I 149 -0.51 -14.13 19.88
C PHE I 149 -1.84 -14.04 20.61
N LYS I 150 -2.88 -13.56 19.93
CA LYS I 150 -4.18 -13.41 20.57
C LYS I 150 -4.77 -14.74 21.01
N SER I 151 -4.36 -15.85 20.39
CA SER I 151 -4.85 -17.15 20.81
C SER I 151 -4.13 -17.66 22.06
N LYS I 152 -2.85 -17.31 22.21
CA LYS I 152 -2.06 -17.73 23.36
C LYS I 152 -2.41 -16.90 24.59
N MET J 3 0.12 7.85 41.22
CA MET J 3 0.71 9.09 40.61
C MET J 3 0.15 9.27 39.20
N ALA J 4 0.85 10.04 38.37
CA ALA J 4 0.40 10.29 36.98
C ALA J 4 1.57 10.13 36.02
N SER J 5 2.06 8.89 35.85
CA SER J 5 3.25 8.65 34.99
C SER J 5 3.09 7.35 34.22
N PHE J 6 3.86 7.17 33.14
CA PHE J 6 3.81 5.94 32.36
C PHE J 6 5.03 5.06 32.58
N GLU J 7 5.61 5.11 33.79
CA GLU J 7 6.85 4.37 34.05
C GLU J 7 6.63 2.87 34.02
N LYS J 8 5.48 2.39 34.49
CA LYS J 8 5.17 0.97 34.51
C LYS J 8 4.01 0.64 33.58
N PHE J 9 4.10 1.09 32.33
CA PHE J 9 3.03 0.94 31.35
C PHE J 9 3.40 -0.14 30.34
N GLU J 10 2.62 -1.24 30.33
CA GLU J 10 2.82 -2.35 29.42
C GLU J 10 2.25 -2.03 28.03
N PRO J 11 2.90 -2.51 26.97
CA PRO J 11 2.42 -2.25 25.60
C PRO J 11 1.10 -2.95 25.29
N ILE J 12 0.41 -2.39 24.30
CA ILE J 12 -0.88 -2.91 23.82
C ILE J 12 -0.78 -3.16 22.33
N PHE J 13 -1.22 -4.33 21.90
CA PHE J 13 -1.28 -4.69 20.48
C PHE J 13 -2.71 -5.08 20.11
N GLY J 14 -3.10 -4.77 18.87
CA GLY J 14 -4.43 -5.09 18.42
C GLY J 14 -4.54 -4.96 16.91
N GLU J 15 -5.68 -5.41 16.39
CA GLU J 15 -5.97 -5.38 14.96
C GLU J 15 -7.12 -4.41 14.72
N VAL J 16 -7.04 -3.68 13.61
CA VAL J 16 -8.08 -2.71 13.26
C VAL J 16 -8.35 -2.75 11.77
N VAL J 17 -9.61 -2.49 11.42
CA VAL J 17 -10.05 -2.38 10.03
C VAL J 17 -10.38 -0.92 9.76
N PRO J 18 -9.71 -0.25 8.82
CA PRO J 18 -10.02 1.15 8.55
C PRO J 18 -11.40 1.32 7.92
N GLU J 19 -11.93 2.52 8.07
CA GLU J 19 -13.26 2.87 7.54
C GLU J 19 -13.16 4.22 6.88
N ARG J 20 -13.29 4.24 5.54
CA ARG J 20 -13.23 5.50 4.81
C ARG J 20 -14.59 6.15 4.77
N SER J 21 -14.61 7.48 4.94
CA SER J 21 -15.86 8.22 4.84
C SER J 21 -16.41 8.18 3.41
N ASP J 22 -15.53 8.30 2.43
CA ASP J 22 -15.91 8.21 1.02
C ASP J 22 -15.98 6.76 0.57
N GLY J 26 -9.27 3.12 -4.17
CA GLY J 26 -8.14 2.69 -3.36
C GLY J 26 -8.32 1.29 -2.80
N LEU J 27 -7.32 0.83 -2.05
CA LEU J 27 -7.35 -0.49 -1.42
C LEU J 27 -7.10 -0.29 0.07
N LEU J 28 -8.09 -0.65 0.89
CA LEU J 28 -7.97 -0.58 2.34
C LEU J 28 -7.80 -1.98 2.88
N ARG J 29 -6.74 -2.19 3.66
CA ARG J 29 -6.44 -3.49 4.24
C ARG J 29 -6.48 -3.37 5.76
N ARG J 30 -6.17 -4.46 6.45
CA ARG J 30 -6.25 -4.48 7.90
C ARG J 30 -4.91 -4.14 8.54
N CYS J 31 -4.97 -3.42 9.65
CA CYS J 31 -3.82 -2.81 10.28
C CYS J 31 -3.65 -3.34 11.71
N LEU J 32 -2.41 -3.31 12.17
CA LEU J 32 -2.08 -3.59 13.55
C LEU J 32 -1.63 -2.30 14.22
N PHE J 33 -1.92 -2.15 15.50
CA PHE J 33 -1.43 -1.00 16.23
C PHE J 33 -0.57 -1.43 17.42
N HIS J 34 0.21 -0.45 17.89
CA HIS J 34 1.16 -0.63 18.98
C HIS J 34 1.14 0.62 19.83
N VAL J 35 0.81 0.45 21.11
CA VAL J 35 0.80 1.56 22.07
C VAL J 35 1.85 1.25 23.13
N TYR J 36 2.68 2.25 23.44
CA TYR J 36 3.76 2.05 24.40
C TYR J 36 4.30 3.40 24.83
N ALA J 37 5.03 3.41 25.93
CA ALA J 37 5.59 4.62 26.51
C ALA J 37 6.97 4.89 25.92
N SER J 38 7.10 6.03 25.23
CA SER J 38 8.40 6.45 24.71
C SER J 38 9.30 6.97 25.82
N ASP J 39 8.80 7.91 26.61
CA ASP J 39 9.43 8.36 27.83
C ASP J 39 8.40 8.29 28.95
N SER J 40 8.85 8.56 30.17
CA SER J 40 7.96 8.41 31.32
C SER J 40 6.76 9.36 31.27
N TYR J 41 6.69 10.27 30.29
CA TYR J 41 5.59 11.19 30.20
C TYR J 41 4.82 11.15 28.88
N ASN J 42 5.31 10.45 27.86
CA ASN J 42 4.63 10.40 26.56
C ASN J 42 4.28 8.97 26.19
N LEU J 43 3.24 8.84 25.36
CA LEU J 43 2.76 7.56 24.87
C LEU J 43 2.72 7.59 23.36
N THR J 44 3.47 6.70 22.72
CA THR J 44 3.57 6.66 21.26
C THR J 44 2.66 5.57 20.71
N VAL J 45 1.86 5.93 19.71
CA VAL J 45 0.94 5.01 19.07
C VAL J 45 1.35 4.87 17.62
N HIS J 46 1.29 3.64 17.11
CA HIS J 46 1.58 3.35 15.70
C HIS J 46 0.49 2.45 15.16
N VAL J 47 -0.08 2.83 14.02
CA VAL J 47 -1.04 2.00 13.31
C VAL J 47 -0.55 1.84 11.88
N THR J 48 -0.50 0.60 11.39
CA THR J 48 0.05 0.35 10.07
C THR J 48 -0.50 -0.95 9.51
N ASP J 49 -0.63 -0.98 8.18
CA ASP J 49 -0.94 -2.20 7.45
C ASP J 49 0.32 -2.85 6.88
N PHE J 50 1.50 -2.32 7.18
CA PHE J 50 2.81 -2.83 6.80
C PHE J 50 3.06 -2.74 5.30
N ILE J 51 2.14 -2.13 4.57
CA ILE J 51 2.29 -2.06 3.08
C ILE J 51 2.20 -0.60 2.62
N SER J 52 1.24 0.15 3.17
CA SER J 52 1.05 1.56 2.72
C SER J 52 1.93 2.50 3.54
N GLY J 53 1.54 2.79 4.78
CA GLY J 53 2.31 3.71 5.64
C GLY J 53 2.01 3.49 7.11
N VAL J 54 2.51 4.37 7.97
CA VAL J 54 2.31 4.19 9.44
C VAL J 54 1.64 5.44 10.03
N TRP J 55 0.38 5.32 10.48
CA TRP J 55 -0.27 6.43 11.14
C TRP J 55 0.13 6.44 12.62
N THR J 56 0.64 7.58 13.08
CA THR J 56 1.19 7.66 14.43
C THR J 56 0.85 8.98 15.07
N THR J 57 0.93 8.99 16.40
CA THR J 57 0.96 10.22 17.18
C THR J 57 1.61 9.89 18.51
N ILE J 58 1.94 10.93 19.27
CA ILE J 58 2.52 10.76 20.61
C ILE J 58 1.66 11.57 21.58
N LEU J 59 1.15 10.91 22.61
CA LEU J 59 0.26 11.52 23.59
C LEU J 59 0.93 11.50 24.96
N SER J 60 1.26 12.68 25.46
CA SER J 60 1.78 12.83 26.80
C SER J 60 0.64 12.93 27.81
N VAL J 61 1.00 12.85 29.10
CA VAL J 61 0.02 12.95 30.18
C VAL J 61 -0.85 14.19 30.03
N SER J 62 -0.33 15.25 29.42
CA SER J 62 -1.13 16.46 29.22
C SER J 62 -2.27 16.19 28.25
N GLN J 63 -1.95 15.71 27.04
CA GLN J 63 -2.99 15.47 26.04
C GLN J 63 -3.98 14.41 26.50
N LEU J 64 -3.51 13.40 27.24
CA LEU J 64 -4.42 12.40 27.79
C LEU J 64 -5.39 13.02 28.79
N ASP J 65 -4.91 13.98 29.59
CA ASP J 65 -5.77 14.58 30.61
C ASP J 65 -6.76 15.57 30.02
N ASP J 66 -6.35 16.38 29.02
CA ASP J 66 -7.29 17.32 28.41
C ASP J 66 -8.45 16.59 27.74
N MET J 67 -8.20 15.40 27.20
CA MET J 67 -9.27 14.62 26.62
C MET J 67 -10.27 14.18 27.69
N ARG J 68 -9.78 13.91 28.90
CA ARG J 68 -10.68 13.57 30.01
C ARG J 68 -11.67 14.70 30.25
N ASP J 69 -11.23 15.95 30.11
CA ASP J 69 -12.14 17.07 30.32
C ASP J 69 -13.14 17.21 29.18
N THR J 70 -12.66 16.98 27.95
CA THR J 70 -13.56 17.05 26.77
C THR J 70 -14.52 15.88 26.78
N VAL J 71 -14.00 14.65 26.96
CA VAL J 71 -14.86 13.44 27.02
C VAL J 71 -15.82 13.61 28.21
N GLY J 72 -15.31 14.16 29.32
CA GLY J 72 -16.16 14.37 30.51
C GLY J 72 -16.23 13.13 31.37
N ILE J 73 -15.34 12.17 31.12
CA ILE J 73 -15.30 10.94 31.97
C ILE J 73 -14.58 11.29 33.27
N GLY J 74 -15.33 11.72 34.30
CA GLY J 74 -14.72 12.12 35.57
C GLY J 74 -14.14 10.95 36.34
N GLY J 75 -13.11 11.19 37.14
CA GLY J 75 -12.49 10.12 37.95
C GLY J 75 -11.03 10.39 38.24
N SER J 76 -10.39 9.56 39.07
CA SER J 76 -8.98 9.71 39.37
C SER J 76 -8.13 9.26 38.18
N TRP J 77 -6.93 9.86 38.09
CA TRP J 77 -6.08 9.62 36.92
C TRP J 77 -5.74 8.15 36.73
N SER J 78 -5.27 7.49 37.78
CA SER J 78 -4.92 6.07 37.67
C SER J 78 -6.13 5.25 37.23
N GLU J 79 -7.30 5.56 37.76
CA GLU J 79 -8.52 4.83 37.38
C GLU J 79 -8.89 5.10 35.93
N PHE J 80 -8.74 6.33 35.46
CA PHE J 80 -9.08 6.65 34.08
C PHE J 80 -8.13 5.95 33.10
N VAL J 81 -6.82 5.96 33.39
CA VAL J 81 -5.86 5.43 32.43
C VAL J 81 -5.96 3.92 32.30
N ASP J 82 -6.24 3.20 33.40
CA ASP J 82 -6.46 1.77 33.28
C ASP J 82 -7.71 1.47 32.47
N TYR J 83 -8.70 2.37 32.53
CA TYR J 83 -9.88 2.22 31.68
C TYR J 83 -9.53 2.35 30.21
N THR J 84 -8.73 3.36 29.86
CA THR J 84 -8.29 3.53 28.49
C THR J 84 -7.48 2.33 28.03
N VAL J 85 -6.68 1.75 28.93
CA VAL J 85 -5.95 0.53 28.63
C VAL J 85 -6.93 -0.59 28.33
N ALA J 86 -8.01 -0.69 29.12
CA ALA J 86 -9.03 -1.70 28.86
C ALA J 86 -9.77 -1.42 27.57
N SER J 87 -10.04 -0.14 27.29
CA SER J 87 -10.73 0.23 26.06
C SER J 87 -9.91 -0.14 24.84
N LEU J 88 -8.59 0.07 24.90
CA LEU J 88 -7.71 -0.21 23.76
C LEU J 88 -7.46 -1.69 23.55
N LYS J 89 -7.89 -2.55 24.47
CA LYS J 89 -7.70 -3.99 24.33
C LYS J 89 -9.00 -4.74 24.04
N SER J 90 -10.05 -3.97 23.72
CA SER J 90 -11.35 -4.58 23.34
C SER J 90 -11.43 -4.67 21.82
N ASP J 91 -12.52 -5.25 21.31
CA ASP J 91 -12.69 -5.40 19.84
C ASP J 91 -13.40 -4.16 19.29
N ASN J 92 -13.71 -3.20 20.16
CA ASN J 92 -14.48 -2.00 19.73
C ASN J 92 -13.52 -0.90 19.28
N VAL J 93 -12.31 -1.26 18.86
CA VAL J 93 -11.35 -0.27 18.38
C VAL J 93 -11.55 -0.13 16.87
N LYS J 94 -12.06 1.02 16.44
CA LYS J 94 -12.27 1.32 15.04
C LYS J 94 -11.19 2.25 14.50
N LEU J 95 -11.29 2.57 13.21
CA LEU J 95 -10.34 3.49 12.58
C LEU J 95 -11.07 4.31 11.53
N LEU J 96 -11.25 5.60 11.81
CA LEU J 96 -12.00 6.48 10.87
C LEU J 96 -10.99 7.24 9.99
N LEU J 97 -10.79 6.79 8.76
CA LEU J 97 -9.84 7.46 7.84
C LEU J 97 -10.43 8.80 7.39
N GLY J 98 -9.57 9.74 6.99
CA GLY J 98 -10.06 11.03 6.49
C GLY J 98 -10.37 10.96 5.00
N GLU J 99 -10.38 12.10 4.31
CA GLU J 99 -10.56 12.12 2.84
C GLU J 99 -9.18 11.99 2.20
N THR J 100 -9.12 11.42 0.99
CA THR J 100 -7.79 11.18 0.35
C THR J 100 -7.17 12.51 -0.08
N SER J 101 -5.83 12.59 -0.06
CA SER J 101 -5.12 13.81 -0.52
C SER J 101 -4.96 13.77 -2.04
N VAL J 102 -4.32 14.78 -2.63
CA VAL J 102 -4.09 14.80 -4.10
C VAL J 102 -3.34 13.53 -4.51
N SER J 103 -2.17 13.30 -3.91
CA SER J 103 -1.35 12.12 -4.25
C SER J 103 -0.56 11.66 -3.02
N ASN J 104 -0.94 12.15 -1.84
CA ASN J 104 -0.25 11.77 -0.58
C ASN J 104 -1.10 10.72 0.15
N GLY J 105 -1.89 9.95 -0.59
CA GLY J 105 -2.79 8.96 0.05
C GLY J 105 -3.71 9.63 1.03
N VAL J 106 -3.78 9.13 2.27
CA VAL J 106 -4.59 9.81 3.31
C VAL J 106 -3.65 10.41 4.36
N LYS J 107 -3.80 11.71 4.65
CA LYS J 107 -2.93 12.40 5.60
C LYS J 107 -3.32 12.16 7.04
N THR J 108 -4.62 12.02 7.33
CA THR J 108 -5.06 11.88 8.70
C THR J 108 -5.93 10.64 8.89
N ALA J 109 -6.12 10.30 10.17
CA ALA J 109 -6.97 9.21 10.63
C ALA J 109 -7.14 9.40 12.13
N ARG J 110 -8.20 8.80 12.68
CA ARG J 110 -8.48 8.90 14.11
C ARG J 110 -8.85 7.52 14.64
N LEU J 111 -7.94 6.91 15.39
CA LEU J 111 -8.16 5.62 16.03
C LEU J 111 -9.15 5.83 17.17
N VAL J 112 -10.41 5.50 16.91
CA VAL J 112 -11.48 5.65 17.89
C VAL J 112 -11.68 4.33 18.61
N SER J 113 -11.84 4.41 19.93
CA SER J 113 -12.07 3.21 20.74
C SER J 113 -13.11 3.52 21.80
N GLN J 114 -13.85 2.50 22.21
CA GLN J 114 -14.76 2.63 23.35
C GLN J 114 -14.90 1.27 24.00
N LYS J 115 -14.70 1.20 25.31
CA LYS J 115 -14.89 -0.06 26.00
C LYS J 115 -16.39 -0.37 26.04
N ALA J 116 -16.73 -1.65 26.01
CA ALA J 116 -18.13 -2.09 26.09
C ALA J 116 -18.93 -1.42 24.96
N LYS J 117 -20.18 -1.04 25.26
CA LYS J 117 -21.11 -0.43 24.31
C LYS J 117 -21.80 0.77 24.94
N GLY J 118 -21.96 1.83 24.15
CA GLY J 118 -22.55 3.07 24.67
C GLY J 118 -21.80 3.65 25.84
N MET J 119 -20.48 3.43 25.86
CA MET J 119 -19.53 3.88 26.86
C MET J 119 -18.69 5.03 26.30
N PRO J 120 -17.85 5.67 27.13
CA PRO J 120 -17.03 6.79 26.65
C PRO J 120 -16.19 6.46 25.43
N ARG J 121 -16.12 7.43 24.51
CA ARG J 121 -15.46 7.30 23.21
C ARG J 121 -14.18 8.12 23.16
N ILE J 122 -13.07 7.45 22.83
CA ILE J 122 -11.75 8.07 22.73
C ILE J 122 -11.44 8.40 21.28
N ASN J 123 -11.01 9.64 21.03
CA ASN J 123 -10.59 10.05 19.69
C ASN J 123 -9.08 10.31 19.78
N VAL J 124 -8.30 9.36 19.27
CA VAL J 124 -6.84 9.49 19.24
C VAL J 124 -6.45 9.81 17.79
N PRO J 125 -6.06 11.06 17.49
CA PRO J 125 -5.72 11.41 16.12
C PRO J 125 -4.41 10.81 15.66
N LEU J 126 -4.30 10.67 14.33
CA LEU J 126 -3.14 10.07 13.70
C LEU J 126 -2.75 10.88 12.49
N THR J 127 -1.46 10.83 12.15
CA THR J 127 -0.95 11.38 10.91
C THR J 127 0.02 10.39 10.31
N LYS J 128 0.20 10.48 8.99
CA LYS J 128 1.05 9.54 8.28
C LYS J 128 2.52 9.88 8.50
N MET J 129 3.32 8.87 8.81
CA MET J 129 4.75 9.03 9.05
C MET J 129 5.48 9.40 7.76
N VAL J 130 6.79 9.58 7.86
CA VAL J 130 7.62 9.74 6.68
C VAL J 130 8.20 8.38 6.32
N GLU J 131 8.47 8.18 5.02
CA GLU J 131 8.84 6.85 4.54
C GLU J 131 10.08 6.31 5.24
N SER J 132 11.04 7.17 5.54
CA SER J 132 12.31 6.71 6.11
C SER J 132 12.12 6.04 7.46
N SER J 133 11.39 6.69 8.37
CA SER J 133 11.17 6.16 9.71
C SER J 133 9.95 5.26 9.80
N ALA J 134 9.07 5.27 8.79
CA ALA J 134 7.92 4.38 8.78
C ALA J 134 8.35 2.92 8.83
N SER J 135 9.45 2.59 8.17
CA SER J 135 9.92 1.20 8.15
C SER J 135 10.27 0.70 9.55
N GLU J 136 11.02 1.48 10.32
CA GLU J 136 11.31 1.08 11.69
C GLU J 136 10.07 1.01 12.54
N ALA J 137 9.03 1.77 12.20
CA ALA J 137 7.79 1.71 12.97
C ALA J 137 7.17 0.31 12.86
N MET J 138 7.10 -0.22 11.64
CA MET J 138 6.59 -1.56 11.45
C MET J 138 7.54 -2.59 12.08
N ALA J 139 8.84 -2.40 11.89
CA ALA J 139 9.83 -3.30 12.47
C ALA J 139 9.71 -3.36 13.98
N ASN J 140 9.55 -2.21 14.63
CA ASN J 140 9.40 -2.19 16.08
C ASN J 140 8.13 -2.90 16.52
N LEU J 141 7.01 -2.61 15.86
CA LEU J 141 5.73 -3.23 16.24
C LEU J 141 5.85 -4.76 16.23
N SER J 142 6.39 -5.33 15.15
CA SER J 142 6.45 -6.79 15.04
C SER J 142 7.40 -7.40 16.07
N LEU J 143 8.62 -6.87 16.16
CA LEU J 143 9.57 -7.40 17.13
C LEU J 143 9.07 -7.24 18.56
N GLU J 144 8.42 -6.11 18.86
CA GLU J 144 7.83 -5.93 20.18
C GLU J 144 6.64 -6.88 20.38
N LEU J 145 5.84 -7.07 19.34
CA LEU J 145 4.74 -8.03 19.42
C LEU J 145 5.25 -9.44 19.66
N PHE J 146 6.34 -9.82 18.99
CA PHE J 146 6.91 -11.16 19.16
C PHE J 146 7.47 -11.35 20.56
N ARG J 147 8.24 -10.38 21.06
CA ARG J 147 8.80 -10.52 22.41
C ARG J 147 7.72 -10.71 23.45
N ALA J 148 6.61 -9.98 23.32
CA ALA J 148 5.47 -10.23 24.20
C ALA J 148 4.78 -11.55 23.86
N PHE J 149 4.85 -11.95 22.59
CA PHE J 149 4.26 -13.22 22.18
C PHE J 149 5.09 -14.40 22.65
N LYS J 150 6.42 -14.34 22.48
CA LYS J 150 7.28 -15.44 22.88
C LYS J 150 7.24 -15.68 24.38
N SER J 151 6.90 -14.67 25.17
CA SER J 151 6.78 -14.87 26.62
C SER J 151 5.48 -15.54 27.00
N LYS J 152 4.40 -15.26 26.26
CA LYS J 152 3.10 -15.84 26.55
C LYS J 152 3.02 -17.28 26.05
#